data_6BNH
#
_entry.id   6BNH
#
loop_
_entity.id
_entity.type
_entity.pdbx_description
1 polymer 'Bromodomain-containing protein 4'
2 polymer 'Bifunctional arginine demethylase and lysyl-hydroxylase JMJD6'
#
loop_
_entity_poly.entity_id
_entity_poly.type
_entity_poly.pdbx_seq_one_letter_code
_entity_poly.pdbx_strand_id
1 'polypeptide(L)'
;SEEEDKCKPMSYEEKRQLSLDINKLPGEKLGRVVHIIQSREPSLKNSNPDEIEIDFETLKPSTLRELERYVTSCLRKKRK
PQA
;
A
2 'polypeptide(L)' KWTLERLKRKYRN B
#
# COMPACT_ATOMS: atom_id res chain seq x y z
N SER A 1 -6.75 -18.61 15.31
CA SER A 1 -7.09 -17.83 14.10
C SER A 1 -6.73 -16.35 14.30
N GLU A 2 -5.94 -16.07 15.34
CA GLU A 2 -5.63 -14.70 15.70
C GLU A 2 -4.30 -14.22 15.11
N GLU A 3 -3.56 -15.10 14.42
CA GLU A 3 -2.25 -14.75 13.89
C GLU A 3 -2.38 -13.60 12.89
N GLU A 4 -3.41 -13.66 12.07
CA GLU A 4 -3.66 -12.64 11.07
C GLU A 4 -3.95 -11.29 11.71
N ASP A 5 -4.52 -11.31 12.92
CA ASP A 5 -4.85 -10.08 13.63
C ASP A 5 -3.80 -9.75 14.69
N LYS A 6 -2.77 -10.59 14.79
CA LYS A 6 -1.76 -10.42 15.83
C LYS A 6 -0.58 -9.63 15.29
N CYS A 7 -0.55 -9.44 13.98
CA CYS A 7 0.51 -8.67 13.35
C CYS A 7 0.52 -7.25 13.91
N LYS A 8 1.68 -6.86 14.43
CA LYS A 8 1.83 -5.59 15.13
C LYS A 8 1.43 -4.40 14.26
N PRO A 9 0.93 -3.33 14.91
CA PRO A 9 0.44 -2.15 14.21
C PRO A 9 1.56 -1.33 13.59
N MET A 10 1.30 -0.83 12.40
CA MET A 10 2.28 -0.05 11.66
C MET A 10 2.38 1.36 12.25
N SER A 11 3.54 1.68 12.81
CA SER A 11 3.74 2.96 13.49
C SER A 11 3.73 4.11 12.49
N TYR A 12 3.69 5.35 12.98
CA TYR A 12 3.67 6.54 12.12
C TYR A 12 4.84 6.52 11.14
N GLU A 13 6.05 6.42 11.67
CA GLU A 13 7.25 6.46 10.86
C GLU A 13 7.26 5.30 9.86
N GLU A 14 6.54 4.24 10.19
CA GLU A 14 6.45 3.09 9.32
C GLU A 14 5.41 3.34 8.23
N LYS A 15 4.24 3.83 8.66
CA LYS A 15 3.18 4.24 7.75
C LYS A 15 3.67 5.22 6.70
N ARG A 16 4.37 6.26 7.15
CA ARG A 16 4.93 7.24 6.23
C ARG A 16 5.86 6.58 5.27
N GLN A 17 6.75 5.73 5.76
CA GLN A 17 7.68 5.07 4.88
C GLN A 17 6.92 4.13 3.96
N LEU A 18 5.89 3.50 4.47
CA LEU A 18 5.08 2.55 3.71
C LEU A 18 4.44 3.21 2.52
N SER A 19 3.82 4.36 2.75
CA SER A 19 3.19 5.10 1.66
C SER A 19 4.25 5.44 0.62
N LEU A 20 5.48 5.60 1.09
CA LEU A 20 6.63 5.86 0.22
C LEU A 20 7.12 4.57 -0.48
N ASP A 21 7.36 3.49 0.28
CA ASP A 21 7.78 2.22 -0.31
C ASP A 21 6.79 1.78 -1.38
N ILE A 22 5.52 2.00 -1.10
CA ILE A 22 4.46 1.73 -2.04
C ILE A 22 4.57 2.59 -3.29
N ASN A 23 4.81 3.88 -3.10
CA ASN A 23 4.88 4.81 -4.23
C ASN A 23 6.16 4.62 -5.03
N LYS A 24 7.12 3.88 -4.47
CA LYS A 24 8.33 3.51 -5.20
C LYS A 24 8.01 2.51 -6.30
N LEU A 25 7.01 1.68 -6.05
CA LEU A 25 6.60 0.67 -7.02
C LEU A 25 6.20 1.30 -8.35
N PRO A 26 6.44 0.58 -9.44
CA PRO A 26 5.87 0.92 -10.74
C PRO A 26 4.35 0.88 -10.69
N GLY A 27 3.69 1.63 -11.58
CA GLY A 27 2.23 1.75 -11.53
C GLY A 27 1.50 0.42 -11.37
N GLU A 28 1.94 -0.58 -12.13
CA GLU A 28 1.35 -1.91 -12.09
C GLU A 28 1.35 -2.49 -10.67
N LYS A 29 2.38 -2.18 -9.91
CA LYS A 29 2.58 -2.76 -8.60
C LYS A 29 1.74 -2.05 -7.53
N LEU A 30 1.42 -0.78 -7.74
CA LEU A 30 0.49 -0.12 -6.83
C LEU A 30 -0.91 -0.66 -7.06
N GLY A 31 -1.10 -1.35 -8.18
CA GLY A 31 -2.36 -2.01 -8.45
C GLY A 31 -2.63 -3.15 -7.48
N ARG A 32 -1.56 -3.65 -6.88
CA ARG A 32 -1.67 -4.70 -5.88
C ARG A 32 -2.09 -4.13 -4.52
N VAL A 33 -1.42 -3.08 -4.06
CA VAL A 33 -1.74 -2.47 -2.77
C VAL A 33 -3.15 -1.91 -2.75
N VAL A 34 -3.59 -1.29 -3.85
CA VAL A 34 -4.96 -0.82 -3.92
C VAL A 34 -5.90 -2.01 -3.82
N HIS A 35 -5.53 -3.12 -4.47
CA HIS A 35 -6.31 -4.35 -4.41
C HIS A 35 -6.35 -4.91 -3.00
N ILE A 36 -5.21 -4.85 -2.30
CA ILE A 36 -5.16 -5.28 -0.91
C ILE A 36 -6.01 -4.36 -0.04
N ILE A 37 -5.68 -3.08 -0.04
CA ILE A 37 -6.43 -2.12 0.75
C ILE A 37 -7.93 -2.18 0.47
N GLN A 38 -8.33 -2.10 -0.80
CA GLN A 38 -9.75 -2.09 -1.17
C GLN A 38 -10.48 -3.32 -0.65
N SER A 39 -9.82 -4.48 -0.71
CA SER A 39 -10.43 -5.71 -0.25
C SER A 39 -10.49 -5.78 1.28
N ARG A 40 -9.40 -5.36 1.92
CA ARG A 40 -9.30 -5.39 3.38
C ARG A 40 -10.11 -4.26 3.99
N GLU A 41 -10.32 -3.20 3.22
CA GLU A 41 -11.06 -2.04 3.68
C GLU A 41 -12.28 -1.82 2.77
N PRO A 42 -13.42 -2.47 3.08
CA PRO A 42 -14.65 -2.36 2.27
C PRO A 42 -15.21 -0.95 2.19
N SER A 43 -14.54 -0.01 2.84
CA SER A 43 -15.02 1.36 2.94
C SER A 43 -14.54 2.20 1.76
N LEU A 44 -13.57 1.71 1.02
CA LEU A 44 -12.96 2.50 -0.05
C LEU A 44 -12.97 1.79 -1.40
N LYS A 45 -13.91 0.87 -1.58
CA LYS A 45 -14.00 0.15 -2.85
C LYS A 45 -14.64 1.01 -3.94
N ASN A 46 -15.08 2.20 -3.56
CA ASN A 46 -15.62 3.16 -4.52
C ASN A 46 -14.48 3.84 -5.28
N SER A 47 -13.31 3.89 -4.66
CA SER A 47 -12.14 4.46 -5.30
C SER A 47 -11.68 3.52 -6.42
N ASN A 48 -11.65 4.04 -7.63
CA ASN A 48 -11.24 3.26 -8.80
C ASN A 48 -9.72 3.25 -8.87
N PRO A 49 -9.07 2.10 -9.13
CA PRO A 49 -7.59 1.99 -9.03
C PRO A 49 -6.85 3.09 -9.79
N ASP A 50 -7.38 3.47 -10.95
CA ASP A 50 -6.74 4.47 -11.82
C ASP A 50 -6.82 5.86 -11.19
N GLU A 51 -7.75 6.00 -10.26
CA GLU A 51 -7.98 7.26 -9.56
C GLU A 51 -8.04 7.02 -8.06
N ILE A 52 -7.29 6.02 -7.62
CA ILE A 52 -7.31 5.57 -6.23
C ILE A 52 -6.87 6.67 -5.27
N GLU A 53 -7.46 6.66 -4.09
CA GLU A 53 -7.03 7.52 -3.00
C GLU A 53 -7.09 6.72 -1.70
N ILE A 54 -5.95 6.19 -1.28
CA ILE A 54 -5.89 5.34 -0.10
C ILE A 54 -5.57 6.17 1.14
N ASP A 55 -6.29 5.91 2.21
CA ASP A 55 -6.04 6.60 3.48
C ASP A 55 -5.33 5.68 4.45
N PHE A 56 -4.04 5.92 4.63
CA PHE A 56 -3.21 5.05 5.46
C PHE A 56 -3.64 5.10 6.92
N GLU A 57 -4.47 6.08 7.26
CA GLU A 57 -4.91 6.26 8.61
C GLU A 57 -6.22 5.54 8.88
N THR A 58 -6.80 4.96 7.84
CA THR A 58 -8.04 4.23 7.99
C THR A 58 -7.80 2.73 7.88
N LEU A 59 -6.68 2.37 7.27
CA LEU A 59 -6.35 0.97 7.06
C LEU A 59 -6.12 0.27 8.38
N LYS A 60 -6.64 -0.94 8.50
CA LYS A 60 -6.42 -1.77 9.67
C LYS A 60 -5.01 -2.35 9.63
N PRO A 61 -4.33 -2.49 10.79
CA PRO A 61 -2.97 -3.02 10.90
C PRO A 61 -2.61 -4.10 9.88
N SER A 62 -3.46 -5.11 9.74
CA SER A 62 -3.19 -6.22 8.85
C SER A 62 -2.97 -5.75 7.40
N THR A 63 -3.81 -4.83 6.95
CA THR A 63 -3.69 -4.30 5.59
C THR A 63 -2.35 -3.63 5.43
N LEU A 64 -2.05 -2.71 6.34
CA LEU A 64 -0.81 -1.95 6.30
C LEU A 64 0.40 -2.88 6.30
N ARG A 65 0.32 -3.95 7.07
CA ARG A 65 1.43 -4.90 7.15
C ARG A 65 1.48 -5.80 5.92
N GLU A 66 0.33 -5.98 5.27
CA GLU A 66 0.29 -6.73 4.03
C GLU A 66 0.90 -5.90 2.92
N LEU A 67 0.50 -4.63 2.89
CA LEU A 67 1.02 -3.67 1.92
C LEU A 67 2.54 -3.64 1.97
N GLU A 68 3.06 -3.59 3.19
CA GLU A 68 4.47 -3.48 3.47
C GLU A 68 5.26 -4.68 2.97
N ARG A 69 5.00 -5.83 3.59
CA ARG A 69 5.70 -7.08 3.28
C ARG A 69 5.61 -7.37 1.79
N TYR A 70 4.60 -6.79 1.18
CA TYR A 70 4.42 -6.89 -0.25
C TYR A 70 5.43 -6.01 -0.99
N VAL A 71 5.39 -4.70 -0.76
CA VAL A 71 6.28 -3.78 -1.47
C VAL A 71 7.71 -4.09 -1.15
N THR A 72 7.95 -4.39 0.11
CA THR A 72 9.23 -4.81 0.57
C THR A 72 9.73 -5.99 -0.25
N SER A 73 8.81 -6.86 -0.68
CA SER A 73 9.18 -8.02 -1.45
C SER A 73 9.54 -7.61 -2.88
N CYS A 74 8.95 -6.51 -3.35
CA CYS A 74 9.21 -6.01 -4.69
C CYS A 74 10.47 -5.16 -4.70
N LEU A 75 10.59 -4.32 -3.68
CA LEU A 75 11.68 -3.36 -3.57
C LEU A 75 13.01 -4.01 -3.19
N ARG A 76 12.97 -5.00 -2.28
CA ARG A 76 14.18 -5.71 -1.90
C ARG A 76 14.71 -6.56 -3.05
N LYS A 77 13.82 -6.93 -3.97
CA LYS A 77 14.22 -7.69 -5.16
C LYS A 77 14.90 -6.79 -6.21
N LYS A 78 14.27 -6.57 -7.36
CA LYS A 78 14.85 -5.72 -8.38
C LYS A 78 14.01 -4.48 -8.59
N ARG A 79 14.27 -3.45 -7.79
CA ARG A 79 13.56 -2.18 -7.92
C ARG A 79 14.31 -1.07 -7.21
N LYS A 80 15.44 -0.71 -7.79
CA LYS A 80 16.20 0.47 -7.38
C LYS A 80 17.11 0.93 -8.50
N PRO A 81 16.52 1.29 -9.65
CA PRO A 81 17.27 1.66 -10.85
C PRO A 81 17.74 3.11 -10.85
N GLN A 82 17.43 3.84 -9.78
CA GLN A 82 17.83 5.24 -9.68
C GLN A 82 19.01 5.39 -8.71
N ALA A 83 18.82 4.96 -7.48
CA ALA A 83 19.85 5.08 -6.46
C ALA A 83 20.00 3.77 -5.69
N LYS B 1 -1.56 13.87 3.67
CA LYS B 1 -0.58 12.85 4.09
C LYS B 1 -0.20 11.97 2.91
N TRP B 2 -1.16 11.18 2.43
CA TRP B 2 -0.94 10.28 1.32
C TRP B 2 -2.20 10.24 0.45
N THR B 3 -2.84 11.39 0.33
CA THR B 3 -4.06 11.52 -0.44
C THR B 3 -3.76 11.60 -1.93
N LEU B 4 -4.77 11.98 -2.70
CA LEU B 4 -4.69 12.03 -4.17
C LEU B 4 -3.37 12.62 -4.68
N GLU B 5 -2.86 13.63 -3.98
CA GLU B 5 -1.61 14.27 -4.38
C GLU B 5 -0.47 13.24 -4.48
N ARG B 6 -0.04 12.73 -3.34
CA ARG B 6 1.10 11.81 -3.31
C ARG B 6 0.78 10.51 -4.04
N LEU B 7 -0.28 9.83 -3.61
CA LEU B 7 -0.60 8.51 -4.16
C LEU B 7 -0.97 8.59 -5.63
N LYS B 8 -2.06 9.28 -5.93
CA LYS B 8 -2.63 9.25 -7.27
C LYS B 8 -1.65 9.80 -8.31
N ARG B 9 -0.90 10.83 -7.95
CA ARG B 9 0.00 11.46 -8.89
C ARG B 9 1.33 10.71 -9.01
N LYS B 10 1.60 9.78 -8.10
CA LYS B 10 2.72 8.87 -8.25
C LYS B 10 2.25 7.54 -8.84
N TYR B 11 0.94 7.34 -8.82
CA TYR B 11 0.33 6.10 -9.28
C TYR B 11 0.00 6.19 -10.77
N ARG B 12 -0.79 7.20 -11.13
CA ARG B 12 -1.25 7.36 -12.50
C ARG B 12 -0.15 7.90 -13.38
N ASN B 13 0.82 8.57 -12.76
CA ASN B 13 1.96 9.11 -13.49
C ASN B 13 3.16 8.19 -13.34
N SER A 1 -6.25 -18.17 12.10
CA SER A 1 -6.16 -17.09 11.09
C SER A 1 -6.24 -15.72 11.76
N GLU A 2 -5.94 -15.68 13.06
CA GLU A 2 -6.04 -14.45 13.82
C GLU A 2 -4.70 -13.73 13.95
N GLU A 3 -3.67 -14.26 13.28
CA GLU A 3 -2.33 -13.71 13.40
C GLU A 3 -2.25 -12.38 12.66
N GLU A 4 -2.95 -12.30 11.53
CA GLU A 4 -2.99 -11.07 10.75
C GLU A 4 -3.56 -9.93 11.59
N ASP A 5 -4.56 -10.25 12.40
CA ASP A 5 -5.20 -9.26 13.25
C ASP A 5 -4.52 -9.19 14.61
N LYS A 6 -3.41 -9.91 14.75
CA LYS A 6 -2.61 -9.89 15.96
C LYS A 6 -1.33 -9.11 15.72
N CYS A 7 -1.01 -8.90 14.44
CA CYS A 7 0.20 -8.19 14.04
C CYS A 7 0.19 -6.77 14.60
N LYS A 8 1.34 -6.33 15.09
CA LYS A 8 1.47 -5.01 15.72
C LYS A 8 1.16 -3.91 14.72
N PRO A 9 0.54 -2.82 15.20
CA PRO A 9 0.10 -1.71 14.34
C PRO A 9 1.25 -0.95 13.73
N MET A 10 1.06 -0.54 12.49
CA MET A 10 2.07 0.21 11.76
C MET A 10 2.14 1.65 12.28
N SER A 11 3.29 2.03 12.81
CA SER A 11 3.43 3.35 13.42
C SER A 11 3.57 4.44 12.36
N TYR A 12 3.60 5.70 12.78
CA TYR A 12 3.66 6.83 11.86
C TYR A 12 4.86 6.72 10.92
N GLU A 13 6.04 6.59 11.49
CA GLU A 13 7.27 6.55 10.71
C GLU A 13 7.26 5.36 9.76
N GLU A 14 6.51 4.34 10.11
CA GLU A 14 6.39 3.16 9.29
C GLU A 14 5.36 3.38 8.20
N LYS A 15 4.20 3.89 8.60
CA LYS A 15 3.16 4.27 7.67
C LYS A 15 3.67 5.20 6.59
N ARG A 16 4.37 6.26 7.00
CA ARG A 16 4.91 7.22 6.05
C ARG A 16 5.91 6.55 5.15
N GLN A 17 6.78 5.72 5.70
CA GLN A 17 7.74 5.03 4.88
C GLN A 17 7.01 4.06 3.96
N LEU A 18 5.94 3.45 4.47
CA LEU A 18 5.13 2.51 3.71
C LEU A 18 4.53 3.17 2.49
N SER A 19 3.92 4.33 2.69
CA SER A 19 3.33 5.07 1.60
C SER A 19 4.42 5.37 0.57
N LEU A 20 5.65 5.52 1.06
CA LEU A 20 6.81 5.75 0.20
C LEU A 20 7.27 4.46 -0.49
N ASP A 21 7.49 3.37 0.27
CA ASP A 21 7.87 2.10 -0.31
C ASP A 21 6.86 1.67 -1.36
N ILE A 22 5.61 1.95 -1.08
CA ILE A 22 4.51 1.66 -1.99
C ILE A 22 4.55 2.56 -3.23
N ASN A 23 4.90 3.83 -3.04
CA ASN A 23 4.96 4.77 -4.16
C ASN A 23 6.22 4.54 -5.00
N LYS A 24 7.23 3.87 -4.43
CA LYS A 24 8.42 3.51 -5.18
C LYS A 24 8.08 2.52 -6.27
N LEU A 25 7.06 1.72 -6.01
CA LEU A 25 6.59 0.73 -6.97
C LEU A 25 6.17 1.40 -8.27
N PRO A 26 6.42 0.74 -9.39
CA PRO A 26 5.86 1.15 -10.67
C PRO A 26 4.34 1.15 -10.64
N GLY A 27 3.71 1.91 -11.53
CA GLY A 27 2.27 2.10 -11.51
C GLY A 27 1.49 0.81 -11.35
N GLU A 28 1.88 -0.21 -12.13
CA GLU A 28 1.22 -1.51 -12.09
C GLU A 28 1.22 -2.10 -10.68
N LYS A 29 2.31 -1.89 -9.95
CA LYS A 29 2.50 -2.53 -8.67
C LYS A 29 1.68 -1.85 -7.58
N LEU A 30 1.36 -0.58 -7.72
CA LEU A 30 0.45 0.04 -6.77
C LEU A 30 -0.96 -0.49 -7.00
N GLY A 31 -1.16 -1.18 -8.13
CA GLY A 31 -2.43 -1.85 -8.38
C GLY A 31 -2.64 -3.01 -7.44
N ARG A 32 -1.57 -3.47 -6.82
CA ARG A 32 -1.63 -4.53 -5.83
C ARG A 32 -2.08 -3.98 -4.48
N VAL A 33 -1.42 -2.92 -4.01
CA VAL A 33 -1.77 -2.31 -2.72
C VAL A 33 -3.21 -1.83 -2.71
N VAL A 34 -3.66 -1.23 -3.82
CA VAL A 34 -5.05 -0.83 -3.91
C VAL A 34 -5.95 -2.06 -3.81
N HIS A 35 -5.55 -3.14 -4.47
CA HIS A 35 -6.30 -4.39 -4.40
C HIS A 35 -6.31 -4.93 -2.97
N ILE A 36 -5.16 -4.88 -2.30
CA ILE A 36 -5.08 -5.30 -0.92
C ILE A 36 -5.96 -4.41 -0.05
N ILE A 37 -5.64 -3.12 -0.01
CA ILE A 37 -6.40 -2.17 0.78
C ILE A 37 -7.91 -2.25 0.50
N GLN A 38 -8.32 -2.14 -0.77
CA GLN A 38 -9.74 -2.11 -1.12
C GLN A 38 -10.46 -3.40 -0.66
N SER A 39 -9.77 -4.53 -0.75
CA SER A 39 -10.35 -5.80 -0.33
C SER A 39 -10.38 -5.91 1.19
N ARG A 40 -9.33 -5.46 1.83
CA ARG A 40 -9.22 -5.52 3.29
C ARG A 40 -10.08 -4.43 3.92
N GLU A 41 -10.28 -3.34 3.20
CA GLU A 41 -11.07 -2.21 3.67
C GLU A 41 -12.30 -2.00 2.77
N PRO A 42 -13.48 -2.57 3.11
CA PRO A 42 -14.67 -2.48 2.22
C PRO A 42 -15.26 -1.06 2.11
N SER A 43 -14.61 -0.07 2.70
CA SER A 43 -15.17 1.25 2.83
C SER A 43 -14.65 2.19 1.74
N LEU A 44 -13.52 1.84 1.15
CA LEU A 44 -12.88 2.71 0.18
C LEU A 44 -12.95 2.16 -1.24
N LYS A 45 -13.90 1.24 -1.46
CA LYS A 45 -14.07 0.65 -2.78
C LYS A 45 -14.78 1.62 -3.72
N ASN A 46 -15.00 2.84 -3.26
CA ASN A 46 -15.57 3.89 -4.10
C ASN A 46 -14.45 4.49 -4.96
N SER A 47 -13.22 4.37 -4.47
CA SER A 47 -12.05 4.82 -5.21
C SER A 47 -11.68 3.80 -6.27
N ASN A 48 -11.60 4.26 -7.51
CA ASN A 48 -11.26 3.39 -8.63
C ASN A 48 -9.74 3.28 -8.76
N PRO A 49 -9.18 2.07 -8.98
CA PRO A 49 -7.72 1.87 -8.91
C PRO A 49 -6.90 2.88 -9.71
N ASP A 50 -7.38 3.24 -10.90
CA ASP A 50 -6.64 4.13 -11.80
C ASP A 50 -6.70 5.56 -11.30
N GLU A 51 -7.56 5.77 -10.32
CA GLU A 51 -7.76 7.08 -9.71
C GLU A 51 -7.81 6.95 -8.19
N ILE A 52 -7.10 5.93 -7.70
CA ILE A 52 -7.19 5.52 -6.31
C ILE A 52 -6.76 6.63 -5.34
N GLU A 53 -7.39 6.65 -4.18
CA GLU A 53 -6.99 7.49 -3.10
C GLU A 53 -7.09 6.71 -1.80
N ILE A 54 -5.94 6.29 -1.27
CA ILE A 54 -5.90 5.41 -0.09
C ILE A 54 -5.60 6.23 1.17
N ASP A 55 -6.31 5.93 2.23
CA ASP A 55 -6.08 6.59 3.51
C ASP A 55 -5.38 5.63 4.47
N PHE A 56 -4.10 5.87 4.70
CA PHE A 56 -3.29 4.98 5.52
C PHE A 56 -3.75 4.99 6.97
N GLU A 57 -4.57 5.97 7.31
CA GLU A 57 -5.06 6.14 8.66
C GLU A 57 -6.35 5.37 8.90
N THR A 58 -6.94 4.89 7.82
CA THR A 58 -8.19 4.17 7.91
C THR A 58 -7.96 2.68 7.80
N LEU A 59 -6.83 2.32 7.23
CA LEU A 59 -6.47 0.92 7.04
C LEU A 59 -6.25 0.24 8.37
N LYS A 60 -6.73 -0.97 8.49
CA LYS A 60 -6.52 -1.78 9.67
C LYS A 60 -5.08 -2.34 9.64
N PRO A 61 -4.42 -2.45 10.82
CA PRO A 61 -3.03 -2.93 10.94
C PRO A 61 -2.64 -4.02 9.93
N SER A 62 -3.49 -5.04 9.81
CA SER A 62 -3.20 -6.17 8.94
C SER A 62 -2.99 -5.74 7.48
N THR A 63 -3.81 -4.82 7.01
CA THR A 63 -3.67 -4.31 5.65
C THR A 63 -2.34 -3.61 5.50
N LEU A 64 -2.05 -2.69 6.42
CA LEU A 64 -0.82 -1.91 6.40
C LEU A 64 0.39 -2.83 6.43
N ARG A 65 0.31 -3.88 7.21
CA ARG A 65 1.42 -4.81 7.35
C ARG A 65 1.50 -5.76 6.13
N GLU A 66 0.41 -5.87 5.38
CA GLU A 66 0.45 -6.61 4.13
C GLU A 66 1.03 -5.76 3.03
N LEU A 67 0.57 -4.52 2.97
CA LEU A 67 1.08 -3.54 2.01
C LEU A 67 2.60 -3.49 2.09
N GLU A 68 3.09 -3.55 3.32
CA GLU A 68 4.51 -3.50 3.62
C GLU A 68 5.26 -4.71 3.10
N ARG A 69 4.95 -5.88 3.67
CA ARG A 69 5.58 -7.15 3.28
C ARG A 69 5.50 -7.33 1.78
N TYR A 70 4.52 -6.70 1.20
CA TYR A 70 4.34 -6.75 -0.23
C TYR A 70 5.39 -5.91 -0.95
N VAL A 71 5.44 -4.62 -0.66
CA VAL A 71 6.35 -3.73 -1.37
C VAL A 71 7.77 -4.15 -1.15
N THR A 72 8.09 -4.56 0.06
CA THR A 72 9.43 -4.98 0.38
C THR A 72 9.78 -6.25 -0.43
N SER A 73 8.77 -7.00 -0.86
CA SER A 73 9.01 -8.16 -1.68
C SER A 73 9.38 -7.75 -3.10
N CYS A 74 8.85 -6.60 -3.53
CA CYS A 74 9.11 -6.06 -4.85
C CYS A 74 10.39 -5.24 -4.86
N LEU A 75 10.55 -4.43 -3.83
CA LEU A 75 11.69 -3.53 -3.71
C LEU A 75 12.97 -4.26 -3.33
N ARG A 76 12.89 -5.19 -2.39
CA ARG A 76 14.07 -5.95 -2.00
C ARG A 76 14.49 -6.91 -3.11
N LYS A 77 13.53 -7.65 -3.64
CA LYS A 77 13.82 -8.66 -4.64
C LYS A 77 13.26 -8.28 -6.01
N LYS A 78 14.05 -7.56 -6.79
CA LYS A 78 13.64 -7.17 -8.13
C LYS A 78 13.86 -8.33 -9.10
N ARG A 79 15.08 -8.47 -9.60
CA ARG A 79 15.45 -9.58 -10.45
C ARG A 79 16.96 -9.65 -10.58
N LYS A 80 17.57 -10.33 -9.63
CA LYS A 80 19.02 -10.52 -9.63
C LYS A 80 19.38 -11.96 -10.01
N PRO A 81 19.63 -12.21 -11.30
CA PRO A 81 19.97 -13.54 -11.80
C PRO A 81 21.46 -13.82 -11.76
N GLN A 82 22.21 -12.96 -11.09
CA GLN A 82 23.66 -13.10 -11.00
C GLN A 82 24.09 -13.33 -9.55
N ALA A 83 24.95 -14.32 -9.36
CA ALA A 83 25.47 -14.64 -8.03
C ALA A 83 26.87 -15.21 -8.15
N LYS B 1 -0.74 13.23 5.27
CA LYS B 1 0.11 12.02 5.42
C LYS B 1 0.17 11.24 4.11
N TRP B 2 -0.97 10.75 3.65
CA TRP B 2 -1.05 10.05 2.37
C TRP B 2 -2.42 10.29 1.77
N THR B 3 -2.48 11.19 0.79
CA THR B 3 -3.75 11.57 0.19
C THR B 3 -3.59 11.80 -1.32
N LEU B 4 -4.61 12.42 -1.93
CA LEU B 4 -4.71 12.65 -3.38
C LEU B 4 -3.36 12.91 -4.03
N GLU B 5 -2.66 13.94 -3.56
CA GLU B 5 -1.42 14.38 -4.19
C GLU B 5 -0.37 13.27 -4.22
N ARG B 6 0.02 12.78 -3.05
CA ARG B 6 1.08 11.77 -2.98
C ARG B 6 0.76 10.55 -3.83
N LEU B 7 -0.34 9.88 -3.49
CA LEU B 7 -0.67 8.60 -4.11
C LEU B 7 -0.96 8.72 -5.58
N LYS B 8 -2.05 9.40 -5.93
CA LYS B 8 -2.54 9.40 -7.30
C LYS B 8 -1.54 10.00 -8.27
N ARG B 9 -0.77 10.99 -7.81
CA ARG B 9 0.16 11.68 -8.70
C ARG B 9 1.35 10.81 -9.05
N LYS B 10 1.78 9.95 -8.13
CA LYS B 10 2.83 8.98 -8.44
C LYS B 10 2.24 7.76 -9.12
N TYR B 11 1.04 7.39 -8.70
CA TYR B 11 0.36 6.21 -9.21
C TYR B 11 0.06 6.33 -10.70
N ARG B 12 -0.74 7.33 -11.05
CA ARG B 12 -1.14 7.49 -12.45
C ARG B 12 -0.09 8.27 -13.21
N ASN B 13 0.43 9.33 -12.60
CA ASN B 13 1.51 10.14 -13.15
C ASN B 13 1.14 10.71 -14.52
N SER A 1 -5.52 -16.81 9.72
CA SER A 1 -5.61 -15.35 9.62
C SER A 1 -5.20 -14.72 10.94
N GLU A 2 -4.85 -15.57 11.90
CA GLU A 2 -4.51 -15.12 13.24
C GLU A 2 -3.16 -14.41 13.24
N GLU A 3 -2.40 -14.58 12.16
CA GLU A 3 -1.12 -13.91 12.04
C GLU A 3 -1.34 -12.51 11.47
N GLU A 4 -2.52 -12.30 10.91
CA GLU A 4 -2.86 -11.04 10.26
C GLU A 4 -3.54 -10.10 11.24
N ASP A 5 -4.56 -10.58 11.93
CA ASP A 5 -5.32 -9.74 12.85
C ASP A 5 -4.52 -9.46 14.12
N LYS A 6 -3.60 -10.36 14.45
CA LYS A 6 -2.81 -10.22 15.66
C LYS A 6 -1.52 -9.46 15.38
N CYS A 7 -1.20 -9.30 14.10
CA CYS A 7 0.02 -8.60 13.69
C CYS A 7 0.07 -7.20 14.32
N LYS A 8 1.25 -6.82 14.75
CA LYS A 8 1.45 -5.54 15.44
C LYS A 8 1.13 -4.36 14.53
N PRO A 9 0.60 -3.27 15.13
CA PRO A 9 0.14 -2.10 14.37
C PRO A 9 1.29 -1.30 13.79
N MET A 10 1.07 -0.77 12.59
CA MET A 10 2.06 0.01 11.88
C MET A 10 2.16 1.42 12.46
N SER A 11 3.35 1.79 12.91
CA SER A 11 3.55 3.10 13.54
C SER A 11 3.58 4.21 12.49
N TYR A 12 3.59 5.47 12.93
CA TYR A 12 3.56 6.61 12.02
C TYR A 12 4.71 6.57 11.03
N GLU A 13 5.93 6.53 11.54
CA GLU A 13 7.11 6.56 10.70
C GLU A 13 7.19 5.32 9.82
N GLU A 14 6.48 4.28 10.21
CA GLU A 14 6.39 3.08 9.40
C GLU A 14 5.37 3.30 8.30
N LYS A 15 4.21 3.80 8.69
CA LYS A 15 3.16 4.18 7.76
C LYS A 15 3.65 5.15 6.70
N ARG A 16 4.33 6.21 7.13
CA ARG A 16 4.87 7.18 6.19
C ARG A 16 5.85 6.52 5.25
N GLN A 17 6.74 5.70 5.79
CA GLN A 17 7.69 5.05 4.94
C GLN A 17 6.98 4.05 4.03
N LEU A 18 5.95 3.43 4.55
CA LEU A 18 5.17 2.43 3.84
C LEU A 18 4.49 3.04 2.63
N SER A 19 3.88 4.20 2.82
CA SER A 19 3.26 4.92 1.71
C SER A 19 4.33 5.21 0.66
N LEU A 20 5.53 5.46 1.13
CA LEU A 20 6.67 5.73 0.26
C LEU A 20 7.17 4.46 -0.45
N ASP A 21 7.41 3.37 0.31
CA ASP A 21 7.78 2.09 -0.27
C ASP A 21 6.78 1.68 -1.35
N ILE A 22 5.52 1.95 -1.07
CA ILE A 22 4.43 1.64 -2.00
C ILE A 22 4.46 2.54 -3.23
N ASN A 23 4.82 3.81 -3.05
CA ASN A 23 4.82 4.76 -4.16
C ASN A 23 6.08 4.62 -5.01
N LYS A 24 7.10 3.96 -4.46
CA LYS A 24 8.29 3.61 -5.23
C LYS A 24 7.97 2.61 -6.32
N LEU A 25 7.00 1.75 -6.04
CA LEU A 25 6.56 0.74 -6.99
C LEU A 25 6.15 1.37 -8.31
N PRO A 26 6.42 0.67 -9.42
CA PRO A 26 5.86 1.03 -10.71
C PRO A 26 4.34 1.01 -10.68
N GLY A 27 3.70 1.74 -11.59
CA GLY A 27 2.27 1.93 -11.57
C GLY A 27 1.48 0.65 -11.36
N GLU A 28 1.81 -0.38 -12.14
CA GLU A 28 1.08 -1.64 -12.10
C GLU A 28 1.23 -2.34 -10.73
N LYS A 29 2.34 -2.09 -10.05
CA LYS A 29 2.58 -2.70 -8.75
C LYS A 29 1.73 -2.05 -7.66
N LEU A 30 1.35 -0.79 -7.84
CA LEU A 30 0.46 -0.16 -6.87
C LEU A 30 -0.95 -0.69 -7.06
N GLY A 31 -1.16 -1.39 -8.17
CA GLY A 31 -2.44 -2.03 -8.42
C GLY A 31 -2.67 -3.19 -7.47
N ARG A 32 -1.60 -3.65 -6.86
CA ARG A 32 -1.68 -4.70 -5.84
C ARG A 32 -2.11 -4.13 -4.49
N VAL A 33 -1.42 -3.08 -4.04
CA VAL A 33 -1.74 -2.46 -2.76
C VAL A 33 -3.16 -1.91 -2.75
N VAL A 34 -3.58 -1.28 -3.84
CA VAL A 34 -4.95 -0.80 -3.94
C VAL A 34 -5.91 -1.99 -3.84
N HIS A 35 -5.54 -3.09 -4.48
CA HIS A 35 -6.32 -4.31 -4.42
C HIS A 35 -6.36 -4.85 -2.99
N ILE A 36 -5.22 -4.85 -2.32
CA ILE A 36 -5.16 -5.26 -0.93
C ILE A 36 -6.01 -4.34 -0.05
N ILE A 37 -5.65 -3.07 -0.03
CA ILE A 37 -6.38 -2.08 0.76
C ILE A 37 -7.89 -2.14 0.49
N GLN A 38 -8.30 -2.04 -0.78
CA GLN A 38 -9.72 -2.02 -1.12
C GLN A 38 -10.45 -3.27 -0.60
N SER A 39 -9.81 -4.44 -0.73
CA SER A 39 -10.42 -5.69 -0.29
C SER A 39 -10.47 -5.78 1.24
N ARG A 40 -9.43 -5.28 1.88
CA ARG A 40 -9.31 -5.33 3.34
C ARG A 40 -10.10 -4.19 3.98
N GLU A 41 -10.29 -3.12 3.23
CA GLU A 41 -11.02 -1.95 3.70
C GLU A 41 -12.26 -1.72 2.84
N PRO A 42 -13.36 -2.44 3.14
CA PRO A 42 -14.60 -2.38 2.35
C PRO A 42 -15.23 -0.98 2.23
N SER A 43 -14.67 -0.01 2.93
CA SER A 43 -15.26 1.33 2.95
C SER A 43 -14.63 2.24 1.88
N LEU A 44 -13.73 1.70 1.08
CA LEU A 44 -13.09 2.49 0.03
C LEU A 44 -13.06 1.77 -1.31
N LYS A 45 -14.01 0.88 -1.53
CA LYS A 45 -14.05 0.14 -2.79
C LYS A 45 -14.71 0.97 -3.90
N ASN A 46 -15.14 2.17 -3.56
CA ASN A 46 -15.71 3.10 -4.54
C ASN A 46 -14.58 3.68 -5.40
N SER A 47 -13.36 3.54 -4.91
CA SER A 47 -12.19 4.07 -5.59
C SER A 47 -11.83 3.20 -6.79
N ASN A 48 -11.50 3.85 -7.90
CA ASN A 48 -11.00 3.14 -9.07
C ASN A 48 -9.48 3.11 -8.99
N PRO A 49 -8.82 1.97 -9.27
CA PRO A 49 -7.37 1.82 -9.03
C PRO A 49 -6.52 2.95 -9.61
N ASP A 50 -6.84 3.39 -10.83
CA ASP A 50 -6.01 4.38 -11.51
C ASP A 50 -6.25 5.77 -10.96
N GLU A 51 -7.36 5.91 -10.24
CA GLU A 51 -7.71 7.16 -9.58
C GLU A 51 -7.83 6.91 -8.09
N ILE A 52 -7.07 5.93 -7.61
CA ILE A 52 -7.17 5.46 -6.24
C ILE A 52 -6.83 6.57 -5.23
N GLU A 53 -7.45 6.49 -4.07
CA GLU A 53 -7.12 7.37 -2.98
C GLU A 53 -7.10 6.57 -1.69
N ILE A 54 -5.92 6.17 -1.26
CA ILE A 54 -5.76 5.35 -0.07
C ILE A 54 -5.37 6.23 1.10
N ASP A 55 -6.01 6.02 2.23
CA ASP A 55 -5.65 6.74 3.44
C ASP A 55 -5.03 5.78 4.42
N PHE A 56 -3.76 5.97 4.68
CA PHE A 56 -2.99 5.05 5.51
C PHE A 56 -3.48 5.07 6.96
N GLU A 57 -4.32 6.03 7.27
CA GLU A 57 -4.84 6.18 8.60
C GLU A 57 -6.18 5.49 8.75
N THR A 58 -6.73 5.03 7.65
CA THR A 58 -8.01 4.36 7.67
C THR A 58 -7.84 2.86 7.52
N LEU A 59 -6.65 2.47 7.07
CA LEU A 59 -6.34 1.06 6.90
C LEU A 59 -6.13 0.39 8.25
N LYS A 60 -6.64 -0.81 8.38
CA LYS A 60 -6.46 -1.59 9.58
C LYS A 60 -5.05 -2.21 9.59
N PRO A 61 -4.43 -2.34 10.78
CA PRO A 61 -3.07 -2.88 10.94
C PRO A 61 -2.69 -3.98 9.95
N SER A 62 -3.55 -4.96 9.80
CA SER A 62 -3.27 -6.11 8.94
C SER A 62 -3.01 -5.70 7.50
N THR A 63 -3.83 -4.79 6.98
CA THR A 63 -3.67 -4.32 5.61
C THR A 63 -2.31 -3.66 5.45
N LEU A 64 -2.01 -2.74 6.36
CA LEU A 64 -0.77 -1.98 6.34
C LEU A 64 0.45 -2.89 6.36
N ARG A 65 0.35 -3.95 7.13
CA ARG A 65 1.45 -4.91 7.24
C ARG A 65 1.51 -5.82 6.00
N GLU A 66 0.37 -6.00 5.33
CA GLU A 66 0.34 -6.79 4.11
C GLU A 66 0.92 -5.98 2.97
N LEU A 67 0.54 -4.71 2.93
CA LEU A 67 1.05 -3.76 1.96
C LEU A 67 2.58 -3.74 2.01
N GLU A 68 3.09 -3.78 3.23
CA GLU A 68 4.52 -3.65 3.51
C GLU A 68 5.33 -4.84 3.01
N ARG A 69 5.05 -6.02 3.57
CA ARG A 69 5.72 -7.26 3.17
C ARG A 69 5.65 -7.43 1.67
N TYR A 70 4.63 -6.84 1.09
CA TYR A 70 4.45 -6.89 -0.34
C TYR A 70 5.48 -6.00 -1.06
N VAL A 71 5.47 -4.71 -0.77
CA VAL A 71 6.35 -3.78 -1.46
C VAL A 71 7.79 -4.07 -1.16
N THR A 72 8.05 -4.42 0.07
CA THR A 72 9.37 -4.78 0.50
C THR A 72 9.84 -6.03 -0.28
N SER A 73 8.89 -6.84 -0.74
CA SER A 73 9.23 -7.99 -1.55
C SER A 73 9.59 -7.55 -2.97
N CYS A 74 8.98 -6.44 -3.42
CA CYS A 74 9.21 -5.91 -4.74
C CYS A 74 10.49 -5.07 -4.78
N LEU A 75 10.67 -4.26 -3.75
CA LEU A 75 11.80 -3.33 -3.67
C LEU A 75 13.10 -4.03 -3.27
N ARG A 76 13.03 -5.00 -2.35
CA ARG A 76 14.23 -5.68 -1.88
C ARG A 76 14.77 -6.65 -2.93
N LYS A 77 13.93 -7.04 -3.87
CA LYS A 77 14.36 -7.95 -4.93
C LYS A 77 14.71 -7.16 -6.20
N LYS A 78 15.92 -7.40 -6.70
CA LYS A 78 16.50 -6.67 -7.81
C LYS A 78 16.61 -5.18 -7.52
N ARG A 79 15.47 -4.48 -7.58
CA ARG A 79 15.40 -3.04 -7.37
C ARG A 79 16.19 -2.29 -8.43
N LYS A 80 15.48 -1.76 -9.42
CA LYS A 80 16.11 -0.99 -10.48
C LYS A 80 15.68 0.48 -10.41
N PRO A 81 16.37 1.29 -9.58
CA PRO A 81 16.09 2.71 -9.43
C PRO A 81 16.62 3.52 -10.62
N GLN A 82 16.21 3.12 -11.82
CA GLN A 82 16.68 3.76 -13.04
C GLN A 82 15.63 4.71 -13.58
N ALA A 83 14.64 5.01 -12.74
CA ALA A 83 13.58 5.93 -13.12
C ALA A 83 13.83 7.30 -12.49
N LYS B 1 -4.09 11.35 5.18
CA LYS B 1 -2.69 10.86 5.06
C LYS B 1 -2.50 10.11 3.75
N TRP B 2 -1.59 10.60 2.91
CA TRP B 2 -1.22 9.90 1.69
C TRP B 2 -2.40 9.89 0.71
N THR B 3 -3.13 10.99 0.71
CA THR B 3 -4.33 11.11 -0.10
C THR B 3 -4.00 11.37 -1.57
N LEU B 4 -5.04 11.76 -2.32
CA LEU B 4 -4.98 11.94 -3.78
C LEU B 4 -3.65 12.50 -4.29
N GLU B 5 -3.13 13.53 -3.63
CA GLU B 5 -1.93 14.21 -4.13
C GLU B 5 -0.78 13.22 -4.35
N ARG B 6 -0.20 12.74 -3.26
CA ARG B 6 0.98 11.89 -3.33
C ARG B 6 0.69 10.61 -4.11
N LEU B 7 -0.30 9.86 -3.65
CA LEU B 7 -0.60 8.57 -4.23
C LEU B 7 -1.12 8.67 -5.65
N LYS B 8 -2.32 9.23 -5.80
CA LYS B 8 -3.04 9.20 -7.07
C LYS B 8 -2.21 9.78 -8.21
N ARG B 9 -1.49 10.87 -7.95
CA ARG B 9 -0.75 11.53 -9.01
C ARG B 9 0.52 10.78 -9.37
N LYS B 10 1.20 10.20 -8.38
CA LYS B 10 2.42 9.43 -8.67
C LYS B 10 2.09 8.02 -9.09
N TYR B 11 0.89 7.58 -8.77
CA TYR B 11 0.39 6.29 -9.21
C TYR B 11 0.18 6.30 -10.71
N ARG B 12 -0.38 7.40 -11.20
CA ARG B 12 -0.72 7.52 -12.61
C ARG B 12 0.44 8.14 -13.40
N ASN B 13 1.10 9.13 -12.82
CA ASN B 13 2.19 9.82 -13.51
C ASN B 13 3.45 9.83 -12.63
N SER A 1 -5.82 -17.29 11.18
CA SER A 1 -5.80 -15.82 11.02
C SER A 1 -5.24 -15.14 12.27
N GLU A 2 -4.83 -15.96 13.23
CA GLU A 2 -4.37 -15.44 14.52
C GLU A 2 -3.02 -14.76 14.40
N GLU A 3 -2.19 -15.23 13.47
CA GLU A 3 -0.86 -14.70 13.28
C GLU A 3 -0.95 -13.32 12.62
N GLU A 4 -1.66 -13.25 11.50
CA GLU A 4 -1.80 -12.00 10.75
C GLU A 4 -2.51 -10.92 11.57
N ASP A 5 -3.46 -11.32 12.42
CA ASP A 5 -4.18 -10.37 13.23
C ASP A 5 -3.47 -10.09 14.55
N LYS A 6 -2.33 -10.75 14.76
CA LYS A 6 -1.50 -10.48 15.93
C LYS A 6 -0.36 -9.54 15.53
N CYS A 7 -0.22 -9.33 14.23
CA CYS A 7 0.81 -8.47 13.68
C CYS A 7 0.72 -7.08 14.31
N LYS A 8 1.86 -6.58 14.74
CA LYS A 8 1.95 -5.30 15.41
C LYS A 8 1.48 -4.15 14.51
N PRO A 9 0.86 -3.13 15.12
CA PRO A 9 0.35 -1.97 14.41
C PRO A 9 1.47 -1.20 13.72
N MET A 10 1.20 -0.75 12.51
CA MET A 10 2.17 0.00 11.75
C MET A 10 2.25 1.42 12.30
N SER A 11 3.41 1.77 12.84
CA SER A 11 3.59 3.07 13.49
C SER A 11 3.69 4.18 12.44
N TYR A 12 3.75 5.43 12.90
CA TYR A 12 3.76 6.58 12.00
C TYR A 12 4.90 6.50 10.99
N GLU A 13 6.11 6.41 11.49
CA GLU A 13 7.29 6.42 10.64
C GLU A 13 7.32 5.20 9.73
N GLU A 14 6.56 4.18 10.09
CA GLU A 14 6.43 3.00 9.26
C GLU A 14 5.37 3.25 8.19
N LYS A 15 4.24 3.77 8.62
CA LYS A 15 3.17 4.19 7.72
C LYS A 15 3.67 5.16 6.66
N ARG A 16 4.33 6.21 7.10
CA ARG A 16 4.89 7.20 6.20
C ARG A 16 5.86 6.54 5.24
N GLN A 17 6.74 5.70 5.75
CA GLN A 17 7.68 5.05 4.88
C GLN A 17 6.94 4.10 3.95
N LEU A 18 5.91 3.45 4.48
CA LEU A 18 5.10 2.51 3.72
C LEU A 18 4.45 3.17 2.52
N SER A 19 3.79 4.30 2.77
CA SER A 19 3.15 5.03 1.69
C SER A 19 4.21 5.42 0.65
N LEU A 20 5.44 5.57 1.12
CA LEU A 20 6.57 5.83 0.23
C LEU A 20 7.06 4.55 -0.49
N ASP A 21 7.34 3.49 0.25
CA ASP A 21 7.77 2.23 -0.34
C ASP A 21 6.75 1.76 -1.38
N ILE A 22 5.49 1.96 -1.05
CA ILE A 22 4.39 1.63 -1.94
C ILE A 22 4.37 2.53 -3.18
N ASN A 23 4.68 3.80 -3.00
CA ASN A 23 4.68 4.74 -4.11
C ASN A 23 5.92 4.58 -4.98
N LYS A 24 6.94 3.89 -4.46
CA LYS A 24 8.13 3.58 -5.24
C LYS A 24 7.81 2.60 -6.34
N LEU A 25 6.87 1.69 -6.07
CA LEU A 25 6.47 0.69 -7.02
C LEU A 25 6.02 1.33 -8.33
N PRO A 26 6.29 0.65 -9.44
CA PRO A 26 5.71 1.04 -10.73
C PRO A 26 4.18 0.97 -10.67
N GLY A 27 3.50 1.77 -11.48
CA GLY A 27 2.04 1.87 -11.44
C GLY A 27 1.33 0.53 -11.32
N GLU A 28 1.76 -0.43 -12.14
CA GLU A 28 1.22 -1.78 -12.15
C GLU A 28 1.23 -2.39 -10.74
N LYS A 29 2.31 -2.17 -10.02
CA LYS A 29 2.51 -2.78 -8.72
C LYS A 29 1.66 -2.12 -7.65
N LEU A 30 1.31 -0.85 -7.82
CA LEU A 30 0.40 -0.22 -6.89
C LEU A 30 -1.02 -0.76 -7.11
N GLY A 31 -1.21 -1.43 -8.23
CA GLY A 31 -2.47 -2.12 -8.48
C GLY A 31 -2.68 -3.27 -7.51
N ARG A 32 -1.59 -3.68 -6.88
CA ARG A 32 -1.64 -4.72 -5.85
C ARG A 32 -2.08 -4.14 -4.50
N VAL A 33 -1.39 -3.10 -4.05
CA VAL A 33 -1.73 -2.47 -2.76
C VAL A 33 -3.15 -1.95 -2.77
N VAL A 34 -3.59 -1.37 -3.88
CA VAL A 34 -4.96 -0.92 -3.98
C VAL A 34 -5.90 -2.13 -3.87
N HIS A 35 -5.51 -3.25 -4.48
CA HIS A 35 -6.27 -4.48 -4.39
C HIS A 35 -6.30 -4.98 -2.94
N ILE A 36 -5.15 -4.97 -2.29
CA ILE A 36 -5.08 -5.35 -0.89
C ILE A 36 -5.96 -4.42 -0.05
N ILE A 37 -5.61 -3.15 -0.04
CA ILE A 37 -6.34 -2.16 0.74
C ILE A 37 -7.85 -2.20 0.45
N GLN A 38 -8.25 -2.11 -0.81
CA GLN A 38 -9.67 -2.06 -1.17
C GLN A 38 -10.43 -3.29 -0.68
N SER A 39 -9.81 -4.44 -0.77
CA SER A 39 -10.44 -5.68 -0.34
C SER A 39 -10.49 -5.76 1.19
N ARG A 40 -9.41 -5.33 1.82
CA ARG A 40 -9.30 -5.38 3.27
C ARG A 40 -10.09 -4.25 3.90
N GLU A 41 -10.27 -3.16 3.14
CA GLU A 41 -11.00 -1.99 3.60
C GLU A 41 -12.18 -1.72 2.67
N PRO A 42 -13.30 -2.44 2.85
CA PRO A 42 -14.49 -2.34 1.99
C PRO A 42 -15.08 -0.91 1.90
N SER A 43 -14.57 0.00 2.72
CA SER A 43 -15.11 1.34 2.77
C SER A 43 -14.51 2.22 1.65
N LEU A 44 -13.46 1.75 1.00
CA LEU A 44 -12.80 2.57 0.00
C LEU A 44 -12.79 1.91 -1.38
N LYS A 45 -13.64 0.92 -1.59
CA LYS A 45 -13.77 0.34 -2.93
C LYS A 45 -14.58 1.26 -3.83
N ASN A 46 -14.90 2.45 -3.32
CA ASN A 46 -15.52 3.49 -4.13
C ASN A 46 -14.44 4.20 -4.95
N SER A 47 -13.20 4.07 -4.50
CA SER A 47 -12.05 4.61 -5.22
C SER A 47 -11.61 3.64 -6.31
N ASN A 48 -11.60 4.10 -7.55
CA ASN A 48 -11.20 3.27 -8.67
C ASN A 48 -9.66 3.23 -8.72
N PRO A 49 -9.07 2.04 -8.99
CA PRO A 49 -7.61 1.81 -8.86
C PRO A 49 -6.74 2.79 -9.67
N ASP A 50 -7.28 3.35 -10.74
CA ASP A 50 -6.52 4.29 -11.57
C ASP A 50 -6.64 5.71 -11.03
N GLU A 51 -7.62 5.91 -10.17
CA GLU A 51 -7.87 7.21 -9.56
C GLU A 51 -7.92 7.05 -8.05
N ILE A 52 -7.18 6.05 -7.59
CA ILE A 52 -7.21 5.63 -6.20
C ILE A 52 -6.72 6.72 -5.25
N GLU A 53 -7.32 6.77 -4.08
CA GLU A 53 -6.80 7.58 -2.99
C GLU A 53 -6.90 6.78 -1.70
N ILE A 54 -5.79 6.15 -1.33
CA ILE A 54 -5.76 5.31 -0.14
C ILE A 54 -5.46 6.14 1.09
N ASP A 55 -6.14 5.85 2.18
CA ASP A 55 -5.87 6.54 3.42
C ASP A 55 -5.22 5.60 4.42
N PHE A 56 -3.94 5.84 4.68
CA PHE A 56 -3.14 4.96 5.51
C PHE A 56 -3.62 5.01 6.96
N GLU A 57 -4.43 5.98 7.28
CA GLU A 57 -4.92 6.17 8.62
C GLU A 57 -6.24 5.45 8.83
N THR A 58 -6.82 4.95 7.76
CA THR A 58 -8.09 4.25 7.84
C THR A 58 -7.90 2.75 7.71
N LEU A 59 -6.74 2.37 7.19
CA LEU A 59 -6.42 0.96 7.00
C LEU A 59 -6.21 0.28 8.35
N LYS A 60 -6.70 -0.94 8.46
CA LYS A 60 -6.48 -1.76 9.64
C LYS A 60 -5.05 -2.32 9.61
N PRO A 61 -4.39 -2.45 10.79
CA PRO A 61 -3.01 -2.95 10.91
C PRO A 61 -2.63 -4.03 9.89
N SER A 62 -3.47 -5.05 9.78
CA SER A 62 -3.18 -6.19 8.90
C SER A 62 -3.02 -5.78 7.44
N THR A 63 -3.84 -4.84 6.98
CA THR A 63 -3.72 -4.32 5.62
C THR A 63 -2.37 -3.66 5.46
N LEU A 64 -2.08 -2.74 6.37
CA LEU A 64 -0.83 -1.97 6.35
C LEU A 64 0.38 -2.90 6.37
N ARG A 65 0.27 -3.97 7.11
CA ARG A 65 1.37 -4.92 7.22
C ARG A 65 1.42 -5.85 5.99
N GLU A 66 0.30 -6.00 5.29
CA GLU A 66 0.32 -6.73 4.03
C GLU A 66 0.97 -5.88 2.96
N LEU A 67 0.57 -4.62 2.93
CA LEU A 67 1.10 -3.65 1.98
C LEU A 67 2.63 -3.62 2.06
N GLU A 68 3.11 -3.63 3.30
CA GLU A 68 4.54 -3.54 3.60
C GLU A 68 5.32 -4.75 3.11
N ARG A 69 5.01 -5.91 3.72
CA ARG A 69 5.64 -7.19 3.34
C ARG A 69 5.59 -7.39 1.84
N TYR A 70 4.60 -6.77 1.23
CA TYR A 70 4.44 -6.85 -0.20
C TYR A 70 5.48 -6.00 -0.93
N VAL A 71 5.48 -4.70 -0.67
CA VAL A 71 6.35 -3.79 -1.40
C VAL A 71 7.80 -4.08 -1.13
N THR A 72 8.10 -4.44 0.10
CA THR A 72 9.47 -4.77 0.44
C THR A 72 9.90 -6.03 -0.31
N SER A 73 8.93 -6.86 -0.72
CA SER A 73 9.23 -8.02 -1.52
C SER A 73 9.60 -7.61 -2.95
N CYS A 74 9.02 -6.48 -3.37
CA CYS A 74 9.22 -5.97 -4.72
C CYS A 74 10.43 -5.04 -4.78
N LEU A 75 10.60 -4.26 -3.73
CA LEU A 75 11.69 -3.29 -3.64
C LEU A 75 13.01 -3.94 -3.22
N ARG A 76 12.97 -4.80 -2.19
CA ARG A 76 14.18 -5.50 -1.76
C ARG A 76 14.70 -6.37 -2.88
N LYS A 77 13.79 -6.83 -3.74
CA LYS A 77 14.14 -7.61 -4.93
C LYS A 77 15.08 -8.78 -4.62
N LYS A 78 14.52 -9.97 -4.41
CA LYS A 78 15.31 -11.12 -4.04
C LYS A 78 16.09 -11.62 -5.23
N ARG A 79 17.38 -11.87 -5.02
CA ARG A 79 18.28 -12.33 -6.07
C ARG A 79 18.31 -11.31 -7.20
N LYS A 80 19.07 -10.24 -6.98
CA LYS A 80 19.21 -9.13 -7.93
C LYS A 80 19.52 -9.65 -9.33
N PRO A 81 18.62 -9.41 -10.31
CA PRO A 81 18.85 -9.77 -11.71
C PRO A 81 20.11 -9.12 -12.26
N GLN A 82 20.98 -9.92 -12.87
CA GLN A 82 22.24 -9.41 -13.40
C GLN A 82 22.18 -9.38 -14.93
N ALA A 83 21.21 -8.64 -15.44
CA ALA A 83 21.02 -8.54 -16.88
C ALA A 83 21.44 -7.16 -17.38
N LYS B 1 -1.16 13.70 3.99
CA LYS B 1 -0.24 12.56 4.24
C LYS B 1 -0.02 11.75 2.97
N TRP B 2 -1.10 11.21 2.43
CA TRP B 2 -1.03 10.32 1.28
C TRP B 2 -2.32 10.38 0.48
N THR B 3 -2.79 11.59 0.20
CA THR B 3 -4.01 11.79 -0.57
C THR B 3 -3.72 11.66 -2.07
N LEU B 4 -4.71 12.04 -2.88
CA LEU B 4 -4.62 11.89 -4.34
C LEU B 4 -3.32 12.45 -4.89
N GLU B 5 -2.86 13.56 -4.32
CA GLU B 5 -1.62 14.18 -4.76
C GLU B 5 -0.46 13.19 -4.72
N ARG B 6 -0.11 12.76 -3.51
CA ARG B 6 1.01 11.85 -3.34
C ARG B 6 0.77 10.55 -4.11
N LEU B 7 -0.29 9.85 -3.74
CA LEU B 7 -0.56 8.52 -4.30
C LEU B 7 -0.88 8.60 -5.79
N LYS B 8 -2.04 9.14 -6.13
CA LYS B 8 -2.54 9.09 -7.50
C LYS B 8 -1.57 9.71 -8.50
N ARG B 9 -0.98 10.86 -8.14
CA ARG B 9 -0.13 11.58 -9.08
C ARG B 9 1.16 10.82 -9.37
N LYS B 10 1.71 10.13 -8.36
CA LYS B 10 2.92 9.34 -8.58
C LYS B 10 2.54 7.94 -9.09
N TYR B 11 1.34 7.50 -8.73
CA TYR B 11 0.80 6.23 -9.20
C TYR B 11 0.76 6.20 -10.72
N ARG B 12 0.14 7.22 -11.30
CA ARG B 12 -0.03 7.30 -12.74
C ARG B 12 1.21 7.90 -13.41
N ASN B 13 2.22 8.19 -12.61
CA ASN B 13 3.44 8.80 -13.11
C ASN B 13 4.32 7.74 -13.75
N SER A 1 0.36 -20.90 15.35
CA SER A 1 -0.54 -20.26 14.38
C SER A 1 -1.09 -18.95 14.93
N GLU A 2 -0.36 -18.34 15.84
CA GLU A 2 -0.80 -17.08 16.43
C GLU A 2 -0.13 -15.87 15.76
N GLU A 3 0.62 -16.11 14.69
CA GLU A 3 1.34 -15.04 13.99
C GLU A 3 0.38 -13.97 13.50
N GLU A 4 -0.71 -14.42 12.90
CA GLU A 4 -1.74 -13.54 12.36
C GLU A 4 -2.37 -12.68 13.45
N ASP A 5 -2.41 -13.20 14.68
CA ASP A 5 -2.99 -12.46 15.80
C ASP A 5 -1.89 -11.82 16.64
N LYS A 6 -0.67 -11.89 16.16
CA LYS A 6 0.48 -11.33 16.85
C LYS A 6 0.92 -10.06 16.13
N CYS A 7 0.23 -9.74 15.05
CA CYS A 7 0.53 -8.58 14.24
C CYS A 7 0.52 -7.30 15.07
N LYS A 8 1.55 -6.49 14.90
CA LYS A 8 1.66 -5.22 15.58
C LYS A 8 1.25 -4.08 14.65
N PRO A 9 0.57 -3.07 15.20
CA PRO A 9 0.13 -1.89 14.44
C PRO A 9 1.30 -1.16 13.79
N MET A 10 1.11 -0.77 12.55
CA MET A 10 2.13 -0.06 11.80
C MET A 10 2.30 1.35 12.35
N SER A 11 3.49 1.64 12.90
CA SER A 11 3.75 2.92 13.53
C SER A 11 3.79 4.05 12.50
N TYR A 12 3.76 5.30 12.97
CA TYR A 12 3.73 6.46 12.07
C TYR A 12 4.88 6.45 11.07
N GLU A 13 6.10 6.38 11.58
CA GLU A 13 7.29 6.41 10.72
C GLU A 13 7.30 5.24 9.75
N GLU A 14 6.59 4.17 10.11
CA GLU A 14 6.48 3.02 9.24
C GLU A 14 5.43 3.27 8.19
N LYS A 15 4.27 3.74 8.64
CA LYS A 15 3.20 4.14 7.75
C LYS A 15 3.66 5.10 6.67
N ARG A 16 4.29 6.20 7.09
CA ARG A 16 4.75 7.20 6.16
C ARG A 16 5.78 6.63 5.21
N GLN A 17 6.67 5.78 5.73
CA GLN A 17 7.65 5.16 4.87
C GLN A 17 6.95 4.17 3.94
N LEU A 18 5.94 3.49 4.47
CA LEU A 18 5.16 2.53 3.71
C LEU A 18 4.50 3.19 2.50
N SER A 19 3.84 4.30 2.74
CA SER A 19 3.20 5.05 1.67
C SER A 19 4.25 5.41 0.62
N LEU A 20 5.48 5.61 1.08
CA LEU A 20 6.61 5.88 0.19
C LEU A 20 7.10 4.62 -0.52
N ASP A 21 7.41 3.55 0.22
CA ASP A 21 7.84 2.28 -0.37
C ASP A 21 6.83 1.82 -1.42
N ILE A 22 5.56 2.03 -1.10
CA ILE A 22 4.46 1.68 -1.98
C ILE A 22 4.45 2.55 -3.24
N ASN A 23 4.80 3.82 -3.09
CA ASN A 23 4.81 4.74 -4.23
C ASN A 23 6.08 4.59 -5.06
N LYS A 24 7.08 3.88 -4.51
CA LYS A 24 8.27 3.54 -5.26
C LYS A 24 7.95 2.54 -6.36
N LEU A 25 6.95 1.70 -6.10
CA LEU A 25 6.53 0.69 -7.06
C LEU A 25 6.11 1.31 -8.38
N PRO A 26 6.34 0.59 -9.48
CA PRO A 26 5.78 0.94 -10.78
C PRO A 26 4.25 0.91 -10.75
N GLY A 27 3.60 1.65 -11.65
CA GLY A 27 2.15 1.81 -11.61
C GLY A 27 1.40 0.50 -11.46
N GLU A 28 1.81 -0.51 -12.21
CA GLU A 28 1.20 -1.85 -12.16
C GLU A 28 1.19 -2.40 -10.73
N LYS A 29 2.27 -2.14 -10.01
CA LYS A 29 2.46 -2.74 -8.70
C LYS A 29 1.64 -2.04 -7.62
N LEU A 30 1.32 -0.77 -7.81
CA LEU A 30 0.42 -0.12 -6.87
C LEU A 30 -0.99 -0.67 -7.08
N GLY A 31 -1.21 -1.34 -8.20
CA GLY A 31 -2.47 -2.01 -8.45
C GLY A 31 -2.67 -3.18 -7.51
N ARG A 32 -1.59 -3.60 -6.87
CA ARG A 32 -1.63 -4.63 -5.85
C ARG A 32 -2.08 -4.07 -4.50
N VAL A 33 -1.40 -3.01 -4.03
CA VAL A 33 -1.75 -2.40 -2.76
C VAL A 33 -3.17 -1.89 -2.75
N VAL A 34 -3.61 -1.30 -3.86
CA VAL A 34 -5.00 -0.87 -3.95
C VAL A 34 -5.92 -2.08 -3.86
N HIS A 35 -5.53 -3.18 -4.51
CA HIS A 35 -6.28 -4.43 -4.44
C HIS A 35 -6.30 -4.95 -3.00
N ILE A 36 -5.15 -4.91 -2.33
CA ILE A 36 -5.09 -5.31 -0.93
C ILE A 36 -5.97 -4.39 -0.09
N ILE A 37 -5.62 -3.11 -0.05
CA ILE A 37 -6.37 -2.14 0.74
C ILE A 37 -7.88 -2.19 0.45
N GLN A 38 -8.27 -2.10 -0.81
CA GLN A 38 -9.70 -2.08 -1.19
C GLN A 38 -10.43 -3.33 -0.69
N SER A 39 -9.78 -4.48 -0.81
CA SER A 39 -10.38 -5.74 -0.39
C SER A 39 -10.44 -5.85 1.14
N ARG A 40 -9.38 -5.40 1.79
CA ARG A 40 -9.28 -5.45 3.24
C ARG A 40 -10.12 -4.35 3.89
N GLU A 41 -10.24 -3.24 3.18
CA GLU A 41 -11.00 -2.08 3.66
C GLU A 41 -12.23 -1.86 2.77
N PRO A 42 -13.35 -2.55 3.05
CA PRO A 42 -14.58 -2.44 2.24
C PRO A 42 -15.18 -1.03 2.21
N SER A 43 -14.54 -0.09 2.86
CA SER A 43 -15.06 1.27 2.98
C SER A 43 -14.55 2.16 1.84
N LEU A 44 -13.55 1.70 1.09
CA LEU A 44 -12.94 2.54 0.07
C LEU A 44 -12.97 1.89 -1.32
N LYS A 45 -13.87 0.95 -1.53
CA LYS A 45 -13.97 0.27 -2.83
C LYS A 45 -14.70 1.15 -3.84
N ASN A 46 -15.02 2.38 -3.43
CA ASN A 46 -15.61 3.36 -4.33
C ASN A 46 -14.53 3.96 -5.23
N SER A 47 -13.28 3.91 -4.76
CA SER A 47 -12.17 4.44 -5.52
C SER A 47 -11.75 3.46 -6.61
N ASN A 48 -11.69 3.96 -7.82
CA ASN A 48 -11.21 3.17 -8.96
C ASN A 48 -9.69 3.20 -8.96
N PRO A 49 -9.00 2.06 -9.19
CA PRO A 49 -7.54 1.98 -9.01
C PRO A 49 -6.78 3.10 -9.73
N ASP A 50 -7.26 3.50 -10.90
CA ASP A 50 -6.57 4.50 -11.73
C ASP A 50 -6.71 5.88 -11.12
N GLU A 51 -7.61 6.00 -10.17
CA GLU A 51 -7.90 7.27 -9.52
C GLU A 51 -7.96 7.03 -8.02
N ILE A 52 -7.23 6.02 -7.59
CA ILE A 52 -7.28 5.55 -6.22
C ILE A 52 -6.86 6.63 -5.23
N GLU A 53 -7.47 6.60 -4.06
CA GLU A 53 -7.10 7.47 -2.97
C GLU A 53 -7.12 6.68 -1.66
N ILE A 54 -5.95 6.19 -1.25
CA ILE A 54 -5.84 5.34 -0.08
C ILE A 54 -5.49 6.18 1.15
N ASP A 55 -6.19 5.93 2.25
CA ASP A 55 -5.91 6.63 3.49
C ASP A 55 -5.22 5.69 4.46
N PHE A 56 -3.93 5.92 4.67
CA PHE A 56 -3.12 5.02 5.48
C PHE A 56 -3.56 5.03 6.94
N GLU A 57 -4.36 6.01 7.30
CA GLU A 57 -4.80 6.16 8.66
C GLU A 57 -6.14 5.47 8.90
N THR A 58 -6.73 4.98 7.83
CA THR A 58 -8.02 4.30 7.93
C THR A 58 -7.84 2.80 7.78
N LEU A 59 -6.72 2.40 7.19
CA LEU A 59 -6.42 1.00 6.98
C LEU A 59 -6.23 0.28 8.30
N LYS A 60 -6.77 -0.91 8.41
CA LYS A 60 -6.58 -1.72 9.60
C LYS A 60 -5.16 -2.29 9.60
N PRO A 61 -4.51 -2.40 10.80
CA PRO A 61 -3.13 -2.89 10.95
C PRO A 61 -2.73 -3.98 9.95
N SER A 62 -3.57 -5.00 9.82
CA SER A 62 -3.28 -6.14 8.96
C SER A 62 -3.04 -5.71 7.51
N THR A 63 -3.88 -4.81 6.99
CA THR A 63 -3.72 -4.32 5.63
C THR A 63 -2.37 -3.64 5.50
N LEU A 64 -2.10 -2.72 6.42
CA LEU A 64 -0.85 -1.95 6.40
C LEU A 64 0.36 -2.87 6.44
N ARG A 65 0.26 -3.93 7.23
CA ARG A 65 1.37 -4.87 7.35
C ARG A 65 1.45 -5.80 6.14
N GLU A 66 0.34 -5.93 5.40
CA GLU A 66 0.33 -6.68 4.16
C GLU A 66 0.97 -5.87 3.06
N LEU A 67 0.56 -4.60 3.00
CA LEU A 67 1.09 -3.64 2.04
C LEU A 67 2.62 -3.62 2.11
N GLU A 68 3.11 -3.64 3.35
CA GLU A 68 4.54 -3.55 3.65
C GLU A 68 5.31 -4.77 3.14
N ARG A 69 5.00 -5.93 3.71
CA ARG A 69 5.61 -7.21 3.32
C ARG A 69 5.54 -7.39 1.81
N TYR A 70 4.57 -6.74 1.21
CA TYR A 70 4.41 -6.80 -0.22
C TYR A 70 5.46 -5.95 -0.93
N VAL A 71 5.46 -4.65 -0.67
CA VAL A 71 6.35 -3.76 -1.40
C VAL A 71 7.79 -4.06 -1.08
N THR A 72 8.05 -4.42 0.15
CA THR A 72 9.39 -4.76 0.55
C THR A 72 9.85 -6.00 -0.24
N SER A 73 8.89 -6.82 -0.68
CA SER A 73 9.22 -7.98 -1.48
C SER A 73 9.61 -7.56 -2.90
N CYS A 74 8.99 -6.47 -3.37
CA CYS A 74 9.20 -5.97 -4.71
C CYS A 74 10.43 -5.06 -4.77
N LEU A 75 10.61 -4.30 -3.71
CA LEU A 75 11.72 -3.35 -3.62
C LEU A 75 13.03 -4.04 -3.24
N ARG A 76 13.00 -4.92 -2.23
CA ARG A 76 14.20 -5.65 -1.84
C ARG A 76 14.65 -6.55 -2.98
N LYS A 77 13.68 -7.19 -3.63
CA LYS A 77 13.96 -8.05 -4.77
C LYS A 77 13.24 -7.53 -6.00
N LYS A 78 13.93 -6.68 -6.75
CA LYS A 78 13.32 -5.97 -7.87
C LYS A 78 12.95 -6.93 -9.00
N ARG A 79 13.96 -7.58 -9.57
CA ARG A 79 13.77 -8.49 -10.70
C ARG A 79 13.09 -7.78 -11.88
N LYS A 80 13.90 -7.22 -12.75
CA LYS A 80 13.41 -6.59 -13.96
C LYS A 80 13.60 -7.52 -15.15
N PRO A 81 12.52 -8.20 -15.58
CA PRO A 81 12.57 -9.16 -16.70
C PRO A 81 13.11 -8.53 -17.98
N GLN A 82 13.85 -9.33 -18.74
CA GLN A 82 14.50 -8.87 -19.96
C GLN A 82 14.29 -9.88 -21.10
N ALA A 83 13.04 -10.24 -21.33
CA ALA A 83 12.70 -11.19 -22.37
C ALA A 83 12.15 -10.47 -23.59
N LYS B 1 -1.91 13.28 4.37
CA LYS B 1 -0.64 12.52 4.51
C LYS B 1 -0.31 11.79 3.22
N TRP B 2 -1.22 10.92 2.79
CA TRP B 2 -1.03 10.11 1.61
C TRP B 2 -2.27 10.19 0.74
N THR B 3 -2.71 11.41 0.48
CA THR B 3 -3.89 11.65 -0.31
C THR B 3 -3.57 11.63 -1.81
N LEU B 4 -4.51 12.08 -2.63
CA LEU B 4 -4.39 12.00 -4.08
C LEU B 4 -3.05 12.54 -4.61
N GLU B 5 -2.48 13.54 -3.94
CA GLU B 5 -1.24 14.14 -4.40
C GLU B 5 -0.17 13.08 -4.65
N ARG B 6 0.36 12.51 -3.57
CA ARG B 6 1.45 11.56 -3.65
C ARG B 6 1.00 10.31 -4.40
N LEU B 7 -0.04 9.66 -3.88
CA LEU B 7 -0.50 8.39 -4.41
C LEU B 7 -0.99 8.53 -5.85
N LYS B 8 -2.11 9.21 -6.02
CA LYS B 8 -2.80 9.22 -7.31
C LYS B 8 -1.94 9.80 -8.42
N ARG B 9 -1.21 10.89 -8.15
CA ARG B 9 -0.47 11.56 -9.20
C ARG B 9 0.76 10.77 -9.64
N LYS B 10 1.34 9.98 -8.73
CA LYS B 10 2.47 9.15 -9.11
C LYS B 10 1.99 7.77 -9.57
N TYR B 11 0.86 7.34 -9.04
CA TYR B 11 0.24 6.07 -9.41
C TYR B 11 -0.11 6.08 -10.89
N ARG B 12 -0.95 7.02 -11.28
CA ARG B 12 -1.44 7.10 -12.64
C ARG B 12 -0.47 7.86 -13.52
N ASN B 13 0.28 8.79 -12.90
CA ASN B 13 1.25 9.63 -13.61
C ASN B 13 0.53 10.58 -14.57
N SER A 1 -7.40 -16.45 20.26
CA SER A 1 -7.42 -15.04 19.81
C SER A 1 -6.03 -14.42 19.88
N GLU A 2 -5.02 -15.26 20.02
CA GLU A 2 -3.65 -14.78 20.16
C GLU A 2 -3.02 -14.41 18.82
N GLU A 3 -3.49 -15.03 17.74
CA GLU A 3 -2.86 -14.87 16.43
C GLU A 3 -3.17 -13.50 15.83
N GLU A 4 -4.32 -12.93 16.17
CA GLU A 4 -4.67 -11.61 15.67
C GLU A 4 -3.86 -10.53 16.39
N ASP A 5 -3.53 -10.78 17.66
CA ASP A 5 -2.70 -9.85 18.40
C ASP A 5 -1.22 -10.13 18.14
N LYS A 6 -0.96 -11.06 17.22
CA LYS A 6 0.39 -11.33 16.77
C LYS A 6 0.83 -10.23 15.80
N CYS A 7 -0.14 -9.48 15.31
CA CYS A 7 0.13 -8.42 14.36
C CYS A 7 0.23 -7.09 15.11
N LYS A 8 1.39 -6.48 15.05
CA LYS A 8 1.61 -5.21 15.70
C LYS A 8 1.23 -4.06 14.77
N PRO A 9 0.62 -3.00 15.33
CA PRO A 9 0.20 -1.83 14.57
C PRO A 9 1.36 -1.16 13.85
N MET A 10 1.09 -0.66 12.66
CA MET A 10 2.08 0.02 11.87
C MET A 10 2.23 1.46 12.36
N SER A 11 3.42 1.81 12.84
CA SER A 11 3.63 3.10 13.49
C SER A 11 3.67 4.24 12.46
N TYR A 12 3.63 5.49 12.91
CA TYR A 12 3.55 6.64 12.01
C TYR A 12 4.70 6.68 11.00
N GLU A 13 5.93 6.65 11.51
CA GLU A 13 7.11 6.83 10.66
C GLU A 13 7.23 5.65 9.72
N GLU A 14 6.53 4.60 10.10
CA GLU A 14 6.54 3.34 9.41
C GLU A 14 5.46 3.34 8.34
N LYS A 15 4.27 3.79 8.73
CA LYS A 15 3.19 4.07 7.83
C LYS A 15 3.61 5.01 6.71
N ARG A 16 4.15 6.17 7.09
CA ARG A 16 4.57 7.15 6.11
C ARG A 16 5.65 6.59 5.22
N GLN A 17 6.56 5.80 5.79
CA GLN A 17 7.57 5.16 4.97
C GLN A 17 6.92 4.11 4.07
N LEU A 18 5.90 3.43 4.59
CA LEU A 18 5.16 2.43 3.83
C LEU A 18 4.52 3.05 2.61
N SER A 19 3.86 4.19 2.83
CA SER A 19 3.23 4.91 1.75
C SER A 19 4.27 5.25 0.68
N LEU A 20 5.49 5.48 1.14
CA LEU A 20 6.62 5.75 0.26
C LEU A 20 7.12 4.47 -0.43
N ASP A 21 7.38 3.40 0.33
CA ASP A 21 7.77 2.11 -0.25
C ASP A 21 6.76 1.68 -1.31
N ILE A 22 5.50 1.92 -1.01
CA ILE A 22 4.40 1.58 -1.92
C ILE A 22 4.39 2.49 -3.16
N ASN A 23 4.73 3.76 -2.98
CA ASN A 23 4.66 4.72 -4.08
C ASN A 23 5.93 4.64 -4.94
N LYS A 24 6.96 3.99 -4.41
CA LYS A 24 8.16 3.67 -5.18
C LYS A 24 7.84 2.69 -6.29
N LEU A 25 6.91 1.78 -6.01
CA LEU A 25 6.50 0.78 -6.97
C LEU A 25 6.06 1.40 -8.28
N PRO A 26 6.35 0.73 -9.40
CA PRO A 26 5.80 1.10 -10.69
C PRO A 26 4.26 1.01 -10.67
N GLY A 27 3.60 1.82 -11.51
CA GLY A 27 2.15 1.91 -11.49
C GLY A 27 1.44 0.57 -11.40
N GLU A 28 1.88 -0.37 -12.22
CA GLU A 28 1.34 -1.74 -12.23
C GLU A 28 1.32 -2.35 -10.82
N LYS A 29 2.40 -2.14 -10.08
CA LYS A 29 2.58 -2.76 -8.79
C LYS A 29 1.71 -2.11 -7.71
N LEU A 30 1.36 -0.85 -7.88
CA LEU A 30 0.44 -0.22 -6.94
C LEU A 30 -0.97 -0.75 -7.15
N GLY A 31 -1.16 -1.45 -8.26
CA GLY A 31 -2.42 -2.13 -8.51
C GLY A 31 -2.65 -3.26 -7.54
N ARG A 32 -1.58 -3.71 -6.93
CA ARG A 32 -1.63 -4.74 -5.90
C ARG A 32 -2.09 -4.17 -4.57
N VAL A 33 -1.45 -3.09 -4.11
CA VAL A 33 -1.80 -2.46 -2.84
C VAL A 33 -3.22 -1.93 -2.86
N VAL A 34 -3.64 -1.31 -3.98
CA VAL A 34 -5.01 -0.86 -4.09
C VAL A 34 -5.96 -2.05 -4.01
N HIS A 35 -5.54 -3.17 -4.58
CA HIS A 35 -6.31 -4.40 -4.52
C HIS A 35 -6.36 -4.92 -3.09
N ILE A 36 -5.21 -4.95 -2.42
CA ILE A 36 -5.17 -5.36 -1.02
C ILE A 36 -6.03 -4.44 -0.17
N ILE A 37 -5.65 -3.18 -0.10
CA ILE A 37 -6.37 -2.19 0.69
C ILE A 37 -7.88 -2.22 0.44
N GLN A 38 -8.30 -2.15 -0.82
CA GLN A 38 -9.73 -2.12 -1.15
C GLN A 38 -10.46 -3.37 -0.63
N SER A 39 -9.84 -4.52 -0.76
CA SER A 39 -10.44 -5.77 -0.31
C SER A 39 -10.46 -5.86 1.21
N ARG A 40 -9.43 -5.32 1.83
CA ARG A 40 -9.29 -5.37 3.28
C ARG A 40 -10.07 -4.22 3.93
N GLU A 41 -10.33 -3.19 3.15
CA GLU A 41 -11.02 -2.01 3.64
C GLU A 41 -12.28 -1.74 2.79
N PRO A 42 -13.39 -2.41 3.12
CA PRO A 42 -14.66 -2.30 2.36
C PRO A 42 -15.19 -0.87 2.22
N SER A 43 -14.61 0.07 2.96
CA SER A 43 -15.09 1.44 2.96
C SER A 43 -14.59 2.22 1.76
N LEU A 44 -13.44 1.82 1.21
CA LEU A 44 -12.80 2.61 0.17
C LEU A 44 -12.87 1.94 -1.19
N LYS A 45 -13.79 1.00 -1.36
CA LYS A 45 -13.97 0.36 -2.66
C LYS A 45 -14.71 1.30 -3.61
N ASN A 46 -14.96 2.52 -3.13
CA ASN A 46 -15.54 3.57 -3.94
C ASN A 46 -14.45 4.24 -4.77
N SER A 47 -13.21 4.11 -4.30
CA SER A 47 -12.07 4.64 -5.02
C SER A 47 -11.69 3.69 -6.14
N ASN A 48 -11.77 4.17 -7.36
CA ASN A 48 -11.43 3.38 -8.53
C ASN A 48 -9.92 3.21 -8.57
N PRO A 49 -9.41 1.98 -8.79
CA PRO A 49 -7.96 1.69 -8.70
C PRO A 49 -7.10 2.52 -9.65
N ASP A 50 -7.72 3.08 -10.69
CA ASP A 50 -6.99 3.88 -11.68
C ASP A 50 -6.99 5.35 -11.27
N GLU A 51 -7.78 5.66 -10.26
CA GLU A 51 -7.93 7.01 -9.72
C GLU A 51 -7.91 6.93 -8.19
N ILE A 52 -7.20 5.93 -7.70
CA ILE A 52 -7.23 5.56 -6.29
C ILE A 52 -6.78 6.68 -5.35
N GLU A 53 -7.34 6.69 -4.16
CA GLU A 53 -6.84 7.52 -3.08
C GLU A 53 -6.91 6.71 -1.77
N ILE A 54 -5.79 6.10 -1.40
CA ILE A 54 -5.73 5.26 -0.21
C ILE A 54 -5.40 6.11 1.01
N ASP A 55 -6.05 5.83 2.11
CA ASP A 55 -5.75 6.54 3.34
C ASP A 55 -5.10 5.62 4.35
N PHE A 56 -3.82 5.84 4.58
CA PHE A 56 -3.04 4.97 5.45
C PHE A 56 -3.50 5.08 6.90
N GLU A 57 -4.30 6.10 7.18
CA GLU A 57 -4.76 6.35 8.52
C GLU A 57 -6.06 5.60 8.82
N THR A 58 -6.66 5.06 7.77
CA THR A 58 -7.92 4.37 7.91
C THR A 58 -7.74 2.86 7.83
N LEU A 59 -6.63 2.45 7.21
CA LEU A 59 -6.35 1.03 7.01
C LEU A 59 -6.15 0.34 8.34
N LYS A 60 -6.69 -0.86 8.46
CA LYS A 60 -6.51 -1.66 9.65
C LYS A 60 -5.11 -2.30 9.63
N PRO A 61 -4.46 -2.45 10.81
CA PRO A 61 -3.09 -3.01 10.94
C PRO A 61 -2.76 -4.11 9.92
N SER A 62 -3.64 -5.09 9.79
CA SER A 62 -3.40 -6.23 8.93
C SER A 62 -3.13 -5.80 7.48
N THR A 63 -3.94 -4.87 6.97
CA THR A 63 -3.76 -4.37 5.61
C THR A 63 -2.40 -3.73 5.48
N LEU A 64 -2.11 -2.80 6.38
CA LEU A 64 -0.85 -2.06 6.35
C LEU A 64 0.34 -3.00 6.39
N ARG A 65 0.23 -4.06 7.17
CA ARG A 65 1.31 -5.01 7.30
C ARG A 65 1.40 -5.92 6.06
N GLU A 66 0.29 -6.08 5.35
CA GLU A 66 0.30 -6.85 4.11
C GLU A 66 0.93 -6.01 3.01
N LEU A 67 0.52 -4.75 2.96
CA LEU A 67 1.06 -3.79 2.00
C LEU A 67 2.57 -3.76 2.08
N GLU A 68 3.08 -3.76 3.30
CA GLU A 68 4.50 -3.66 3.59
C GLU A 68 5.29 -4.85 3.06
N ARG A 69 5.01 -6.03 3.61
CA ARG A 69 5.70 -7.25 3.25
C ARG A 69 5.68 -7.43 1.74
N TYR A 70 4.66 -6.86 1.14
CA TYR A 70 4.50 -6.92 -0.28
C TYR A 70 5.53 -6.02 -0.98
N VAL A 71 5.52 -4.73 -0.67
CA VAL A 71 6.37 -3.79 -1.39
C VAL A 71 7.83 -4.06 -1.11
N THR A 72 8.14 -4.46 0.10
CA THR A 72 9.50 -4.77 0.45
C THR A 72 9.95 -5.98 -0.38
N SER A 73 9.00 -6.82 -0.79
CA SER A 73 9.32 -7.98 -1.59
C SER A 73 9.65 -7.53 -3.02
N CYS A 74 9.07 -6.40 -3.43
CA CYS A 74 9.28 -5.85 -4.75
C CYS A 74 10.53 -4.98 -4.79
N LEU A 75 10.73 -4.22 -3.74
CA LEU A 75 11.86 -3.29 -3.66
C LEU A 75 13.16 -3.99 -3.28
N ARG A 76 13.11 -4.97 -2.37
CA ARG A 76 14.30 -5.73 -2.01
C ARG A 76 14.75 -6.60 -3.17
N LYS A 77 13.80 -7.18 -3.88
CA LYS A 77 14.08 -8.01 -5.04
C LYS A 77 13.32 -7.48 -6.25
N LYS A 78 13.96 -6.63 -7.04
CA LYS A 78 13.30 -6.02 -8.19
C LYS A 78 13.22 -7.03 -9.33
N ARG A 79 14.34 -7.67 -9.63
CA ARG A 79 14.44 -8.60 -10.75
C ARG A 79 14.03 -7.89 -12.04
N LYS A 80 14.85 -6.93 -12.44
CA LYS A 80 14.53 -6.11 -13.59
C LYS A 80 15.19 -6.67 -14.86
N PRO A 81 14.37 -7.00 -15.86
CA PRO A 81 14.85 -7.53 -17.14
C PRO A 81 15.37 -6.41 -18.05
N GLN A 82 15.15 -5.18 -17.63
CA GLN A 82 15.60 -4.02 -18.38
C GLN A 82 16.77 -3.34 -17.65
N ALA A 83 17.71 -2.82 -18.44
CA ALA A 83 18.86 -2.08 -17.91
C ALA A 83 19.53 -2.81 -16.75
N LYS B 1 -1.09 13.61 3.78
CA LYS B 1 -0.01 12.64 4.10
C LYS B 1 0.23 11.70 2.93
N TRP B 2 -0.80 10.95 2.56
CA TRP B 2 -0.70 10.03 1.43
C TRP B 2 -2.01 10.06 0.66
N THR B 3 -2.57 11.25 0.53
CA THR B 3 -3.80 11.44 -0.19
C THR B 3 -3.53 11.56 -1.69
N LEU B 4 -4.53 12.03 -2.43
CA LEU B 4 -4.46 12.08 -3.89
C LEU B 4 -3.15 12.65 -4.42
N GLU B 5 -2.58 13.63 -3.74
CA GLU B 5 -1.37 14.27 -4.22
C GLU B 5 -0.22 13.25 -4.34
N ARG B 6 0.15 12.62 -3.24
CA ARG B 6 1.27 11.69 -3.27
C ARG B 6 0.92 10.43 -4.07
N LEU B 7 -0.16 9.78 -3.67
CA LEU B 7 -0.54 8.51 -4.30
C LEU B 7 -0.98 8.70 -5.73
N LYS B 8 -2.09 9.41 -5.92
CA LYS B 8 -2.73 9.50 -7.23
C LYS B 8 -1.83 10.16 -8.26
N ARG B 9 -1.05 11.16 -7.86
CA ARG B 9 -0.20 11.85 -8.82
C ARG B 9 0.98 10.97 -9.26
N LYS B 10 1.53 10.18 -8.33
CA LYS B 10 2.59 9.25 -8.69
C LYS B 10 2.01 8.05 -9.41
N TYR B 11 0.87 7.57 -8.93
CA TYR B 11 0.20 6.40 -9.49
C TYR B 11 -0.21 6.66 -10.94
N ARG B 12 -0.48 7.92 -11.25
CA ARG B 12 -0.94 8.30 -12.58
C ARG B 12 0.23 8.43 -13.55
N ASN B 13 1.45 8.31 -13.03
CA ASN B 13 2.64 8.45 -13.85
C ASN B 13 3.34 7.11 -14.03
N SER A 1 -6.76 -18.23 14.34
CA SER A 1 -7.53 -16.98 14.22
C SER A 1 -6.98 -15.89 15.16
N GLU A 2 -5.76 -16.09 15.63
CA GLU A 2 -5.12 -15.10 16.50
C GLU A 2 -4.18 -14.19 15.70
N GLU A 3 -4.19 -14.35 14.38
CA GLU A 3 -3.27 -13.60 13.52
C GLU A 3 -3.59 -12.12 13.56
N GLU A 4 -4.86 -11.80 13.35
CA GLU A 4 -5.31 -10.43 13.28
C GLU A 4 -5.14 -9.69 14.61
N ASP A 5 -5.17 -10.43 15.71
CA ASP A 5 -5.03 -9.81 17.03
C ASP A 5 -3.59 -9.91 17.53
N LYS A 6 -2.72 -10.43 16.68
CA LYS A 6 -1.30 -10.57 17.02
C LYS A 6 -0.49 -9.59 16.18
N CYS A 7 -1.19 -8.86 15.31
CA CYS A 7 -0.55 -7.92 14.42
C CYS A 7 -0.07 -6.69 15.18
N LYS A 8 1.19 -6.35 15.00
CA LYS A 8 1.75 -5.14 15.55
C LYS A 8 1.28 -3.96 14.70
N PRO A 9 0.66 -2.95 15.31
CA PRO A 9 0.14 -1.79 14.59
C PRO A 9 1.25 -1.00 13.91
N MET A 10 1.04 -0.64 12.67
CA MET A 10 2.03 0.09 11.90
C MET A 10 2.12 1.52 12.40
N SER A 11 3.27 1.87 12.95
CA SER A 11 3.47 3.19 13.56
C SER A 11 3.57 4.27 12.49
N TYR A 12 3.64 5.53 12.92
CA TYR A 12 3.65 6.66 12.00
C TYR A 12 4.78 6.58 10.99
N GLU A 13 6.00 6.52 11.49
CA GLU A 13 7.17 6.53 10.62
C GLU A 13 7.22 5.27 9.76
N GLU A 14 6.45 4.27 10.14
CA GLU A 14 6.34 3.07 9.33
C GLU A 14 5.29 3.28 8.26
N LYS A 15 4.14 3.82 8.67
CA LYS A 15 3.09 4.21 7.75
C LYS A 15 3.60 5.18 6.70
N ARG A 16 4.26 6.23 7.14
CA ARG A 16 4.84 7.22 6.26
C ARG A 16 5.82 6.57 5.30
N GLN A 17 6.68 5.70 5.81
CA GLN A 17 7.64 5.05 4.95
C GLN A 17 6.93 4.08 4.04
N LEU A 18 5.92 3.38 4.56
CA LEU A 18 5.14 2.42 3.79
C LEU A 18 4.51 3.08 2.59
N SER A 19 3.83 4.19 2.84
CA SER A 19 3.20 4.95 1.78
C SER A 19 4.24 5.32 0.73
N LEU A 20 5.46 5.54 1.19
CA LEU A 20 6.59 5.84 0.31
C LEU A 20 7.10 4.58 -0.43
N ASP A 21 7.40 3.51 0.30
CA ASP A 21 7.83 2.26 -0.30
C ASP A 21 6.82 1.80 -1.34
N ILE A 22 5.56 1.97 -0.99
CA ILE A 22 4.45 1.62 -1.86
C ILE A 22 4.43 2.54 -3.10
N ASN A 23 4.68 3.82 -2.91
CA ASN A 23 4.65 4.76 -4.03
C ASN A 23 5.89 4.64 -4.89
N LYS A 24 6.92 3.94 -4.39
CA LYS A 24 8.10 3.64 -5.17
C LYS A 24 7.78 2.65 -6.28
N LEU A 25 6.79 1.80 -6.03
CA LEU A 25 6.37 0.79 -6.98
C LEU A 25 5.90 1.42 -8.28
N PRO A 26 6.20 0.77 -9.41
CA PRO A 26 5.62 1.13 -10.70
C PRO A 26 4.10 1.00 -10.65
N GLY A 27 3.40 1.72 -11.53
CA GLY A 27 1.95 1.81 -11.48
C GLY A 27 1.27 0.45 -11.34
N GLU A 28 1.72 -0.52 -12.13
CA GLU A 28 1.16 -1.87 -12.13
C GLU A 28 1.23 -2.49 -10.73
N LYS A 29 2.31 -2.24 -10.02
CA LYS A 29 2.53 -2.85 -8.73
C LYS A 29 1.66 -2.21 -7.65
N LEU A 30 1.28 -0.96 -7.85
CA LEU A 30 0.36 -0.31 -6.93
C LEU A 30 -1.05 -0.87 -7.13
N GLY A 31 -1.24 -1.57 -8.24
CA GLY A 31 -2.50 -2.27 -8.48
C GLY A 31 -2.69 -3.41 -7.50
N ARG A 32 -1.61 -3.80 -6.86
CA ARG A 32 -1.65 -4.81 -5.80
C ARG A 32 -2.08 -4.20 -4.47
N VAL A 33 -1.40 -3.15 -4.03
CA VAL A 33 -1.73 -2.50 -2.75
C VAL A 33 -3.15 -1.95 -2.76
N VAL A 34 -3.58 -1.36 -3.87
CA VAL A 34 -4.95 -0.92 -3.98
C VAL A 34 -5.89 -2.12 -3.86
N HIS A 35 -5.51 -3.23 -4.47
CA HIS A 35 -6.29 -4.45 -4.39
C HIS A 35 -6.33 -4.97 -2.95
N ILE A 36 -5.17 -4.96 -2.29
CA ILE A 36 -5.10 -5.35 -0.90
C ILE A 36 -5.96 -4.42 -0.05
N ILE A 37 -5.61 -3.15 -0.03
CA ILE A 37 -6.34 -2.17 0.75
C ILE A 37 -7.84 -2.20 0.47
N GLN A 38 -8.24 -2.10 -0.80
CA GLN A 38 -9.66 -2.05 -1.16
C GLN A 38 -10.43 -3.29 -0.70
N SER A 39 -9.78 -4.45 -0.78
CA SER A 39 -10.41 -5.69 -0.36
C SER A 39 -10.48 -5.76 1.17
N ARG A 40 -9.39 -5.37 1.82
CA ARG A 40 -9.29 -5.43 3.27
C ARG A 40 -10.10 -4.30 3.91
N GLU A 41 -10.23 -3.20 3.19
CA GLU A 41 -10.96 -2.03 3.66
C GLU A 41 -12.18 -1.78 2.77
N PRO A 42 -13.31 -2.43 3.05
CA PRO A 42 -14.54 -2.30 2.25
C PRO A 42 -15.12 -0.88 2.24
N SER A 43 -14.44 0.05 2.88
CA SER A 43 -14.94 1.42 2.99
C SER A 43 -14.41 2.30 1.85
N LEU A 44 -13.45 1.78 1.08
CA LEU A 44 -12.83 2.59 0.04
C LEU A 44 -12.83 1.92 -1.33
N LYS A 45 -13.79 1.03 -1.55
CA LYS A 45 -13.89 0.35 -2.84
C LYS A 45 -14.58 1.24 -3.88
N ASN A 46 -14.85 2.49 -3.49
CA ASN A 46 -15.44 3.46 -4.41
C ASN A 46 -14.35 4.05 -5.30
N SER A 47 -13.14 4.13 -4.75
CA SER A 47 -11.98 4.62 -5.49
C SER A 47 -11.57 3.61 -6.56
N ASN A 48 -11.33 4.13 -7.76
CA ASN A 48 -10.90 3.30 -8.88
C ASN A 48 -9.38 3.15 -8.84
N PRO A 49 -8.82 1.95 -9.06
CA PRO A 49 -7.38 1.69 -8.86
C PRO A 49 -6.45 2.72 -9.50
N ASP A 50 -6.75 3.14 -10.72
CA ASP A 50 -5.85 4.02 -11.48
C ASP A 50 -6.03 5.47 -11.06
N GLU A 51 -7.06 5.70 -10.27
CA GLU A 51 -7.36 7.03 -9.73
C GLU A 51 -7.54 6.92 -8.22
N ILE A 52 -6.85 5.95 -7.65
CA ILE A 52 -6.96 5.60 -6.24
C ILE A 52 -6.42 6.73 -5.34
N GLU A 53 -6.99 6.82 -4.14
CA GLU A 53 -6.40 7.61 -3.07
C GLU A 53 -6.57 6.84 -1.77
N ILE A 54 -5.50 6.16 -1.34
CA ILE A 54 -5.57 5.29 -0.16
C ILE A 54 -5.30 6.08 1.10
N ASP A 55 -6.16 5.90 2.10
CA ASP A 55 -5.97 6.56 3.37
C ASP A 55 -5.25 5.62 4.33
N PHE A 56 -3.95 5.84 4.51
CA PHE A 56 -3.15 4.98 5.35
C PHE A 56 -3.58 5.05 6.80
N GLU A 57 -4.34 6.09 7.10
CA GLU A 57 -4.81 6.34 8.46
C GLU A 57 -6.08 5.58 8.77
N THR A 58 -6.72 5.02 7.76
CA THR A 58 -7.96 4.31 7.96
C THR A 58 -7.77 2.80 7.88
N LEU A 59 -6.70 2.39 7.21
CA LEU A 59 -6.43 0.97 7.02
C LEU A 59 -6.25 0.26 8.33
N LYS A 60 -6.78 -0.94 8.44
CA LYS A 60 -6.60 -1.75 9.63
C LYS A 60 -5.18 -2.36 9.63
N PRO A 61 -4.54 -2.50 10.82
CA PRO A 61 -3.18 -3.03 10.96
C PRO A 61 -2.80 -4.12 9.96
N SER A 62 -3.66 -5.12 9.83
CA SER A 62 -3.39 -6.26 8.94
C SER A 62 -3.07 -5.79 7.53
N THR A 63 -3.90 -4.89 7.00
CA THR A 63 -3.71 -4.38 5.65
C THR A 63 -2.36 -3.71 5.52
N LEU A 64 -2.09 -2.79 6.44
CA LEU A 64 -0.84 -2.02 6.42
C LEU A 64 0.37 -2.94 6.46
N ARG A 65 0.26 -4.02 7.20
CA ARG A 65 1.38 -4.95 7.33
C ARG A 65 1.47 -5.87 6.10
N GLU A 66 0.35 -6.05 5.41
CA GLU A 66 0.34 -6.81 4.17
C GLU A 66 0.98 -5.99 3.07
N LEU A 67 0.59 -4.72 3.02
CA LEU A 67 1.13 -3.75 2.08
C LEU A 67 2.67 -3.71 2.17
N GLU A 68 3.14 -3.76 3.42
CA GLU A 68 4.56 -3.65 3.76
C GLU A 68 5.39 -4.82 3.21
N ARG A 69 5.13 -6.01 3.75
CA ARG A 69 5.79 -7.26 3.31
C ARG A 69 5.72 -7.39 1.80
N TYR A 70 4.69 -6.80 1.23
CA TYR A 70 4.49 -6.87 -0.19
C TYR A 70 5.52 -6.01 -0.94
N VAL A 71 5.53 -4.72 -0.66
CA VAL A 71 6.39 -3.82 -1.43
C VAL A 71 7.84 -4.09 -1.20
N THR A 72 8.19 -4.48 0.01
CA THR A 72 9.55 -4.82 0.31
C THR A 72 9.97 -6.04 -0.51
N SER A 73 8.98 -6.84 -0.93
CA SER A 73 9.26 -8.00 -1.76
C SER A 73 9.57 -7.54 -3.19
N CYS A 74 9.01 -6.40 -3.57
CA CYS A 74 9.17 -5.82 -4.89
C CYS A 74 10.42 -4.94 -4.95
N LEU A 75 10.61 -4.19 -3.88
CA LEU A 75 11.71 -3.23 -3.79
C LEU A 75 13.05 -3.91 -3.47
N ARG A 76 13.05 -4.85 -2.53
CA ARG A 76 14.29 -5.56 -2.20
C ARG A 76 14.79 -6.36 -3.39
N LYS A 77 13.86 -7.02 -4.08
CA LYS A 77 14.20 -7.84 -5.23
C LYS A 77 13.40 -7.41 -6.45
N LYS A 78 14.08 -6.80 -7.41
CA LYS A 78 13.44 -6.33 -8.62
C LYS A 78 12.84 -7.51 -9.39
N ARG A 79 13.66 -8.53 -9.64
CA ARG A 79 13.25 -9.72 -10.35
C ARG A 79 12.91 -9.42 -11.81
N LYS A 80 13.34 -10.31 -12.70
CA LYS A 80 13.03 -10.21 -14.11
C LYS A 80 11.60 -10.67 -14.34
N PRO A 81 10.80 -9.88 -15.09
CA PRO A 81 9.39 -10.19 -15.34
C PRO A 81 9.23 -11.37 -16.30
N GLN A 82 9.01 -12.55 -15.72
CA GLN A 82 8.86 -13.77 -16.51
C GLN A 82 7.46 -13.83 -17.12
N ALA A 83 7.25 -13.04 -18.14
CA ALA A 83 5.98 -12.99 -18.85
C ALA A 83 6.23 -12.96 -20.35
N LYS B 1 -2.31 12.99 4.83
CA LYS B 1 -1.24 11.97 4.75
C LYS B 1 -1.52 11.02 3.58
N TRP B 2 -0.60 11.00 2.62
CA TRP B 2 -0.70 10.13 1.45
C TRP B 2 -1.96 10.48 0.64
N THR B 3 -2.19 11.77 0.48
CA THR B 3 -3.37 12.26 -0.23
C THR B 3 -3.04 12.43 -1.72
N LEU B 4 -3.95 13.13 -2.44
CA LEU B 4 -3.90 13.30 -3.90
C LEU B 4 -2.49 13.24 -4.48
N GLU B 5 -1.69 14.24 -4.12
CA GLU B 5 -0.34 14.39 -4.63
C GLU B 5 0.46 13.09 -4.51
N ARG B 6 0.60 12.63 -3.29
CA ARG B 6 1.48 11.49 -3.01
C ARG B 6 1.12 10.29 -3.87
N LEU B 7 -0.02 9.68 -3.59
CA LEU B 7 -0.38 8.45 -4.26
C LEU B 7 -0.83 8.70 -5.69
N LYS B 8 -1.93 9.41 -5.88
CA LYS B 8 -2.55 9.50 -7.20
C LYS B 8 -1.64 10.20 -8.21
N ARG B 9 -0.91 11.22 -7.75
CA ARG B 9 -0.10 12.00 -8.66
C ARG B 9 1.19 11.26 -9.02
N LYS B 10 1.66 10.37 -8.16
CA LYS B 10 2.82 9.55 -8.52
C LYS B 10 2.38 8.23 -9.16
N TYR B 11 1.23 7.72 -8.76
CA TYR B 11 0.66 6.49 -9.31
C TYR B 11 0.54 6.62 -10.83
N ARG B 12 0.07 7.77 -11.26
CA ARG B 12 -0.21 8.03 -12.66
C ARG B 12 0.99 8.67 -13.35
N ASN B 13 2.09 8.80 -12.63
CA ASN B 13 3.29 9.42 -13.17
C ASN B 13 4.41 8.40 -13.33
N SER A 1 0.08 -19.66 15.83
CA SER A 1 -0.98 -18.90 15.14
C SER A 1 -1.32 -17.62 15.91
N GLU A 2 -0.38 -17.14 16.71
CA GLU A 2 -0.62 -15.97 17.53
C GLU A 2 -0.10 -14.70 16.87
N GLU A 3 0.37 -14.80 15.63
CA GLU A 3 0.96 -13.65 14.98
C GLU A 3 -0.12 -12.74 14.44
N GLU A 4 -1.25 -13.32 14.04
CA GLU A 4 -2.37 -12.56 13.49
C GLU A 4 -2.89 -11.52 14.49
N ASP A 5 -2.84 -11.86 15.77
CA ASP A 5 -3.28 -10.94 16.82
C ASP A 5 -2.11 -10.14 17.35
N LYS A 6 -0.91 -10.55 17.00
CA LYS A 6 0.30 -9.96 17.54
C LYS A 6 0.94 -9.02 16.51
N CYS A 7 0.14 -8.66 15.51
CA CYS A 7 0.60 -7.74 14.48
C CYS A 7 0.68 -6.33 15.04
N LYS A 8 1.90 -5.84 15.23
CA LYS A 8 2.13 -4.51 15.76
C LYS A 8 1.54 -3.45 14.85
N PRO A 9 0.79 -2.49 15.41
CA PRO A 9 0.18 -1.40 14.66
C PRO A 9 1.23 -0.56 13.97
N MET A 10 0.98 -0.23 12.72
CA MET A 10 1.93 0.51 11.93
C MET A 10 1.99 1.97 12.40
N SER A 11 3.13 2.36 12.95
CA SER A 11 3.30 3.70 13.52
C SER A 11 3.31 4.78 12.44
N TYR A 12 3.30 6.04 12.84
CA TYR A 12 3.21 7.15 11.89
C TYR A 12 4.36 7.14 10.88
N GLU A 13 5.59 7.19 11.36
CA GLU A 13 6.75 7.33 10.48
C GLU A 13 6.94 6.04 9.70
N GLU A 14 6.27 5.02 10.17
CA GLU A 14 6.32 3.71 9.61
C GLU A 14 5.28 3.61 8.49
N LYS A 15 4.08 4.10 8.79
CA LYS A 15 3.04 4.33 7.79
C LYS A 15 3.54 5.21 6.67
N ARG A 16 4.07 6.37 7.03
CA ARG A 16 4.57 7.31 6.04
C ARG A 16 5.63 6.66 5.17
N GLN A 17 6.53 5.90 5.77
CA GLN A 17 7.56 5.26 4.99
C GLN A 17 6.93 4.19 4.11
N LEU A 18 5.92 3.50 4.64
CA LEU A 18 5.20 2.46 3.94
C LEU A 18 4.52 3.03 2.70
N SER A 19 3.89 4.18 2.88
CA SER A 19 3.24 4.88 1.78
C SER A 19 4.27 5.22 0.71
N LEU A 20 5.48 5.50 1.18
CA LEU A 20 6.59 5.82 0.30
C LEU A 20 7.14 4.56 -0.40
N ASP A 21 7.40 3.49 0.36
CA ASP A 21 7.81 2.23 -0.23
C ASP A 21 6.82 1.80 -1.31
N ILE A 22 5.55 1.97 -0.99
CA ILE A 22 4.48 1.64 -1.92
C ILE A 22 4.50 2.54 -3.15
N ASN A 23 4.73 3.83 -2.96
CA ASN A 23 4.75 4.78 -4.07
C ASN A 23 6.03 4.64 -4.90
N LYS A 24 7.01 3.89 -4.38
CA LYS A 24 8.20 3.57 -5.14
C LYS A 24 7.88 2.59 -6.26
N LEU A 25 6.88 1.74 -6.02
CA LEU A 25 6.46 0.76 -6.99
C LEU A 25 6.02 1.41 -8.30
N PRO A 26 6.32 0.75 -9.42
CA PRO A 26 5.76 1.14 -10.71
C PRO A 26 4.23 1.02 -10.71
N GLY A 27 3.57 1.76 -11.60
CA GLY A 27 2.11 1.87 -11.57
C GLY A 27 1.39 0.53 -11.43
N GLU A 28 1.82 -0.45 -12.22
CA GLU A 28 1.22 -1.79 -12.19
C GLU A 28 1.25 -2.39 -10.78
N LYS A 29 2.35 -2.15 -10.07
CA LYS A 29 2.56 -2.76 -8.76
C LYS A 29 1.70 -2.10 -7.69
N LEU A 30 1.33 -0.85 -7.90
CA LEU A 30 0.42 -0.19 -6.99
C LEU A 30 -1.00 -0.71 -7.19
N GLY A 31 -1.19 -1.43 -8.28
CA GLY A 31 -2.47 -2.07 -8.52
C GLY A 31 -2.72 -3.20 -7.54
N ARG A 32 -1.65 -3.66 -6.91
CA ARG A 32 -1.74 -4.68 -5.88
C ARG A 32 -2.15 -4.09 -4.53
N VAL A 33 -1.44 -3.05 -4.09
CA VAL A 33 -1.76 -2.41 -2.81
C VAL A 33 -3.17 -1.87 -2.78
N VAL A 34 -3.62 -1.26 -3.87
CA VAL A 34 -4.99 -0.80 -3.96
C VAL A 34 -5.94 -1.99 -3.82
N HIS A 35 -5.58 -3.09 -4.45
CA HIS A 35 -6.37 -4.32 -4.37
C HIS A 35 -6.37 -4.86 -2.95
N ILE A 36 -5.20 -4.90 -2.31
CA ILE A 36 -5.11 -5.33 -0.91
C ILE A 36 -5.97 -4.43 -0.04
N ILE A 37 -5.60 -3.15 0.01
CA ILE A 37 -6.33 -2.18 0.81
C ILE A 37 -7.84 -2.23 0.56
N GLN A 38 -8.27 -2.10 -0.68
CA GLN A 38 -9.69 -2.07 -1.01
C GLN A 38 -10.43 -3.32 -0.54
N SER A 39 -9.78 -4.49 -0.65
CA SER A 39 -10.38 -5.73 -0.21
C SER A 39 -10.44 -5.81 1.31
N ARG A 40 -9.37 -5.35 1.96
CA ARG A 40 -9.27 -5.38 3.41
C ARG A 40 -10.09 -4.24 4.02
N GLU A 41 -10.31 -3.20 3.23
CA GLU A 41 -11.03 -2.01 3.67
C GLU A 41 -12.22 -1.73 2.74
N PRO A 42 -13.34 -2.44 2.94
CA PRO A 42 -14.53 -2.34 2.06
C PRO A 42 -15.13 -0.93 1.96
N SER A 43 -14.63 0.01 2.75
CA SER A 43 -15.19 1.34 2.79
C SER A 43 -14.60 2.22 1.69
N LEU A 44 -13.43 1.88 1.18
CA LEU A 44 -12.75 2.74 0.22
C LEU A 44 -12.79 2.17 -1.18
N LYS A 45 -13.69 1.24 -1.44
CA LYS A 45 -13.83 0.69 -2.78
C LYS A 45 -14.59 1.66 -3.69
N ASN A 46 -14.88 2.85 -3.16
CA ASN A 46 -15.45 3.93 -3.96
C ASN A 46 -14.35 4.54 -4.83
N SER A 47 -13.13 4.48 -4.32
CA SER A 47 -11.96 4.93 -5.07
C SER A 47 -11.65 3.92 -6.17
N ASN A 48 -11.63 4.39 -7.40
CA ASN A 48 -11.31 3.55 -8.55
C ASN A 48 -9.81 3.31 -8.56
N PRO A 49 -9.31 2.07 -8.72
CA PRO A 49 -7.86 1.78 -8.59
C PRO A 49 -6.98 2.73 -9.41
N ASP A 50 -7.45 3.06 -10.61
CA ASP A 50 -6.67 3.86 -11.56
C ASP A 50 -6.66 5.35 -11.14
N GLU A 51 -7.56 5.68 -10.24
CA GLU A 51 -7.65 7.03 -9.67
C GLU A 51 -7.69 6.94 -8.15
N ILE A 52 -7.02 5.93 -7.63
CA ILE A 52 -7.07 5.59 -6.21
C ILE A 52 -6.54 6.73 -5.32
N GLU A 53 -7.09 6.82 -4.12
CA GLU A 53 -6.56 7.67 -3.08
C GLU A 53 -6.66 6.91 -1.75
N ILE A 54 -5.56 6.27 -1.34
CA ILE A 54 -5.58 5.38 -0.18
C ILE A 54 -5.34 6.16 1.10
N ASP A 55 -6.22 5.97 2.07
CA ASP A 55 -6.06 6.60 3.35
C ASP A 55 -5.31 5.65 4.29
N PHE A 56 -4.00 5.87 4.42
CA PHE A 56 -3.18 5.02 5.26
C PHE A 56 -3.63 5.10 6.71
N GLU A 57 -4.46 6.08 6.98
CA GLU A 57 -4.95 6.36 8.31
C GLU A 57 -6.18 5.52 8.65
N THR A 58 -6.82 4.96 7.65
CA THR A 58 -8.04 4.20 7.87
C THR A 58 -7.78 2.71 7.77
N LEU A 59 -6.68 2.34 7.14
CA LEU A 59 -6.34 0.94 6.95
C LEU A 59 -6.12 0.25 8.29
N LYS A 60 -6.63 -0.95 8.42
CA LYS A 60 -6.45 -1.74 9.63
C LYS A 60 -5.01 -2.30 9.65
N PRO A 61 -4.39 -2.41 10.85
CA PRO A 61 -3.01 -2.90 11.02
C PRO A 61 -2.60 -3.99 10.02
N SER A 62 -3.43 -5.01 9.87
CA SER A 62 -3.10 -6.14 9.02
C SER A 62 -2.85 -5.70 7.57
N THR A 63 -3.70 -4.80 7.06
CA THR A 63 -3.57 -4.32 5.69
C THR A 63 -2.23 -3.64 5.53
N LEU A 64 -1.95 -2.71 6.42
CA LEU A 64 -0.73 -1.92 6.38
C LEU A 64 0.50 -2.83 6.40
N ARG A 65 0.40 -3.93 7.13
CA ARG A 65 1.49 -4.88 7.23
C ARG A 65 1.54 -5.82 6.03
N GLU A 66 0.40 -6.01 5.38
CA GLU A 66 0.36 -6.81 4.16
C GLU A 66 0.96 -5.99 3.03
N LEU A 67 0.57 -4.72 2.99
CA LEU A 67 1.11 -3.77 2.04
C LEU A 67 2.64 -3.75 2.11
N GLU A 68 3.13 -3.78 3.35
CA GLU A 68 4.55 -3.70 3.65
C GLU A 68 5.34 -4.89 3.11
N ARG A 69 5.02 -6.10 3.60
CA ARG A 69 5.69 -7.34 3.16
C ARG A 69 5.63 -7.46 1.66
N TYR A 70 4.63 -6.83 1.08
CA TYR A 70 4.43 -6.90 -0.33
C TYR A 70 5.44 -6.02 -1.06
N VAL A 71 5.43 -4.72 -0.78
CA VAL A 71 6.32 -3.81 -1.48
C VAL A 71 7.75 -4.11 -1.17
N THR A 72 7.99 -4.46 0.08
CA THR A 72 9.30 -4.85 0.51
C THR A 72 9.78 -6.05 -0.32
N SER A 73 8.84 -6.88 -0.77
CA SER A 73 9.20 -8.02 -1.59
C SER A 73 9.56 -7.58 -3.01
N CYS A 74 8.94 -6.48 -3.43
CA CYS A 74 9.16 -5.94 -4.77
C CYS A 74 10.39 -5.04 -4.81
N LEU A 75 10.58 -4.30 -3.73
CA LEU A 75 11.69 -3.37 -3.60
C LEU A 75 12.99 -4.07 -3.21
N ARG A 76 12.92 -4.97 -2.23
CA ARG A 76 14.10 -5.72 -1.84
C ARG A 76 14.53 -6.67 -2.96
N LYS A 77 13.55 -7.38 -3.51
CA LYS A 77 13.81 -8.31 -4.60
C LYS A 77 13.38 -7.68 -5.92
N LYS A 78 14.28 -6.89 -6.49
CA LYS A 78 13.97 -6.12 -7.68
C LYS A 78 14.01 -7.01 -8.92
N ARG A 79 13.62 -6.44 -10.06
CA ARG A 79 13.59 -7.16 -11.32
C ARG A 79 13.51 -6.17 -12.47
N LYS A 80 14.64 -5.92 -13.12
CA LYS A 80 14.69 -4.97 -14.22
C LYS A 80 13.83 -5.46 -15.40
N PRO A 81 12.76 -4.72 -15.72
CA PRO A 81 11.87 -5.06 -16.83
C PRO A 81 12.40 -4.57 -18.17
N GLN A 82 13.63 -4.95 -18.48
CA GLN A 82 14.29 -4.55 -19.71
C GLN A 82 15.50 -5.44 -19.96
N ALA A 83 15.34 -6.40 -20.87
CA ALA A 83 16.41 -7.35 -21.17
C ALA A 83 17.30 -6.81 -22.29
N LYS B 1 -2.50 12.63 4.30
CA LYS B 1 -1.05 12.38 4.14
C LYS B 1 -0.77 11.79 2.77
N TRP B 2 -1.17 10.53 2.60
CA TRP B 2 -0.94 9.78 1.37
C TRP B 2 -2.14 9.94 0.45
N THR B 3 -2.44 11.19 0.15
CA THR B 3 -3.64 11.54 -0.58
C THR B 3 -3.36 11.86 -2.05
N LEU B 4 -4.36 12.45 -2.70
CA LEU B 4 -4.35 12.81 -4.13
C LEU B 4 -2.96 13.07 -4.69
N GLU B 5 -2.29 14.09 -4.18
CA GLU B 5 -0.99 14.50 -4.71
C GLU B 5 0.00 13.34 -4.67
N ARG B 6 0.31 12.86 -3.47
CA ARG B 6 1.33 11.82 -3.31
C ARG B 6 1.00 10.57 -4.13
N LEU B 7 -0.10 9.91 -3.79
CA LEU B 7 -0.42 8.62 -4.39
C LEU B 7 -0.85 8.76 -5.84
N LYS B 8 -1.94 9.48 -6.09
CA LYS B 8 -2.57 9.47 -7.39
C LYS B 8 -1.66 10.06 -8.47
N ARG B 9 -0.75 10.95 -8.09
CA ARG B 9 0.15 11.56 -9.04
C ARG B 9 1.30 10.61 -9.39
N LYS B 10 1.85 9.92 -8.39
CA LYS B 10 2.91 8.94 -8.65
C LYS B 10 2.33 7.70 -9.32
N TYR B 11 1.09 7.39 -8.94
CA TYR B 11 0.37 6.24 -9.47
C TYR B 11 0.08 6.46 -10.96
N ARG B 12 -0.12 7.72 -11.34
CA ARG B 12 -0.45 8.07 -12.72
C ARG B 12 0.81 8.27 -13.55
N ASN B 13 1.95 8.35 -12.87
CA ASN B 13 3.23 8.60 -13.54
C ASN B 13 3.61 7.41 -14.41
N SER A 1 -2.12 -17.74 9.55
CA SER A 1 -1.40 -18.07 10.79
C SER A 1 -1.84 -17.14 11.90
N GLU A 2 -1.23 -17.27 13.08
CA GLU A 2 -1.53 -16.39 14.19
C GLU A 2 -1.15 -14.95 13.86
N GLU A 3 -0.13 -14.80 13.00
CA GLU A 3 0.36 -13.47 12.62
C GLU A 3 -0.77 -12.58 12.11
N GLU A 4 -1.72 -13.19 11.41
CA GLU A 4 -2.83 -12.44 10.83
C GLU A 4 -3.60 -11.65 11.89
N ASP A 5 -3.86 -12.30 13.02
CA ASP A 5 -4.63 -11.67 14.09
C ASP A 5 -3.73 -11.08 15.18
N LYS A 6 -2.45 -11.42 15.11
CA LYS A 6 -1.51 -11.09 16.17
C LYS A 6 -0.50 -10.04 15.70
N CYS A 7 -0.65 -9.61 14.46
CA CYS A 7 0.28 -8.66 13.87
C CYS A 7 0.18 -7.30 14.56
N LYS A 8 1.34 -6.77 14.92
CA LYS A 8 1.44 -5.49 15.60
C LYS A 8 1.09 -4.33 14.66
N PRO A 9 0.61 -3.21 15.22
CA PRO A 9 0.15 -2.06 14.44
C PRO A 9 1.31 -1.29 13.82
N MET A 10 1.09 -0.79 12.62
CA MET A 10 2.11 -0.07 11.89
C MET A 10 2.27 1.35 12.44
N SER A 11 3.47 1.65 12.91
CA SER A 11 3.74 2.93 13.55
C SER A 11 3.73 4.07 12.53
N TYR A 12 3.68 5.31 13.01
CA TYR A 12 3.64 6.48 12.12
C TYR A 12 4.78 6.48 11.12
N GLU A 13 6.01 6.46 11.63
CA GLU A 13 7.20 6.51 10.79
C GLU A 13 7.22 5.36 9.79
N GLU A 14 6.54 4.28 10.14
CA GLU A 14 6.48 3.12 9.28
C GLU A 14 5.40 3.33 8.23
N LYS A 15 4.23 3.79 8.68
CA LYS A 15 3.15 4.15 7.80
C LYS A 15 3.58 5.11 6.71
N ARG A 16 4.22 6.21 7.11
CA ARG A 16 4.65 7.20 6.14
C ARG A 16 5.70 6.63 5.20
N GLN A 17 6.62 5.84 5.73
CA GLN A 17 7.60 5.24 4.86
C GLN A 17 6.90 4.21 3.96
N LEU A 18 5.91 3.53 4.51
CA LEU A 18 5.15 2.52 3.81
C LEU A 18 4.43 3.11 2.61
N SER A 19 3.78 4.25 2.81
CA SER A 19 3.10 4.93 1.72
C SER A 19 4.12 5.35 0.66
N LEU A 20 5.36 5.55 1.11
CA LEU A 20 6.46 5.87 0.21
C LEU A 20 7.00 4.62 -0.50
N ASP A 21 7.29 3.55 0.25
CA ASP A 21 7.73 2.29 -0.34
C ASP A 21 6.74 1.81 -1.39
N ILE A 22 5.47 1.99 -1.08
CA ILE A 22 4.40 1.63 -1.99
C ILE A 22 4.40 2.52 -3.23
N ASN A 23 4.69 3.80 -3.05
CA ASN A 23 4.70 4.73 -4.18
C ASN A 23 5.98 4.60 -5.00
N LYS A 24 6.99 3.93 -4.44
CA LYS A 24 8.21 3.62 -5.20
C LYS A 24 7.92 2.62 -6.30
N LEU A 25 6.95 1.75 -6.05
CA LEU A 25 6.57 0.72 -7.01
C LEU A 25 6.16 1.36 -8.34
N PRO A 26 6.45 0.66 -9.44
CA PRO A 26 5.90 1.02 -10.74
C PRO A 26 4.37 0.97 -10.70
N GLY A 27 3.72 1.73 -11.59
CA GLY A 27 2.26 1.87 -11.57
C GLY A 27 1.53 0.55 -11.42
N GLU A 28 1.95 -0.43 -12.21
CA GLU A 28 1.35 -1.77 -12.17
C GLU A 28 1.35 -2.35 -10.76
N LYS A 29 2.43 -2.11 -10.04
CA LYS A 29 2.61 -2.72 -8.74
C LYS A 29 1.76 -2.06 -7.67
N LEU A 30 1.40 -0.80 -7.84
CA LEU A 30 0.47 -0.18 -6.91
C LEU A 30 -0.94 -0.73 -7.13
N GLY A 31 -1.13 -1.42 -8.26
CA GLY A 31 -2.39 -2.09 -8.52
C GLY A 31 -2.65 -3.21 -7.55
N ARG A 32 -1.59 -3.66 -6.90
CA ARG A 32 -1.68 -4.69 -5.87
C ARG A 32 -2.12 -4.11 -4.54
N VAL A 33 -1.44 -3.06 -4.07
CA VAL A 33 -1.78 -2.43 -2.78
C VAL A 33 -3.20 -1.90 -2.78
N VAL A 34 -3.63 -1.29 -3.89
CA VAL A 34 -5.00 -0.85 -3.99
C VAL A 34 -5.93 -2.05 -3.86
N HIS A 35 -5.55 -3.16 -4.49
CA HIS A 35 -6.32 -4.39 -4.42
C HIS A 35 -6.35 -4.92 -2.99
N ILE A 36 -5.20 -4.91 -2.31
CA ILE A 36 -5.15 -5.32 -0.92
C ILE A 36 -6.01 -4.41 -0.06
N ILE A 37 -5.66 -3.13 -0.01
CA ILE A 37 -6.38 -2.15 0.78
C ILE A 37 -7.89 -2.21 0.51
N GLN A 38 -8.30 -2.14 -0.76
CA GLN A 38 -9.73 -2.13 -1.10
C GLN A 38 -10.45 -3.37 -0.59
N SER A 39 -9.81 -4.53 -0.71
CA SER A 39 -10.41 -5.78 -0.27
C SER A 39 -10.48 -5.85 1.26
N ARG A 40 -9.44 -5.34 1.91
CA ARG A 40 -9.34 -5.38 3.36
C ARG A 40 -10.15 -4.25 3.99
N GLU A 41 -10.29 -3.15 3.25
CA GLU A 41 -11.01 -1.99 3.71
C GLU A 41 -12.23 -1.73 2.80
N PRO A 42 -13.36 -2.40 3.07
CA PRO A 42 -14.57 -2.30 2.24
C PRO A 42 -15.15 -0.88 2.15
N SER A 43 -14.54 0.07 2.84
CA SER A 43 -15.05 1.42 2.91
C SER A 43 -14.57 2.26 1.72
N LEU A 44 -13.50 1.81 1.07
CA LEU A 44 -12.88 2.60 0.01
C LEU A 44 -12.93 1.92 -1.34
N LYS A 45 -13.91 1.06 -1.55
CA LYS A 45 -14.05 0.36 -2.83
C LYS A 45 -14.70 1.28 -3.87
N ASN A 46 -15.08 2.48 -3.43
CA ASN A 46 -15.61 3.50 -4.32
C ASN A 46 -14.48 4.06 -5.18
N SER A 47 -13.28 4.04 -4.63
CA SER A 47 -12.10 4.51 -5.34
C SER A 47 -11.70 3.51 -6.42
N ASN A 48 -11.66 3.98 -7.66
CA ASN A 48 -11.25 3.12 -8.77
C ASN A 48 -9.74 2.96 -8.68
N PRO A 49 -9.20 1.76 -8.97
CA PRO A 49 -7.75 1.50 -8.88
C PRO A 49 -6.91 2.40 -9.76
N ASP A 50 -7.52 3.01 -10.77
CA ASP A 50 -6.81 3.89 -11.70
C ASP A 50 -6.89 5.35 -11.27
N GLU A 51 -7.69 5.59 -10.25
CA GLU A 51 -7.90 6.93 -9.69
C GLU A 51 -7.97 6.81 -8.17
N ILE A 52 -7.24 5.82 -7.68
CA ILE A 52 -7.28 5.42 -6.29
C ILE A 52 -6.84 6.53 -5.33
N GLU A 53 -7.43 6.52 -4.13
CA GLU A 53 -6.99 7.38 -3.06
C GLU A 53 -6.99 6.58 -1.75
N ILE A 54 -5.83 6.08 -1.37
CA ILE A 54 -5.71 5.25 -0.17
C ILE A 54 -5.35 6.11 1.03
N ASP A 55 -6.00 5.84 2.15
CA ASP A 55 -5.74 6.58 3.38
C ASP A 55 -5.09 5.67 4.41
N PHE A 56 -3.82 5.93 4.71
CA PHE A 56 -3.05 5.07 5.60
C PHE A 56 -3.51 5.20 7.04
N GLU A 57 -4.39 6.14 7.29
CA GLU A 57 -4.88 6.39 8.64
C GLU A 57 -6.21 5.68 8.85
N THR A 58 -6.73 5.06 7.80
CA THR A 58 -7.98 4.35 7.89
C THR A 58 -7.76 2.85 7.80
N LEU A 59 -6.65 2.44 7.20
CA LEU A 59 -6.36 1.02 7.00
C LEU A 59 -6.15 0.31 8.32
N LYS A 60 -6.67 -0.89 8.43
CA LYS A 60 -6.50 -1.70 9.62
C LYS A 60 -5.07 -2.30 9.62
N PRO A 61 -4.44 -2.42 10.82
CA PRO A 61 -3.08 -2.94 10.99
C PRO A 61 -2.69 -4.03 9.99
N SER A 62 -3.54 -5.04 9.84
CA SER A 62 -3.23 -6.17 8.99
C SER A 62 -2.99 -5.73 7.54
N THR A 63 -3.83 -4.84 7.02
CA THR A 63 -3.67 -4.36 5.66
C THR A 63 -2.32 -3.69 5.51
N LEU A 64 -2.02 -2.77 6.42
CA LEU A 64 -0.77 -2.00 6.38
C LEU A 64 0.44 -2.92 6.42
N ARG A 65 0.33 -4.01 7.15
CA ARG A 65 1.42 -4.96 7.26
C ARG A 65 1.49 -5.86 6.02
N GLU A 66 0.35 -6.05 5.36
CA GLU A 66 0.31 -6.83 4.13
C GLU A 66 0.90 -6.01 3.00
N LEU A 67 0.52 -4.74 2.98
CA LEU A 67 1.04 -3.77 2.02
C LEU A 67 2.56 -3.75 2.07
N GLU A 68 3.09 -3.77 3.29
CA GLU A 68 4.50 -3.64 3.55
C GLU A 68 5.30 -4.83 3.05
N ARG A 69 5.03 -6.00 3.63
CA ARG A 69 5.68 -7.25 3.23
C ARG A 69 5.62 -7.41 1.73
N TYR A 70 4.60 -6.83 1.15
CA TYR A 70 4.42 -6.89 -0.28
C TYR A 70 5.45 -6.02 -1.00
N VAL A 71 5.46 -4.72 -0.71
CA VAL A 71 6.33 -3.81 -1.43
C VAL A 71 7.78 -4.11 -1.13
N THR A 72 8.06 -4.49 0.10
CA THR A 72 9.42 -4.81 0.47
C THR A 72 9.87 -6.04 -0.35
N SER A 73 8.92 -6.85 -0.79
CA SER A 73 9.22 -8.02 -1.60
C SER A 73 9.57 -7.60 -3.03
N CYS A 74 9.03 -6.45 -3.43
CA CYS A 74 9.26 -5.91 -4.76
C CYS A 74 10.48 -5.00 -4.78
N LEU A 75 10.64 -4.25 -3.70
CA LEU A 75 11.72 -3.29 -3.56
C LEU A 75 13.05 -3.92 -3.15
N ARG A 76 13.04 -4.78 -2.12
CA ARG A 76 14.27 -5.43 -1.68
C ARG A 76 14.87 -6.24 -2.82
N LYS A 77 14.03 -6.98 -3.51
CA LYS A 77 14.45 -7.78 -4.65
C LYS A 77 13.63 -7.44 -5.87
N LYS A 78 14.22 -6.73 -6.82
CA LYS A 78 13.56 -6.37 -8.06
C LYS A 78 13.33 -7.61 -8.92
N ARG A 79 12.48 -7.48 -9.93
CA ARG A 79 12.24 -8.59 -10.83
C ARG A 79 11.94 -8.08 -12.24
N LYS A 80 12.98 -7.62 -12.90
CA LYS A 80 12.90 -7.21 -14.29
C LYS A 80 14.15 -7.66 -15.05
N PRO A 81 14.18 -8.95 -15.44
CA PRO A 81 15.31 -9.52 -16.18
C PRO A 81 15.30 -9.07 -17.63
N GLN A 82 15.75 -7.84 -17.85
CA GLN A 82 15.79 -7.26 -19.18
C GLN A 82 17.24 -7.17 -19.67
N ALA A 83 18.02 -8.19 -19.32
CA ALA A 83 19.41 -8.25 -19.71
C ALA A 83 19.76 -9.64 -20.22
N LYS B 1 -1.64 14.30 4.19
CA LYS B 1 -1.12 12.92 4.35
C LYS B 1 -1.13 12.20 3.02
N TRP B 2 -1.03 10.88 3.05
CA TRP B 2 -1.14 10.08 1.84
C TRP B 2 -2.53 10.23 1.25
N THR B 3 -2.63 11.04 0.21
CA THR B 3 -3.92 11.33 -0.41
C THR B 3 -3.79 11.23 -1.93
N LEU B 4 -4.80 11.70 -2.65
CA LEU B 4 -4.81 11.62 -4.11
C LEU B 4 -3.57 12.28 -4.70
N GLU B 5 -3.03 13.28 -4.02
CA GLU B 5 -1.84 13.96 -4.49
C GLU B 5 -0.67 12.99 -4.63
N ARG B 6 -0.13 12.54 -3.51
CA ARG B 6 1.02 11.64 -3.53
C ARG B 6 0.70 10.36 -4.31
N LEU B 7 -0.39 9.71 -3.94
CA LEU B 7 -0.73 8.42 -4.53
C LEU B 7 -1.26 8.56 -5.95
N LYS B 8 -2.45 9.13 -6.09
CA LYS B 8 -3.17 9.12 -7.35
C LYS B 8 -2.40 9.83 -8.46
N ARG B 9 -1.50 10.74 -8.10
CA ARG B 9 -0.73 11.46 -9.09
C ARG B 9 0.52 10.68 -9.48
N LYS B 10 1.24 10.11 -8.51
CA LYS B 10 2.41 9.30 -8.83
C LYS B 10 1.98 8.00 -9.49
N TYR B 11 0.83 7.49 -9.06
CA TYR B 11 0.25 6.27 -9.59
C TYR B 11 -0.13 6.46 -11.07
N ARG B 12 -0.88 7.52 -11.34
CA ARG B 12 -1.43 7.74 -12.67
C ARG B 12 -0.38 8.35 -13.62
N ASN B 13 0.49 9.19 -13.09
CA ASN B 13 1.49 9.86 -13.91
C ASN B 13 2.83 9.14 -13.79
N SER A 1 -4.45 -18.56 11.79
CA SER A 1 -4.62 -17.40 10.89
C SER A 1 -4.66 -16.10 11.67
N GLU A 2 -4.08 -16.07 12.86
CA GLU A 2 -4.09 -14.88 13.70
C GLU A 2 -2.81 -14.07 13.56
N GLU A 3 -1.94 -14.44 12.63
CA GLU A 3 -0.65 -13.79 12.49
C GLU A 3 -0.81 -12.36 11.97
N GLU A 4 -1.89 -12.14 11.21
CA GLU A 4 -2.13 -10.84 10.60
C GLU A 4 -2.59 -9.82 11.64
N ASP A 5 -3.49 -10.23 12.52
CA ASP A 5 -4.07 -9.33 13.52
C ASP A 5 -3.14 -9.20 14.72
N LYS A 6 -2.28 -10.18 14.91
CA LYS A 6 -1.36 -10.17 16.04
C LYS A 6 -0.12 -9.35 15.69
N CYS A 7 -0.10 -8.87 14.46
CA CYS A 7 0.99 -8.04 13.98
C CYS A 7 0.89 -6.64 14.58
N LYS A 8 2.04 -6.11 15.03
CA LYS A 8 2.13 -4.81 15.63
C LYS A 8 1.55 -3.72 14.72
N PRO A 9 0.77 -2.79 15.30
CA PRO A 9 0.17 -1.68 14.55
C PRO A 9 1.22 -0.79 13.91
N MET A 10 1.02 -0.47 12.64
CA MET A 10 1.97 0.31 11.90
C MET A 10 1.99 1.76 12.40
N SER A 11 3.12 2.17 12.96
CA SER A 11 3.23 3.53 13.53
C SER A 11 3.40 4.56 12.42
N TYR A 12 3.40 5.84 12.80
CA TYR A 12 3.47 6.94 11.83
C TYR A 12 4.69 6.81 10.93
N GLU A 13 5.86 6.74 11.54
CA GLU A 13 7.11 6.68 10.78
C GLU A 13 7.13 5.48 9.85
N GLU A 14 6.41 4.44 10.22
CA GLU A 14 6.34 3.25 9.40
C GLU A 14 5.33 3.45 8.28
N LYS A 15 4.16 3.96 8.65
CA LYS A 15 3.13 4.31 7.70
C LYS A 15 3.64 5.23 6.60
N ARG A 16 4.29 6.33 7.00
CA ARG A 16 4.79 7.28 6.04
C ARG A 16 5.83 6.64 5.14
N GLN A 17 6.71 5.84 5.71
CA GLN A 17 7.70 5.18 4.89
C GLN A 17 7.01 4.17 3.98
N LEU A 18 5.97 3.55 4.50
CA LEU A 18 5.20 2.55 3.78
C LEU A 18 4.54 3.15 2.56
N SER A 19 3.95 4.32 2.74
CA SER A 19 3.34 5.04 1.63
C SER A 19 4.40 5.35 0.59
N LEU A 20 5.62 5.55 1.05
CA LEU A 20 6.77 5.80 0.18
C LEU A 20 7.25 4.51 -0.50
N ASP A 21 7.49 3.44 0.26
CA ASP A 21 7.88 2.16 -0.31
C ASP A 21 6.87 1.72 -1.36
N ILE A 22 5.61 1.95 -1.06
CA ILE A 22 4.52 1.63 -1.98
C ILE A 22 4.56 2.52 -3.23
N ASN A 23 4.93 3.78 -3.06
CA ASN A 23 4.95 4.70 -4.19
C ASN A 23 6.22 4.52 -5.02
N LYS A 24 7.20 3.81 -4.45
CA LYS A 24 8.39 3.44 -5.21
C LYS A 24 8.04 2.44 -6.30
N LEU A 25 7.02 1.64 -6.04
CA LEU A 25 6.56 0.64 -6.99
C LEU A 25 6.13 1.30 -8.29
N PRO A 26 6.42 0.64 -9.41
CA PRO A 26 5.88 1.04 -10.71
C PRO A 26 4.35 1.03 -10.70
N GLY A 27 3.74 1.79 -11.61
CA GLY A 27 2.29 1.97 -11.60
C GLY A 27 1.51 0.67 -11.45
N GLU A 28 1.92 -0.34 -12.21
CA GLU A 28 1.29 -1.66 -12.16
C GLU A 28 1.29 -2.23 -10.75
N LYS A 29 2.37 -2.03 -10.02
CA LYS A 29 2.55 -2.66 -8.73
C LYS A 29 1.71 -1.99 -7.65
N LEU A 30 1.38 -0.72 -7.82
CA LEU A 30 0.46 -0.09 -6.88
C LEU A 30 -0.96 -0.61 -7.11
N GLY A 31 -1.14 -1.32 -8.22
CA GLY A 31 -2.41 -1.99 -8.47
C GLY A 31 -2.64 -3.13 -7.51
N ARG A 32 -1.56 -3.56 -6.89
CA ARG A 32 -1.62 -4.61 -5.86
C ARG A 32 -2.08 -4.04 -4.52
N VAL A 33 -1.41 -2.98 -4.05
CA VAL A 33 -1.75 -2.36 -2.77
C VAL A 33 -3.19 -1.85 -2.77
N VAL A 34 -3.62 -1.25 -3.88
CA VAL A 34 -5.00 -0.83 -3.98
C VAL A 34 -5.92 -2.05 -3.88
N HIS A 35 -5.51 -3.14 -4.51
CA HIS A 35 -6.27 -4.39 -4.45
C HIS A 35 -6.31 -4.91 -3.02
N ILE A 36 -5.15 -4.94 -2.35
CA ILE A 36 -5.08 -5.35 -0.95
C ILE A 36 -5.96 -4.45 -0.10
N ILE A 37 -5.63 -3.17 -0.04
CA ILE A 37 -6.37 -2.21 0.75
C ILE A 37 -7.87 -2.29 0.47
N GLN A 38 -8.27 -2.17 -0.80
CA GLN A 38 -9.70 -2.15 -1.16
C GLN A 38 -10.41 -3.43 -0.70
N SER A 39 -9.72 -4.57 -0.75
CA SER A 39 -10.30 -5.82 -0.33
C SER A 39 -10.37 -5.92 1.21
N ARG A 40 -9.30 -5.48 1.86
CA ARG A 40 -9.22 -5.54 3.31
C ARG A 40 -10.06 -4.44 3.93
N GLU A 41 -10.27 -3.37 3.16
CA GLU A 41 -11.05 -2.24 3.58
C GLU A 41 -12.23 -2.05 2.63
N PRO A 42 -13.31 -2.83 2.80
CA PRO A 42 -14.49 -2.80 1.92
C PRO A 42 -15.21 -1.44 1.90
N SER A 43 -14.69 -0.47 2.64
CA SER A 43 -15.30 0.84 2.71
C SER A 43 -14.81 1.74 1.58
N LEU A 44 -13.60 1.50 1.09
CA LEU A 44 -12.99 2.40 0.12
C LEU A 44 -12.99 1.83 -1.30
N LYS A 45 -13.85 0.85 -1.55
CA LYS A 45 -13.95 0.27 -2.89
C LYS A 45 -14.72 1.21 -3.81
N ASN A 46 -15.06 2.39 -3.30
CA ASN A 46 -15.68 3.41 -4.12
C ASN A 46 -14.62 4.12 -4.96
N SER A 47 -13.37 4.05 -4.48
CA SER A 47 -12.24 4.58 -5.22
C SER A 47 -11.82 3.59 -6.29
N ASN A 48 -11.71 4.07 -7.51
CA ASN A 48 -11.27 3.23 -8.63
C ASN A 48 -9.75 3.12 -8.60
N PRO A 49 -9.19 1.94 -8.90
CA PRO A 49 -7.73 1.72 -8.85
C PRO A 49 -6.95 2.63 -9.80
N ASP A 50 -7.65 3.30 -10.70
CA ASP A 50 -7.00 4.19 -11.66
C ASP A 50 -6.99 5.63 -11.14
N GLU A 51 -7.84 5.88 -10.14
CA GLU A 51 -8.00 7.20 -9.55
C GLU A 51 -7.99 7.08 -8.04
N ILE A 52 -7.27 6.08 -7.57
CA ILE A 52 -7.27 5.68 -6.17
C ILE A 52 -6.77 6.78 -5.25
N GLU A 53 -7.33 6.82 -4.04
CA GLU A 53 -6.81 7.65 -2.98
C GLU A 53 -6.91 6.85 -1.68
N ILE A 54 -5.80 6.23 -1.29
CA ILE A 54 -5.78 5.35 -0.13
C ILE A 54 -5.50 6.15 1.14
N ASP A 55 -6.30 5.93 2.16
CA ASP A 55 -6.11 6.60 3.42
C ASP A 55 -5.40 5.68 4.39
N PHE A 56 -4.10 5.90 4.56
CA PHE A 56 -3.28 5.02 5.38
C PHE A 56 -3.74 5.03 6.83
N GLU A 57 -4.55 6.01 7.18
CA GLU A 57 -5.04 6.17 8.53
C GLU A 57 -6.31 5.39 8.79
N THR A 58 -6.95 4.92 7.73
CA THR A 58 -8.20 4.21 7.90
C THR A 58 -7.99 2.71 7.74
N LEU A 59 -6.85 2.35 7.18
CA LEU A 59 -6.51 0.95 6.98
C LEU A 59 -6.30 0.26 8.32
N LYS A 60 -6.77 -0.98 8.41
CA LYS A 60 -6.54 -1.78 9.59
C LYS A 60 -5.10 -2.31 9.58
N PRO A 61 -4.44 -2.39 10.77
CA PRO A 61 -3.05 -2.85 10.92
C PRO A 61 -2.64 -3.95 9.93
N SER A 62 -3.46 -5.00 9.82
CA SER A 62 -3.12 -6.13 8.97
C SER A 62 -2.96 -5.74 7.50
N THR A 63 -3.75 -4.78 7.03
CA THR A 63 -3.64 -4.30 5.66
C THR A 63 -2.30 -3.60 5.50
N LEU A 64 -2.03 -2.66 6.40
CA LEU A 64 -0.81 -1.86 6.36
C LEU A 64 0.43 -2.74 6.38
N ARG A 65 0.34 -3.85 7.09
CA ARG A 65 1.45 -4.77 7.20
C ARG A 65 1.53 -5.71 5.99
N GLU A 66 0.40 -5.89 5.31
CA GLU A 66 0.38 -6.67 4.09
C GLU A 66 0.94 -5.84 2.95
N LEU A 67 0.56 -4.57 2.94
CA LEU A 67 1.08 -3.61 1.99
C LEU A 67 2.60 -3.59 2.07
N GLU A 68 3.10 -3.63 3.31
CA GLU A 68 4.52 -3.55 3.60
C GLU A 68 5.28 -4.79 3.14
N ARG A 69 4.94 -5.94 3.72
CA ARG A 69 5.56 -7.22 3.34
C ARG A 69 5.50 -7.41 1.83
N TYR A 70 4.52 -6.76 1.22
CA TYR A 70 4.34 -6.84 -0.20
C TYR A 70 5.40 -6.00 -0.92
N VAL A 71 5.43 -4.70 -0.64
CA VAL A 71 6.33 -3.82 -1.37
C VAL A 71 7.77 -4.18 -1.11
N THR A 72 8.06 -4.57 0.11
CA THR A 72 9.41 -4.97 0.44
C THR A 72 9.77 -6.21 -0.37
N SER A 73 8.77 -7.00 -0.76
CA SER A 73 9.02 -8.19 -1.55
C SER A 73 9.37 -7.78 -2.99
N CYS A 74 8.85 -6.63 -3.41
CA CYS A 74 9.12 -6.10 -4.73
C CYS A 74 10.40 -5.27 -4.74
N LEU A 75 10.56 -4.46 -3.70
CA LEU A 75 11.68 -3.54 -3.59
C LEU A 75 12.99 -4.25 -3.22
N ARG A 76 12.91 -5.33 -2.45
CA ARG A 76 14.11 -6.13 -2.17
C ARG A 76 14.59 -6.82 -3.45
N LYS A 77 13.62 -7.32 -4.21
CA LYS A 77 13.90 -7.91 -5.54
C LYS A 77 14.69 -6.96 -6.47
N LYS A 78 13.98 -6.18 -7.30
CA LYS A 78 14.61 -5.26 -8.23
C LYS A 78 15.54 -4.27 -7.51
N ARG A 79 15.02 -3.66 -6.45
CA ARG A 79 15.76 -2.65 -5.69
C ARG A 79 16.14 -1.48 -6.60
N LYS A 80 15.16 -0.62 -6.86
CA LYS A 80 15.37 0.55 -7.71
C LYS A 80 15.80 1.74 -6.87
N PRO A 81 17.05 2.20 -7.05
CA PRO A 81 17.55 3.38 -6.35
C PRO A 81 17.15 4.68 -7.04
N GLN A 82 17.08 5.75 -6.27
CA GLN A 82 16.68 7.04 -6.80
C GLN A 82 17.67 8.11 -6.36
N ALA A 83 18.05 8.97 -7.30
CA ALA A 83 18.96 10.06 -7.00
C ALA A 83 18.26 11.41 -7.14
N LYS B 1 -3.35 12.97 4.16
CA LYS B 1 -2.39 11.93 4.63
C LYS B 1 -2.29 10.83 3.58
N TRP B 2 -1.29 10.96 2.70
CA TRP B 2 -1.13 10.05 1.57
C TRP B 2 -2.33 10.15 0.65
N THR B 3 -2.81 11.38 0.52
CA THR B 3 -3.98 11.68 -0.30
C THR B 3 -3.62 11.61 -1.79
N LEU B 4 -4.51 12.10 -2.66
CA LEU B 4 -4.27 12.09 -4.09
C LEU B 4 -2.92 12.71 -4.41
N GLU B 5 -2.49 13.64 -3.56
CA GLU B 5 -1.20 14.29 -3.69
C GLU B 5 -0.10 13.28 -3.96
N ARG B 6 0.28 12.54 -2.94
CA ARG B 6 1.39 11.61 -3.04
C ARG B 6 1.00 10.39 -3.86
N LEU B 7 -0.09 9.75 -3.46
CA LEU B 7 -0.49 8.50 -4.11
C LEU B 7 -0.85 8.71 -5.57
N LYS B 8 -1.88 9.49 -5.83
CA LYS B 8 -2.41 9.60 -7.19
C LYS B 8 -1.41 10.26 -8.13
N ARG B 9 -0.67 11.28 -7.65
CA ARG B 9 0.22 12.01 -8.53
C ARG B 9 1.51 11.22 -8.82
N LYS B 10 1.77 10.19 -8.02
CA LYS B 10 2.87 9.27 -8.33
C LYS B 10 2.32 8.02 -9.04
N TYR B 11 1.12 7.61 -8.65
CA TYR B 11 0.46 6.44 -9.23
C TYR B 11 0.13 6.70 -10.70
N ARG B 12 -0.78 7.64 -10.93
CA ARG B 12 -1.20 7.98 -12.28
C ARG B 12 -0.18 8.94 -12.90
N ASN B 13 0.35 9.80 -12.04
CA ASN B 13 1.38 10.76 -12.43
C ASN B 13 0.83 11.77 -13.43
N SER A 1 -4.86 -18.80 13.79
CA SER A 1 -5.27 -17.39 13.81
C SER A 1 -4.31 -16.55 14.66
N GLU A 2 -3.17 -17.13 14.98
CA GLU A 2 -2.21 -16.51 15.90
C GLU A 2 -1.33 -15.48 15.18
N GLU A 3 -1.45 -15.40 13.86
CA GLU A 3 -0.67 -14.45 13.09
C GLU A 3 -1.15 -13.02 13.34
N GLU A 4 -2.47 -12.81 13.27
CA GLU A 4 -3.03 -11.46 13.34
C GLU A 4 -2.82 -10.83 14.72
N ASP A 5 -2.84 -11.64 15.78
CA ASP A 5 -2.69 -11.12 17.13
C ASP A 5 -1.22 -10.87 17.44
N LYS A 6 -0.34 -11.45 16.64
CA LYS A 6 1.08 -11.24 16.80
C LYS A 6 1.51 -10.03 15.97
N CYS A 7 0.63 -9.60 15.07
CA CYS A 7 0.92 -8.48 14.18
C CYS A 7 0.92 -7.16 14.94
N LYS A 8 1.99 -6.40 14.79
CA LYS A 8 2.10 -5.11 15.43
C LYS A 8 1.55 -4.02 14.52
N PRO A 9 0.87 -3.03 15.11
CA PRO A 9 0.32 -1.90 14.38
C PRO A 9 1.42 -1.09 13.69
N MET A 10 1.16 -0.68 12.47
CA MET A 10 2.12 0.11 11.72
C MET A 10 2.11 1.55 12.23
N SER A 11 3.22 1.96 12.80
CA SER A 11 3.33 3.28 13.42
C SER A 11 3.42 4.39 12.37
N TYR A 12 3.45 5.63 12.82
CA TYR A 12 3.46 6.78 11.93
C TYR A 12 4.64 6.73 10.95
N GLU A 13 5.85 6.67 11.48
CA GLU A 13 7.04 6.70 10.65
C GLU A 13 7.10 5.49 9.74
N GLU A 14 6.39 4.44 10.12
CA GLU A 14 6.33 3.24 9.31
C GLU A 14 5.27 3.40 8.23
N LYS A 15 4.11 3.92 8.63
CA LYS A 15 3.05 4.26 7.71
C LYS A 15 3.51 5.20 6.61
N ARG A 16 4.14 6.31 7.00
CA ARG A 16 4.62 7.26 6.01
C ARG A 16 5.66 6.62 5.13
N GLN A 17 6.56 5.83 5.71
CA GLN A 17 7.56 5.20 4.90
C GLN A 17 6.92 4.14 4.01
N LEU A 18 5.89 3.49 4.53
CA LEU A 18 5.13 2.49 3.77
C LEU A 18 4.51 3.11 2.55
N SER A 19 3.83 4.22 2.75
CA SER A 19 3.21 4.95 1.67
C SER A 19 4.25 5.31 0.62
N LEU A 20 5.48 5.51 1.09
CA LEU A 20 6.61 5.82 0.23
C LEU A 20 7.16 4.55 -0.47
N ASP A 21 7.38 3.46 0.29
CA ASP A 21 7.78 2.18 -0.29
C ASP A 21 6.78 1.76 -1.35
N ILE A 22 5.51 1.96 -1.04
CA ILE A 22 4.42 1.62 -1.94
C ILE A 22 4.41 2.52 -3.18
N ASN A 23 4.73 3.78 -3.00
CA ASN A 23 4.73 4.72 -4.12
C ASN A 23 6.00 4.57 -4.97
N LYS A 24 7.00 3.90 -4.42
CA LYS A 24 8.20 3.54 -5.17
C LYS A 24 7.84 2.63 -6.32
N LEU A 25 6.89 1.73 -6.04
CA LEU A 25 6.47 0.73 -7.00
C LEU A 25 6.03 1.37 -8.30
N PRO A 26 6.32 0.70 -9.41
CA PRO A 26 5.76 1.06 -10.71
C PRO A 26 4.23 0.99 -10.69
N GLY A 27 3.57 1.75 -11.55
CA GLY A 27 2.12 1.87 -11.54
C GLY A 27 1.40 0.54 -11.40
N GLU A 28 1.84 -0.44 -12.18
CA GLU A 28 1.27 -1.78 -12.17
C GLU A 28 1.26 -2.36 -10.74
N LYS A 29 2.32 -2.12 -10.01
CA LYS A 29 2.52 -2.73 -8.71
C LYS A 29 1.67 -2.07 -7.64
N LEU A 30 1.33 -0.80 -7.80
CA LEU A 30 0.40 -0.17 -6.87
C LEU A 30 -1.00 -0.73 -7.09
N GLY A 31 -1.18 -1.44 -8.19
CA GLY A 31 -2.43 -2.12 -8.45
C GLY A 31 -2.64 -3.28 -7.48
N ARG A 32 -1.56 -3.71 -6.85
CA ARG A 32 -1.63 -4.74 -5.83
C ARG A 32 -2.06 -4.15 -4.49
N VAL A 33 -1.38 -3.11 -4.02
CA VAL A 33 -1.71 -2.48 -2.73
C VAL A 33 -3.13 -1.96 -2.72
N VAL A 34 -3.56 -1.34 -3.81
CA VAL A 34 -4.93 -0.89 -3.90
C VAL A 34 -5.87 -2.08 -3.80
N HIS A 35 -5.49 -3.18 -4.44
CA HIS A 35 -6.25 -4.42 -4.40
C HIS A 35 -6.30 -4.96 -2.96
N ILE A 36 -5.16 -4.93 -2.28
CA ILE A 36 -5.10 -5.35 -0.88
C ILE A 36 -5.98 -4.44 -0.03
N ILE A 37 -5.63 -3.16 0.01
CA ILE A 37 -6.37 -2.18 0.80
C ILE A 37 -7.87 -2.25 0.52
N GLN A 38 -8.26 -2.14 -0.76
CA GLN A 38 -9.69 -2.10 -1.13
C GLN A 38 -10.43 -3.35 -0.64
N SER A 39 -9.77 -4.49 -0.72
CA SER A 39 -10.39 -5.75 -0.32
C SER A 39 -10.46 -5.86 1.21
N ARG A 40 -9.40 -5.41 1.87
CA ARG A 40 -9.32 -5.48 3.32
C ARG A 40 -10.18 -4.37 3.95
N GLU A 41 -10.27 -3.24 3.26
CA GLU A 41 -11.00 -2.08 3.74
C GLU A 41 -12.25 -1.82 2.88
N PRO A 42 -13.44 -2.35 3.26
CA PRO A 42 -14.65 -2.22 2.42
C PRO A 42 -15.20 -0.78 2.28
N SER A 43 -14.49 0.20 2.82
CA SER A 43 -15.02 1.57 2.88
C SER A 43 -14.42 2.44 1.79
N LEU A 44 -13.51 1.89 1.00
CA LEU A 44 -12.83 2.69 -0.02
C LEU A 44 -12.86 2.00 -1.38
N LYS A 45 -13.80 1.09 -1.56
CA LYS A 45 -13.90 0.35 -2.82
C LYS A 45 -14.55 1.20 -3.90
N ASN A 46 -14.94 2.42 -3.54
CA ASN A 46 -15.49 3.37 -4.50
C ASN A 46 -14.35 3.98 -5.32
N SER A 47 -13.16 4.07 -4.72
CA SER A 47 -12.00 4.57 -5.41
C SER A 47 -11.53 3.56 -6.44
N ASN A 48 -11.39 4.00 -7.68
CA ASN A 48 -10.94 3.12 -8.75
C ASN A 48 -9.42 2.98 -8.68
N PRO A 49 -8.80 1.78 -8.87
CA PRO A 49 -7.34 1.60 -8.65
C PRO A 49 -6.48 2.65 -9.34
N ASP A 50 -6.85 3.03 -10.56
CA ASP A 50 -6.02 3.94 -11.36
C ASP A 50 -6.24 5.39 -10.95
N GLU A 51 -7.28 5.63 -10.18
CA GLU A 51 -7.58 6.95 -9.64
C GLU A 51 -7.74 6.83 -8.13
N ILE A 52 -7.03 5.88 -7.57
CA ILE A 52 -7.13 5.52 -6.17
C ILE A 52 -6.73 6.67 -5.25
N GLU A 53 -7.32 6.69 -4.06
CA GLU A 53 -6.87 7.56 -2.98
C GLU A 53 -6.95 6.76 -1.68
N ILE A 54 -5.81 6.21 -1.24
CA ILE A 54 -5.78 5.32 -0.09
C ILE A 54 -5.54 6.11 1.19
N ASP A 55 -6.39 5.88 2.18
CA ASP A 55 -6.23 6.51 3.47
C ASP A 55 -5.48 5.58 4.41
N PHE A 56 -4.17 5.78 4.50
CA PHE A 56 -3.31 4.90 5.31
C PHE A 56 -3.74 4.94 6.78
N GLU A 57 -4.48 5.98 7.13
CA GLU A 57 -4.91 6.21 8.49
C GLU A 57 -6.18 5.44 8.82
N THR A 58 -6.81 4.87 7.81
CA THR A 58 -8.05 4.14 8.02
C THR A 58 -7.83 2.65 7.90
N LEU A 59 -6.73 2.27 7.25
CA LEU A 59 -6.42 0.86 7.01
C LEU A 59 -6.22 0.14 8.34
N LYS A 60 -6.72 -1.08 8.41
CA LYS A 60 -6.53 -1.89 9.59
C LYS A 60 -5.09 -2.41 9.61
N PRO A 61 -4.44 -2.47 10.80
CA PRO A 61 -3.05 -2.93 10.97
C PRO A 61 -2.63 -4.04 10.00
N SER A 62 -3.47 -5.06 9.85
CA SER A 62 -3.13 -6.20 9.01
C SER A 62 -2.92 -5.79 7.55
N THR A 63 -3.74 -4.89 7.04
CA THR A 63 -3.60 -4.42 5.67
C THR A 63 -2.28 -3.72 5.52
N LEU A 64 -2.00 -2.79 6.42
CA LEU A 64 -0.78 -2.01 6.39
C LEU A 64 0.45 -2.89 6.41
N ARG A 65 0.37 -3.97 7.17
CA ARG A 65 1.50 -4.90 7.27
C ARG A 65 1.56 -5.83 6.05
N GLU A 66 0.43 -6.00 5.37
CA GLU A 66 0.41 -6.77 4.13
C GLU A 66 1.00 -5.94 3.01
N LEU A 67 0.59 -4.67 2.99
CA LEU A 67 1.09 -3.71 2.02
C LEU A 67 2.61 -3.66 2.05
N GLU A 68 3.14 -3.65 3.28
CA GLU A 68 4.57 -3.54 3.52
C GLU A 68 5.35 -4.73 2.99
N ARG A 69 5.10 -5.90 3.58
CA ARG A 69 5.80 -7.13 3.20
C ARG A 69 5.69 -7.35 1.71
N TYR A 70 4.66 -6.78 1.13
CA TYR A 70 4.45 -6.88 -0.29
C TYR A 70 5.46 -6.03 -1.04
N VAL A 71 5.46 -4.73 -0.80
CA VAL A 71 6.35 -3.83 -1.52
C VAL A 71 7.78 -4.17 -1.24
N THR A 72 8.01 -4.56 0.00
CA THR A 72 9.29 -5.02 0.43
C THR A 72 9.77 -6.18 -0.46
N SER A 73 8.83 -6.99 -0.93
CA SER A 73 9.18 -8.11 -1.80
C SER A 73 9.60 -7.61 -3.16
N CYS A 74 9.01 -6.49 -3.57
CA CYS A 74 9.27 -5.91 -4.89
C CYS A 74 10.51 -5.03 -4.85
N LEU A 75 10.65 -4.29 -3.77
CA LEU A 75 11.76 -3.36 -3.59
C LEU A 75 13.05 -4.08 -3.23
N ARG A 76 12.99 -5.00 -2.25
CA ARG A 76 14.17 -5.76 -1.86
C ARG A 76 14.66 -6.59 -3.04
N LYS A 77 13.73 -7.25 -3.72
CA LYS A 77 14.06 -8.00 -4.92
C LYS A 77 13.53 -7.28 -6.16
N LYS A 78 14.23 -6.23 -6.59
CA LYS A 78 13.79 -5.47 -7.75
C LYS A 78 14.25 -6.17 -9.01
N ARG A 79 13.33 -6.38 -9.94
CA ARG A 79 13.58 -7.21 -11.11
C ARG A 79 13.95 -8.60 -10.64
N LYS A 80 12.96 -9.28 -10.07
CA LYS A 80 13.13 -10.60 -9.46
C LYS A 80 13.96 -11.53 -10.34
N PRO A 81 15.15 -11.96 -9.84
CA PRO A 81 16.00 -12.93 -10.55
C PRO A 81 15.26 -14.21 -10.88
N GLN A 82 14.99 -14.41 -12.17
CA GLN A 82 14.28 -15.59 -12.62
C GLN A 82 15.26 -16.72 -12.87
N ALA A 83 15.90 -17.16 -11.80
CA ALA A 83 16.88 -18.23 -11.87
C ALA A 83 16.69 -19.20 -10.71
N LYS B 1 -2.50 12.73 4.55
CA LYS B 1 -1.05 12.53 4.37
C LYS B 1 -0.77 11.92 3.02
N TRP B 2 -1.19 10.67 2.87
CA TRP B 2 -1.00 9.91 1.65
C TRP B 2 -2.23 10.07 0.76
N THR B 3 -2.62 11.31 0.56
CA THR B 3 -3.87 11.63 -0.09
C THR B 3 -3.72 11.70 -1.61
N LEU B 4 -4.75 12.25 -2.25
CA LEU B 4 -4.85 12.35 -3.71
C LEU B 4 -3.53 12.78 -4.34
N GLU B 5 -2.92 13.83 -3.81
CA GLU B 5 -1.68 14.36 -4.38
C GLU B 5 -0.60 13.28 -4.40
N ARG B 6 -0.18 12.86 -3.23
CA ARG B 6 0.92 11.92 -3.08
C ARG B 6 0.68 10.63 -3.88
N LEU B 7 -0.36 9.90 -3.53
CA LEU B 7 -0.61 8.60 -4.13
C LEU B 7 -1.03 8.70 -5.58
N LYS B 8 -2.19 9.32 -5.82
CA LYS B 8 -2.82 9.28 -7.14
C LYS B 8 -1.89 9.83 -8.22
N ARG B 9 -1.17 10.90 -7.90
CA ARG B 9 -0.32 11.55 -8.90
C ARG B 9 0.91 10.71 -9.17
N LYS B 10 1.58 10.22 -8.13
CA LYS B 10 2.78 9.42 -8.31
C LYS B 10 2.43 8.01 -8.76
N TYR B 11 1.16 7.66 -8.64
CA TYR B 11 0.64 6.38 -9.10
C TYR B 11 0.58 6.37 -10.63
N ARG B 12 0.06 7.45 -11.20
CA ARG B 12 -0.13 7.53 -12.64
C ARG B 12 1.08 8.12 -13.36
N ASN B 13 1.66 9.17 -12.80
CA ASN B 13 2.80 9.82 -13.43
C ASN B 13 3.81 10.28 -12.39
N SER A 1 -3.10 -18.91 11.36
CA SER A 1 -3.55 -17.78 10.51
C SER A 1 -3.79 -16.53 11.36
N GLU A 2 -3.41 -16.60 12.63
CA GLU A 2 -3.66 -15.52 13.58
C GLU A 2 -2.60 -14.43 13.50
N GLU A 3 -1.46 -14.73 12.89
CA GLU A 3 -0.32 -13.81 12.86
C GLU A 3 -0.68 -12.51 12.15
N GLU A 4 -1.47 -12.63 11.09
CA GLU A 4 -1.79 -11.49 10.24
C GLU A 4 -2.74 -10.51 10.93
N ASP A 5 -3.74 -11.01 11.64
CA ASP A 5 -4.73 -10.13 12.27
C ASP A 5 -4.22 -9.62 13.60
N LYS A 6 -3.28 -10.35 14.18
CA LYS A 6 -2.77 -9.99 15.49
C LYS A 6 -1.47 -9.21 15.36
N CYS A 7 -1.04 -9.03 14.12
CA CYS A 7 0.18 -8.28 13.82
C CYS A 7 0.08 -6.88 14.40
N LYS A 8 1.18 -6.41 14.97
CA LYS A 8 1.21 -5.12 15.65
C LYS A 8 0.95 -3.96 14.69
N PRO A 9 0.32 -2.89 15.19
CA PRO A 9 -0.09 -1.74 14.36
C PRO A 9 1.10 -1.01 13.75
N MET A 10 0.94 -0.60 12.51
CA MET A 10 1.97 0.13 11.79
C MET A 10 2.07 1.56 12.34
N SER A 11 3.23 1.92 12.84
CA SER A 11 3.42 3.22 13.49
C SER A 11 3.50 4.35 12.45
N TYR A 12 3.54 5.61 12.91
CA TYR A 12 3.47 6.77 12.01
C TYR A 12 4.61 6.78 10.99
N GLU A 13 5.85 6.75 11.47
CA GLU A 13 7.00 6.90 10.57
C GLU A 13 7.10 5.67 9.68
N GLU A 14 6.45 4.63 10.13
CA GLU A 14 6.46 3.36 9.49
C GLU A 14 5.37 3.34 8.41
N LYS A 15 4.21 3.89 8.76
CA LYS A 15 3.16 4.19 7.81
C LYS A 15 3.65 5.10 6.69
N ARG A 16 4.25 6.23 7.07
CA ARG A 16 4.76 7.18 6.08
C ARG A 16 5.76 6.52 5.18
N GLN A 17 6.67 5.73 5.75
CA GLN A 17 7.65 5.06 4.92
C GLN A 17 6.94 4.07 4.01
N LEU A 18 5.93 3.40 4.54
CA LEU A 18 5.14 2.44 3.78
C LEU A 18 4.51 3.10 2.58
N SER A 19 3.86 4.23 2.81
CA SER A 19 3.23 4.97 1.73
C SER A 19 4.26 5.35 0.68
N LEU A 20 5.50 5.51 1.14
CA LEU A 20 6.62 5.82 0.25
C LEU A 20 7.13 4.57 -0.47
N ASP A 21 7.42 3.48 0.27
CA ASP A 21 7.82 2.23 -0.33
C ASP A 21 6.82 1.78 -1.38
N ILE A 22 5.55 1.96 -1.04
CA ILE A 22 4.45 1.62 -1.93
C ILE A 22 4.44 2.53 -3.16
N ASN A 23 4.75 3.80 -2.98
CA ASN A 23 4.73 4.75 -4.09
C ASN A 23 5.98 4.59 -4.96
N LYS A 24 6.99 3.89 -4.44
CA LYS A 24 8.20 3.59 -5.22
C LYS A 24 7.88 2.58 -6.32
N LEU A 25 6.88 1.76 -6.08
CA LEU A 25 6.47 0.75 -7.04
C LEU A 25 6.04 1.40 -8.35
N PRO A 26 6.31 0.74 -9.47
CA PRO A 26 5.72 1.11 -10.76
C PRO A 26 4.20 1.02 -10.71
N GLY A 27 3.52 1.80 -11.54
CA GLY A 27 2.06 1.90 -11.49
C GLY A 27 1.35 0.55 -11.37
N GLU A 28 1.80 -0.41 -12.17
CA GLU A 28 1.24 -1.77 -12.16
C GLU A 28 1.28 -2.38 -10.75
N LYS A 29 2.36 -2.14 -10.05
CA LYS A 29 2.58 -2.76 -8.75
C LYS A 29 1.72 -2.12 -7.66
N LEU A 30 1.36 -0.84 -7.84
CA LEU A 30 0.44 -0.21 -6.89
C LEU A 30 -0.97 -0.76 -7.10
N GLY A 31 -1.17 -1.48 -8.21
CA GLY A 31 -2.42 -2.15 -8.46
C GLY A 31 -2.66 -3.26 -7.47
N ARG A 32 -1.59 -3.72 -6.85
CA ARG A 32 -1.66 -4.74 -5.81
C ARG A 32 -2.09 -4.15 -4.47
N VAL A 33 -1.40 -3.11 -4.02
CA VAL A 33 -1.73 -2.47 -2.74
C VAL A 33 -3.15 -1.93 -2.74
N VAL A 34 -3.58 -1.31 -3.85
CA VAL A 34 -4.95 -0.86 -3.95
C VAL A 34 -5.89 -2.05 -3.84
N HIS A 35 -5.52 -3.17 -4.46
CA HIS A 35 -6.30 -4.39 -4.38
C HIS A 35 -6.33 -4.91 -2.94
N ILE A 36 -5.18 -4.92 -2.28
CA ILE A 36 -5.10 -5.32 -0.88
C ILE A 36 -5.96 -4.40 -0.03
N ILE A 37 -5.60 -3.13 0.01
CA ILE A 37 -6.34 -2.15 0.79
C ILE A 37 -7.85 -2.20 0.52
N GLN A 38 -8.25 -2.08 -0.75
CA GLN A 38 -9.67 -2.05 -1.10
C GLN A 38 -10.40 -3.31 -0.63
N SER A 39 -9.78 -4.47 -0.80
CA SER A 39 -10.38 -5.73 -0.40
C SER A 39 -10.47 -5.83 1.12
N ARG A 40 -9.42 -5.38 1.78
CA ARG A 40 -9.34 -5.42 3.24
C ARG A 40 -10.19 -4.32 3.86
N GLU A 41 -10.28 -3.20 3.16
CA GLU A 41 -11.02 -2.04 3.63
C GLU A 41 -12.21 -1.76 2.72
N PRO A 42 -13.35 -2.43 2.95
CA PRO A 42 -14.55 -2.27 2.12
C PRO A 42 -15.13 -0.85 2.10
N SER A 43 -14.49 0.06 2.84
CA SER A 43 -14.99 1.41 2.99
C SER A 43 -14.34 2.36 1.99
N LEU A 44 -13.55 1.83 1.07
CA LEU A 44 -12.89 2.67 0.07
C LEU A 44 -12.90 2.04 -1.32
N LYS A 45 -13.84 1.13 -1.56
CA LYS A 45 -13.94 0.49 -2.87
C LYS A 45 -14.66 1.40 -3.86
N ASN A 46 -15.00 2.60 -3.41
CA ASN A 46 -15.53 3.63 -4.30
C ASN A 46 -14.42 4.21 -5.16
N SER A 47 -13.21 4.19 -4.61
CA SER A 47 -12.04 4.68 -5.33
C SER A 47 -11.60 3.68 -6.39
N ASN A 48 -11.54 4.13 -7.63
CA ASN A 48 -11.09 3.29 -8.73
C ASN A 48 -9.58 3.14 -8.65
N PRO A 49 -9.03 1.97 -8.98
CA PRO A 49 -7.57 1.73 -8.91
C PRO A 49 -6.76 2.68 -9.79
N ASP A 50 -7.40 3.29 -10.78
CA ASP A 50 -6.71 4.21 -11.69
C ASP A 50 -6.85 5.67 -11.22
N GLU A 51 -7.64 5.85 -10.19
CA GLU A 51 -7.90 7.17 -9.60
C GLU A 51 -7.93 7.04 -8.09
N ILE A 52 -7.16 6.07 -7.61
CA ILE A 52 -7.20 5.64 -6.21
C ILE A 52 -6.69 6.74 -5.26
N GLU A 53 -7.27 6.76 -4.07
CA GLU A 53 -6.77 7.57 -2.98
C GLU A 53 -6.85 6.76 -1.70
N ILE A 54 -5.73 6.15 -1.30
CA ILE A 54 -5.72 5.27 -0.14
C ILE A 54 -5.47 6.07 1.13
N ASP A 55 -6.32 5.88 2.11
CA ASP A 55 -6.17 6.55 3.38
C ASP A 55 -5.40 5.63 4.34
N PHE A 56 -4.11 5.85 4.46
CA PHE A 56 -3.25 4.98 5.27
C PHE A 56 -3.67 5.01 6.74
N GLU A 57 -4.42 6.04 7.09
CA GLU A 57 -4.85 6.25 8.45
C GLU A 57 -6.10 5.47 8.79
N THR A 58 -6.77 4.94 7.79
CA THR A 58 -8.02 4.23 8.01
C THR A 58 -7.84 2.73 7.86
N LEU A 59 -6.75 2.33 7.21
CA LEU A 59 -6.46 0.93 6.98
C LEU A 59 -6.29 0.19 8.30
N LYS A 60 -6.79 -1.03 8.36
CA LYS A 60 -6.62 -1.85 9.54
C LYS A 60 -5.18 -2.38 9.59
N PRO A 61 -4.57 -2.49 10.79
CA PRO A 61 -3.18 -2.95 10.99
C PRO A 61 -2.75 -4.04 10.00
N SER A 62 -3.57 -5.06 9.85
CA SER A 62 -3.22 -6.20 9.01
C SER A 62 -2.99 -5.78 7.55
N THR A 63 -3.81 -4.88 7.04
CA THR A 63 -3.66 -4.39 5.68
C THR A 63 -2.32 -3.70 5.54
N LEU A 64 -2.06 -2.76 6.44
CA LEU A 64 -0.83 -1.97 6.42
C LEU A 64 0.38 -2.89 6.45
N ARG A 65 0.32 -3.92 7.27
CA ARG A 65 1.42 -4.85 7.40
C ARG A 65 1.50 -5.81 6.19
N GLU A 66 0.38 -6.00 5.50
CA GLU A 66 0.39 -6.78 4.27
C GLU A 66 1.00 -5.97 3.14
N LEU A 67 0.60 -4.70 3.09
CA LEU A 67 1.12 -3.75 2.12
C LEU A 67 2.66 -3.71 2.20
N GLU A 68 3.17 -3.71 3.43
CA GLU A 68 4.60 -3.62 3.69
C GLU A 68 5.37 -4.82 3.14
N ARG A 69 5.07 -6.01 3.67
CA ARG A 69 5.73 -7.26 3.25
C ARG A 69 5.66 -7.41 1.74
N TYR A 70 4.65 -6.80 1.17
CA TYR A 70 4.45 -6.87 -0.25
C TYR A 70 5.47 -6.02 -1.00
N VAL A 71 5.49 -4.72 -0.71
CA VAL A 71 6.36 -3.82 -1.46
C VAL A 71 7.80 -4.12 -1.22
N THR A 72 8.13 -4.50 0.01
CA THR A 72 9.48 -4.85 0.32
C THR A 72 9.89 -6.07 -0.51
N SER A 73 8.91 -6.88 -0.89
CA SER A 73 9.20 -8.06 -1.70
C SER A 73 9.51 -7.63 -3.14
N CYS A 74 8.96 -6.48 -3.53
CA CYS A 74 9.16 -5.94 -4.86
C CYS A 74 10.40 -5.05 -4.91
N LEU A 75 10.56 -4.27 -3.87
CA LEU A 75 11.64 -3.29 -3.77
C LEU A 75 12.99 -3.94 -3.44
N ARG A 76 13.02 -4.85 -2.46
CA ARG A 76 14.26 -5.54 -2.12
C ARG A 76 14.80 -6.26 -3.34
N LYS A 77 13.87 -6.61 -4.23
CA LYS A 77 14.22 -7.08 -5.59
C LYS A 77 14.84 -5.94 -6.43
N LYS A 78 14.05 -5.29 -7.29
CA LYS A 78 14.54 -4.19 -8.11
C LYS A 78 14.55 -2.86 -7.34
N ARG A 79 15.68 -2.16 -7.41
CA ARG A 79 15.83 -0.85 -6.78
C ARG A 79 15.49 -0.94 -5.29
N LYS A 80 16.34 -1.66 -4.57
CA LYS A 80 16.14 -1.86 -3.14
C LYS A 80 16.49 -0.60 -2.34
N PRO A 81 15.47 0.07 -1.79
CA PRO A 81 15.65 1.29 -1.01
C PRO A 81 16.03 0.98 0.43
N GLN A 82 17.20 0.37 0.60
CA GLN A 82 17.68 -0.01 1.91
C GLN A 82 18.32 1.18 2.61
N ALA A 83 17.49 2.08 3.12
CA ALA A 83 17.96 3.28 3.80
C ALA A 83 17.17 3.53 5.07
N LYS B 1 -3.61 11.45 5.32
CA LYS B 1 -2.18 11.36 4.97
C LYS B 1 -2.00 10.39 3.81
N TRP B 2 -1.08 10.72 2.91
CA TRP B 2 -0.88 9.94 1.69
C TRP B 2 -2.10 10.11 0.79
N THR B 3 -2.52 11.36 0.65
CA THR B 3 -3.73 11.71 -0.08
C THR B 3 -3.52 11.61 -1.59
N LEU B 4 -4.49 12.11 -2.36
CA LEU B 4 -4.46 12.02 -3.82
C LEU B 4 -3.16 12.55 -4.41
N GLU B 5 -2.66 13.64 -3.85
CA GLU B 5 -1.40 14.21 -4.32
C GLU B 5 -0.28 13.16 -4.26
N ARG B 6 -0.04 12.62 -3.08
CA ARG B 6 1.02 11.64 -2.90
C ARG B 6 0.78 10.41 -3.76
N LEU B 7 -0.27 9.67 -3.45
CA LEU B 7 -0.54 8.40 -4.09
C LEU B 7 -0.87 8.57 -5.56
N LYS B 8 -1.97 9.23 -5.85
CA LYS B 8 -2.51 9.26 -7.21
C LYS B 8 -1.53 9.90 -8.19
N ARG B 9 -0.81 10.94 -7.77
CA ARG B 9 0.09 11.65 -8.67
C ARG B 9 1.32 10.81 -8.98
N LYS B 10 1.81 10.06 -7.99
CA LYS B 10 2.95 9.18 -8.21
C LYS B 10 2.51 7.88 -8.88
N TYR B 11 1.30 7.45 -8.55
CA TYR B 11 0.72 6.24 -9.11
C TYR B 11 0.67 6.33 -10.63
N ARG B 12 0.05 7.40 -11.13
CA ARG B 12 -0.15 7.58 -12.56
C ARG B 12 1.09 8.16 -13.22
N ASN B 13 2.16 8.34 -12.45
CA ASN B 13 3.41 8.89 -12.99
C ASN B 13 4.37 7.76 -13.31
N SER A 1 -2.87 -18.16 10.59
CA SER A 1 -3.52 -16.93 10.09
C SER A 1 -3.61 -15.86 11.17
N GLU A 2 -2.91 -16.06 12.29
CA GLU A 2 -2.96 -15.09 13.39
C GLU A 2 -1.86 -14.03 13.27
N GLU A 3 -0.98 -14.16 12.29
CA GLU A 3 0.16 -13.25 12.18
C GLU A 3 -0.27 -11.89 11.66
N GLU A 4 -1.50 -11.78 11.21
CA GLU A 4 -2.01 -10.52 10.68
C GLU A 4 -2.81 -9.76 11.73
N ASP A 5 -3.61 -10.45 12.53
CA ASP A 5 -4.43 -9.79 13.54
C ASP A 5 -3.63 -9.55 14.80
N LYS A 6 -2.57 -10.33 14.99
CA LYS A 6 -1.71 -10.16 16.13
C LYS A 6 -0.53 -9.28 15.73
N CYS A 7 -0.49 -8.92 14.46
CA CYS A 7 0.59 -8.10 13.93
C CYS A 7 0.53 -6.70 14.54
N LYS A 8 1.69 -6.21 14.94
CA LYS A 8 1.81 -4.92 15.60
C LYS A 8 1.40 -3.77 14.68
N PRO A 9 0.91 -2.67 15.26
CA PRO A 9 0.39 -1.52 14.50
C PRO A 9 1.48 -0.76 13.79
N MET A 10 1.17 -0.27 12.61
CA MET A 10 2.11 0.49 11.80
C MET A 10 2.14 1.95 12.28
N SER A 11 3.29 2.39 12.77
CA SER A 11 3.42 3.73 13.35
C SER A 11 3.42 4.83 12.28
N TYR A 12 3.40 6.10 12.69
CA TYR A 12 3.26 7.22 11.74
C TYR A 12 4.38 7.24 10.70
N GLU A 13 5.63 7.27 11.16
CA GLU A 13 6.75 7.45 10.25
C GLU A 13 6.95 6.18 9.46
N GLU A 14 6.30 5.13 9.93
CA GLU A 14 6.37 3.84 9.33
C GLU A 14 5.27 3.72 8.27
N LYS A 15 4.08 4.20 8.61
CA LYS A 15 3.00 4.40 7.67
C LYS A 15 3.41 5.29 6.52
N ARG A 16 3.95 6.47 6.82
CA ARG A 16 4.40 7.38 5.79
C ARG A 16 5.47 6.74 4.92
N GLN A 17 6.41 6.04 5.54
CA GLN A 17 7.45 5.40 4.78
C GLN A 17 6.84 4.30 3.92
N LEU A 18 5.82 3.64 4.44
CA LEU A 18 5.09 2.60 3.74
C LEU A 18 4.40 3.16 2.52
N SER A 19 3.80 4.33 2.69
CA SER A 19 3.17 5.05 1.61
C SER A 19 4.21 5.34 0.53
N LEU A 20 5.43 5.56 0.98
CA LEU A 20 6.55 5.87 0.11
C LEU A 20 7.13 4.60 -0.55
N ASP A 21 7.34 3.53 0.23
CA ASP A 21 7.77 2.25 -0.33
C ASP A 21 6.79 1.81 -1.40
N ILE A 22 5.51 2.00 -1.12
CA ILE A 22 4.45 1.68 -2.06
C ILE A 22 4.55 2.53 -3.33
N ASN A 23 4.75 3.82 -3.17
CA ASN A 23 4.78 4.74 -4.32
C ASN A 23 6.07 4.56 -5.13
N LYS A 24 7.05 3.85 -4.56
CA LYS A 24 8.24 3.48 -5.30
C LYS A 24 7.90 2.50 -6.41
N LEU A 25 6.96 1.61 -6.11
CA LEU A 25 6.53 0.58 -7.06
C LEU A 25 6.10 1.18 -8.39
N PRO A 26 6.34 0.45 -9.48
CA PRO A 26 5.79 0.79 -10.79
C PRO A 26 4.25 0.79 -10.74
N GLY A 27 3.62 1.52 -11.65
CA GLY A 27 2.17 1.71 -11.61
C GLY A 27 1.40 0.42 -11.42
N GLU A 28 1.77 -0.61 -12.17
CA GLU A 28 1.12 -1.92 -12.09
C GLU A 28 1.14 -2.46 -10.66
N LYS A 29 2.22 -2.18 -9.94
CA LYS A 29 2.44 -2.77 -8.63
C LYS A 29 1.64 -2.07 -7.54
N LEU A 30 1.31 -0.80 -7.72
CA LEU A 30 0.41 -0.15 -6.78
C LEU A 30 -0.99 -0.71 -6.96
N GLY A 31 -1.22 -1.35 -8.11
CA GLY A 31 -2.49 -2.01 -8.37
C GLY A 31 -2.71 -3.19 -7.44
N ARG A 32 -1.64 -3.64 -6.81
CA ARG A 32 -1.70 -4.69 -5.81
C ARG A 32 -2.11 -4.14 -4.45
N VAL A 33 -1.41 -3.10 -3.99
CA VAL A 33 -1.71 -2.50 -2.68
C VAL A 33 -3.11 -1.91 -2.65
N VAL A 34 -3.53 -1.26 -3.73
CA VAL A 34 -4.89 -0.78 -3.81
C VAL A 34 -5.84 -1.96 -3.71
N HIS A 35 -5.48 -3.05 -4.37
CA HIS A 35 -6.28 -4.27 -4.35
C HIS A 35 -6.33 -4.87 -2.95
N ILE A 36 -5.18 -4.88 -2.27
CA ILE A 36 -5.14 -5.32 -0.88
C ILE A 36 -6.00 -4.41 -0.01
N ILE A 37 -5.66 -3.13 0.01
CA ILE A 37 -6.40 -2.16 0.80
C ILE A 37 -7.91 -2.22 0.51
N GLN A 38 -8.29 -2.09 -0.77
CA GLN A 38 -9.71 -2.05 -1.16
C GLN A 38 -10.47 -3.29 -0.67
N SER A 39 -9.83 -4.45 -0.76
CA SER A 39 -10.45 -5.69 -0.35
C SER A 39 -10.52 -5.79 1.18
N ARG A 40 -9.45 -5.35 1.83
CA ARG A 40 -9.36 -5.40 3.29
C ARG A 40 -10.19 -4.27 3.91
N GLU A 41 -10.37 -3.21 3.14
CA GLU A 41 -11.13 -2.05 3.57
C GLU A 41 -12.31 -1.82 2.62
N PRO A 42 -13.40 -2.58 2.79
CA PRO A 42 -14.57 -2.54 1.89
C PRO A 42 -15.27 -1.18 1.85
N SER A 43 -14.74 -0.19 2.56
CA SER A 43 -15.35 1.12 2.60
C SER A 43 -14.72 2.07 1.57
N LEU A 44 -13.66 1.62 0.89
CA LEU A 44 -12.99 2.48 -0.07
C LEU A 44 -12.91 1.85 -1.46
N LYS A 45 -13.75 0.86 -1.74
CA LYS A 45 -13.80 0.28 -3.07
C LYS A 45 -14.59 1.19 -4.02
N ASN A 46 -14.97 2.36 -3.52
CA ASN A 46 -15.52 3.41 -4.36
C ASN A 46 -14.41 4.05 -5.19
N SER A 47 -13.19 4.00 -4.66
CA SER A 47 -12.03 4.54 -5.34
C SER A 47 -11.60 3.60 -6.45
N ASN A 48 -11.50 4.13 -7.66
CA ASN A 48 -11.03 3.36 -8.80
C ASN A 48 -9.51 3.31 -8.78
N PRO A 49 -8.88 2.15 -9.00
CA PRO A 49 -7.43 1.97 -8.79
C PRO A 49 -6.57 3.05 -9.46
N ASP A 50 -6.91 3.43 -10.69
CA ASP A 50 -6.08 4.36 -11.45
C ASP A 50 -6.30 5.80 -10.98
N GLU A 51 -7.31 5.96 -10.14
CA GLU A 51 -7.61 7.24 -9.52
C GLU A 51 -7.76 7.05 -8.01
N ILE A 52 -7.04 6.06 -7.51
CA ILE A 52 -7.12 5.64 -6.12
C ILE A 52 -6.68 6.75 -5.16
N GLU A 53 -7.30 6.80 -4.00
CA GLU A 53 -6.82 7.63 -2.91
C GLU A 53 -6.95 6.84 -1.62
N ILE A 54 -5.85 6.23 -1.20
CA ILE A 54 -5.86 5.34 -0.05
C ILE A 54 -5.61 6.12 1.24
N ASP A 55 -6.43 5.89 2.23
CA ASP A 55 -6.27 6.55 3.51
C ASP A 55 -5.50 5.63 4.45
N PHE A 56 -4.21 5.89 4.60
CA PHE A 56 -3.34 5.02 5.41
C PHE A 56 -3.76 5.04 6.87
N GLU A 57 -4.55 6.04 7.21
CA GLU A 57 -5.00 6.24 8.58
C GLU A 57 -6.30 5.52 8.87
N THR A 58 -6.89 4.90 7.86
CA THR A 58 -8.12 4.16 8.07
C THR A 58 -7.90 2.67 7.88
N LEU A 59 -6.78 2.32 7.27
CA LEU A 59 -6.45 0.92 7.04
C LEU A 59 -6.24 0.20 8.37
N LYS A 60 -6.74 -1.01 8.46
CA LYS A 60 -6.53 -1.83 9.63
C LYS A 60 -5.09 -2.37 9.62
N PRO A 61 -4.43 -2.47 10.80
CA PRO A 61 -3.05 -2.94 10.94
C PRO A 61 -2.65 -4.03 9.95
N SER A 62 -3.48 -5.05 9.82
CA SER A 62 -3.18 -6.19 8.96
C SER A 62 -2.97 -5.77 7.51
N THR A 63 -3.79 -4.83 7.02
CA THR A 63 -3.64 -4.34 5.66
C THR A 63 -2.30 -3.65 5.50
N LEU A 64 -2.03 -2.70 6.39
CA LEU A 64 -0.80 -1.91 6.35
C LEU A 64 0.43 -2.80 6.37
N ARG A 65 0.35 -3.87 7.13
CA ARG A 65 1.47 -4.79 7.27
C ARG A 65 1.55 -5.74 6.08
N GLU A 66 0.42 -5.95 5.40
CA GLU A 66 0.41 -6.75 4.18
C GLU A 66 0.99 -5.93 3.05
N LEU A 67 0.56 -4.67 3.00
CA LEU A 67 1.04 -3.72 2.02
C LEU A 67 2.57 -3.66 2.05
N GLU A 68 3.10 -3.66 3.26
CA GLU A 68 4.53 -3.52 3.51
C GLU A 68 5.33 -4.71 3.00
N ARG A 69 5.11 -5.86 3.63
CA ARG A 69 5.82 -7.09 3.27
C ARG A 69 5.73 -7.34 1.78
N TYR A 70 4.69 -6.79 1.20
CA TYR A 70 4.48 -6.90 -0.22
C TYR A 70 5.47 -6.02 -1.00
N VAL A 71 5.46 -4.72 -0.77
CA VAL A 71 6.33 -3.82 -1.51
C VAL A 71 7.76 -4.14 -1.22
N THR A 72 8.01 -4.51 0.02
CA THR A 72 9.30 -4.94 0.45
C THR A 72 9.80 -6.10 -0.42
N SER A 73 8.87 -6.94 -0.89
CA SER A 73 9.24 -8.08 -1.72
C SER A 73 9.69 -7.59 -3.09
N CYS A 74 9.10 -6.48 -3.53
CA CYS A 74 9.40 -5.92 -4.84
C CYS A 74 10.62 -5.01 -4.76
N LEU A 75 10.71 -4.26 -3.69
CA LEU A 75 11.77 -3.28 -3.49
C LEU A 75 13.10 -3.92 -3.05
N ARG A 76 13.05 -4.83 -2.07
CA ARG A 76 14.26 -5.48 -1.58
C ARG A 76 14.93 -6.24 -2.72
N LYS A 77 14.12 -6.95 -3.49
CA LYS A 77 14.60 -7.63 -4.68
C LYS A 77 14.17 -6.86 -5.91
N LYS A 78 13.52 -7.51 -6.86
CA LYS A 78 12.91 -6.81 -7.96
C LYS A 78 11.45 -7.25 -8.12
N ARG A 79 11.25 -8.56 -8.16
CA ARG A 79 9.92 -9.13 -8.34
C ARG A 79 9.25 -8.52 -9.56
N LYS A 80 9.89 -8.69 -10.69
CA LYS A 80 9.45 -8.04 -11.92
C LYS A 80 8.72 -9.00 -12.83
N PRO A 81 7.47 -8.69 -13.16
CA PRO A 81 6.70 -9.45 -14.14
C PRO A 81 7.06 -9.05 -15.57
N GLN A 82 8.09 -9.68 -16.11
CA GLN A 82 8.60 -9.33 -17.43
C GLN A 82 7.73 -9.95 -18.52
N ALA A 83 7.47 -9.17 -19.56
CA ALA A 83 6.65 -9.61 -20.68
C ALA A 83 7.00 -8.82 -21.93
N LYS B 1 -2.44 13.54 4.13
CA LYS B 1 -1.71 12.26 4.37
C LYS B 1 -1.91 11.30 3.21
N TRP B 2 -0.95 11.31 2.27
CA TRP B 2 -0.93 10.35 1.17
C TRP B 2 -2.20 10.45 0.34
N THR B 3 -2.57 11.68 0.01
CA THR B 3 -3.79 11.95 -0.74
C THR B 3 -3.56 11.92 -2.24
N LEU B 4 -4.55 12.40 -2.99
CA LEU B 4 -4.55 12.37 -4.45
C LEU B 4 -3.21 12.80 -5.03
N GLU B 5 -2.64 13.88 -4.49
CA GLU B 5 -1.39 14.41 -4.98
C GLU B 5 -0.33 13.32 -5.08
N ARG B 6 0.11 12.86 -3.91
CA ARG B 6 1.20 11.92 -3.82
C ARG B 6 0.83 10.58 -4.48
N LEU B 7 -0.13 9.88 -3.91
CA LEU B 7 -0.47 8.54 -4.35
C LEU B 7 -1.07 8.56 -5.75
N LYS B 8 -2.18 9.26 -5.91
CA LYS B 8 -2.99 9.14 -7.12
C LYS B 8 -2.26 9.64 -8.34
N ARG B 9 -1.52 10.75 -8.21
CA ARG B 9 -0.90 11.34 -9.38
C ARG B 9 0.37 10.59 -9.75
N LYS B 10 1.08 10.06 -8.76
CA LYS B 10 2.28 9.28 -9.03
C LYS B 10 1.88 7.90 -9.56
N TYR B 11 0.78 7.38 -9.03
CA TYR B 11 0.24 6.10 -9.44
C TYR B 11 -0.12 6.11 -10.93
N ARG B 12 -1.01 7.01 -11.30
CA ARG B 12 -1.55 7.05 -12.66
C ARG B 12 -0.50 7.56 -13.64
N ASN B 13 0.46 8.33 -13.14
CA ASN B 13 1.54 8.89 -13.95
C ASN B 13 1.01 9.95 -14.92
N SER A 1 -6.46 -18.12 11.01
CA SER A 1 -6.26 -16.94 10.14
C SER A 1 -5.89 -15.70 10.97
N GLU A 2 -5.66 -15.89 12.26
CA GLU A 2 -5.43 -14.78 13.18
C GLU A 2 -3.98 -14.34 13.19
N GLU A 3 -3.16 -14.92 12.30
CA GLU A 3 -1.76 -14.54 12.17
C GLU A 3 -1.61 -13.02 12.01
N GLU A 4 -2.51 -12.44 11.24
CA GLU A 4 -2.49 -11.01 10.98
C GLU A 4 -2.88 -10.19 12.22
N ASP A 5 -3.77 -10.76 13.04
CA ASP A 5 -4.23 -10.05 14.23
C ASP A 5 -3.24 -10.28 15.37
N LYS A 6 -2.11 -10.90 15.05
CA LYS A 6 -1.03 -11.08 15.98
C LYS A 6 0.14 -10.20 15.57
N CYS A 7 -0.12 -9.33 14.59
CA CYS A 7 0.90 -8.46 14.04
C CYS A 7 0.77 -7.06 14.65
N LYS A 8 1.88 -6.54 15.14
CA LYS A 8 1.90 -5.21 15.75
C LYS A 8 1.50 -4.13 14.74
N PRO A 9 0.83 -3.07 15.23
CA PRO A 9 0.32 -1.99 14.38
C PRO A 9 1.44 -1.18 13.75
N MET A 10 1.23 -0.82 12.49
CA MET A 10 2.19 -0.03 11.75
C MET A 10 2.26 1.38 12.31
N SER A 11 3.41 1.74 12.86
CA SER A 11 3.56 3.04 13.51
C SER A 11 3.66 4.17 12.48
N TYR A 12 3.71 5.40 12.96
CA TYR A 12 3.75 6.57 12.08
C TYR A 12 4.89 6.52 11.08
N GLU A 13 6.12 6.41 11.59
CA GLU A 13 7.30 6.41 10.75
C GLU A 13 7.25 5.26 9.75
N GLU A 14 6.53 4.20 10.12
CA GLU A 14 6.41 3.04 9.27
C GLU A 14 5.36 3.30 8.21
N LYS A 15 4.22 3.81 8.64
CA LYS A 15 3.15 4.20 7.74
C LYS A 15 3.62 5.16 6.67
N ARG A 16 4.27 6.24 7.08
CA ARG A 16 4.76 7.22 6.15
C ARG A 16 5.76 6.61 5.20
N GLN A 17 6.65 5.78 5.73
CA GLN A 17 7.62 5.14 4.87
C GLN A 17 6.92 4.15 3.95
N LEU A 18 5.91 3.47 4.47
CA LEU A 18 5.12 2.49 3.73
C LEU A 18 4.47 3.14 2.52
N SER A 19 3.84 4.28 2.78
CA SER A 19 3.19 5.03 1.73
C SER A 19 4.21 5.41 0.66
N LEU A 20 5.45 5.59 1.11
CA LEU A 20 6.56 5.87 0.21
C LEU A 20 7.09 4.61 -0.50
N ASP A 21 7.37 3.54 0.25
CA ASP A 21 7.80 2.27 -0.34
C ASP A 21 6.81 1.83 -1.41
N ILE A 22 5.54 2.02 -1.10
CA ILE A 22 4.46 1.72 -2.02
C ILE A 22 4.52 2.59 -3.27
N ASN A 23 4.74 3.88 -3.07
CA ASN A 23 4.76 4.81 -4.20
C ASN A 23 6.04 4.66 -5.03
N LYS A 24 7.03 3.96 -4.48
CA LYS A 24 8.24 3.64 -5.22
C LYS A 24 7.94 2.63 -6.33
N LEU A 25 6.96 1.78 -6.09
CA LEU A 25 6.57 0.76 -7.04
C LEU A 25 6.17 1.36 -8.38
N PRO A 26 6.46 0.65 -9.47
CA PRO A 26 5.87 0.95 -10.77
C PRO A 26 4.36 0.83 -10.73
N GLY A 27 3.66 1.56 -11.59
CA GLY A 27 2.21 1.65 -11.54
C GLY A 27 1.50 0.30 -11.37
N GLU A 28 1.96 -0.69 -12.13
CA GLU A 28 1.39 -2.04 -12.08
C GLU A 28 1.43 -2.60 -10.66
N LYS A 29 2.47 -2.26 -9.92
CA LYS A 29 2.68 -2.82 -8.59
C LYS A 29 1.83 -2.12 -7.54
N LEU A 30 1.50 -0.85 -7.75
CA LEU A 30 0.53 -0.20 -6.88
C LEU A 30 -0.85 -0.78 -7.16
N GLY A 31 -0.93 -1.51 -8.28
CA GLY A 31 -2.14 -2.25 -8.62
C GLY A 31 -2.53 -3.22 -7.53
N ARG A 32 -1.51 -3.74 -6.87
CA ARG A 32 -1.68 -4.75 -5.83
C ARG A 32 -2.09 -4.14 -4.49
N VAL A 33 -1.36 -3.12 -4.02
CA VAL A 33 -1.65 -2.50 -2.73
C VAL A 33 -3.06 -1.97 -2.66
N VAL A 34 -3.55 -1.36 -3.73
CA VAL A 34 -4.92 -0.89 -3.72
C VAL A 34 -5.88 -2.07 -3.67
N HIS A 35 -5.53 -3.15 -4.38
CA HIS A 35 -6.33 -4.35 -4.36
C HIS A 35 -6.37 -4.91 -2.95
N ILE A 36 -5.22 -4.88 -2.28
CA ILE A 36 -5.16 -5.27 -0.88
C ILE A 36 -6.03 -4.34 -0.05
N ILE A 37 -5.67 -3.05 0.00
CA ILE A 37 -6.40 -2.07 0.78
C ILE A 37 -7.91 -2.12 0.51
N GLN A 38 -8.33 -1.99 -0.75
CA GLN A 38 -9.75 -1.93 -1.10
C GLN A 38 -10.51 -3.18 -0.65
N SER A 39 -9.87 -4.35 -0.76
CA SER A 39 -10.48 -5.59 -0.35
C SER A 39 -10.55 -5.71 1.17
N ARG A 40 -9.50 -5.24 1.82
CA ARG A 40 -9.40 -5.29 3.27
C ARG A 40 -10.20 -4.16 3.91
N GLU A 41 -10.35 -3.08 3.17
CA GLU A 41 -11.09 -1.92 3.62
C GLU A 41 -12.26 -1.66 2.66
N PRO A 42 -13.37 -2.40 2.81
CA PRO A 42 -14.50 -2.36 1.87
C PRO A 42 -15.20 -0.99 1.81
N SER A 43 -14.70 -0.02 2.55
CA SER A 43 -15.33 1.28 2.62
C SER A 43 -14.74 2.25 1.59
N LEU A 44 -13.63 1.86 0.97
CA LEU A 44 -12.96 2.76 0.02
C LEU A 44 -12.93 2.16 -1.39
N LYS A 45 -13.89 1.30 -1.70
CA LYS A 45 -13.95 0.70 -3.02
C LYS A 45 -14.60 1.66 -4.03
N ASN A 46 -14.92 2.85 -3.54
CA ASN A 46 -15.46 3.91 -4.39
C ASN A 46 -14.33 4.57 -5.18
N SER A 47 -13.14 4.53 -4.60
CA SER A 47 -11.96 5.04 -5.26
C SER A 47 -11.56 4.14 -6.43
N ASN A 48 -11.52 4.70 -7.62
CA ASN A 48 -11.18 3.94 -8.82
C ASN A 48 -9.68 3.75 -8.86
N PRO A 49 -9.16 2.53 -9.12
CA PRO A 49 -7.72 2.24 -8.92
C PRO A 49 -6.78 3.20 -9.64
N ASP A 50 -7.15 3.66 -10.81
CA ASP A 50 -6.30 4.54 -11.60
C ASP A 50 -6.43 5.98 -11.12
N GLU A 51 -7.32 6.17 -10.16
CA GLU A 51 -7.49 7.45 -9.46
C GLU A 51 -7.60 7.21 -7.96
N ILE A 52 -6.97 6.15 -7.51
CA ILE A 52 -7.09 5.72 -6.13
C ILE A 52 -6.57 6.79 -5.16
N GLU A 53 -7.22 6.90 -4.02
CA GLU A 53 -6.74 7.70 -2.93
C GLU A 53 -6.84 6.87 -1.65
N ILE A 54 -5.74 6.24 -1.26
CA ILE A 54 -5.73 5.37 -0.10
C ILE A 54 -5.49 6.18 1.16
N ASP A 55 -6.19 5.84 2.23
CA ASP A 55 -6.02 6.53 3.50
C ASP A 55 -5.30 5.61 4.47
N PHE A 56 -4.01 5.87 4.68
CA PHE A 56 -3.19 5.00 5.51
C PHE A 56 -3.63 5.03 6.97
N GLU A 57 -4.45 6.01 7.30
CA GLU A 57 -4.90 6.19 8.66
C GLU A 57 -6.20 5.46 8.93
N THR A 58 -6.80 4.92 7.87
CA THR A 58 -8.04 4.19 8.01
C THR A 58 -7.80 2.69 7.91
N LEU A 59 -6.70 2.33 7.26
CA LEU A 59 -6.38 0.93 7.03
C LEU A 59 -6.14 0.22 8.36
N LYS A 60 -6.68 -0.97 8.47
CA LYS A 60 -6.47 -1.79 9.66
C LYS A 60 -5.05 -2.35 9.65
N PRO A 61 -4.39 -2.47 10.82
CA PRO A 61 -3.01 -2.97 10.96
C PRO A 61 -2.62 -4.03 9.94
N SER A 62 -3.46 -5.04 9.78
CA SER A 62 -3.15 -6.16 8.92
C SER A 62 -2.99 -5.74 7.47
N THR A 63 -3.84 -4.83 7.00
CA THR A 63 -3.74 -4.34 5.63
C THR A 63 -2.38 -3.67 5.46
N LEU A 64 -2.08 -2.76 6.38
CA LEU A 64 -0.83 -2.01 6.35
C LEU A 64 0.37 -2.94 6.36
N ARG A 65 0.26 -4.02 7.10
CA ARG A 65 1.35 -4.98 7.19
C ARG A 65 1.40 -5.87 5.95
N GLU A 66 0.25 -6.07 5.29
CA GLU A 66 0.24 -6.79 4.01
C GLU A 66 0.92 -5.92 2.97
N LEU A 67 0.55 -4.65 2.97
CA LEU A 67 1.10 -3.68 2.04
C LEU A 67 2.63 -3.66 2.13
N GLU A 68 3.13 -3.69 3.37
CA GLU A 68 4.56 -3.62 3.67
C GLU A 68 5.33 -4.82 3.12
N ARG A 69 5.01 -6.01 3.64
CA ARG A 69 5.66 -7.27 3.24
C ARG A 69 5.61 -7.43 1.74
N TYR A 70 4.63 -6.79 1.15
CA TYR A 70 4.44 -6.88 -0.27
C TYR A 70 5.46 -6.00 -1.00
N VAL A 71 5.46 -4.70 -0.73
CA VAL A 71 6.33 -3.80 -1.45
C VAL A 71 7.78 -4.06 -1.16
N THR A 72 8.07 -4.46 0.05
CA THR A 72 9.43 -4.79 0.41
C THR A 72 9.87 -6.01 -0.42
N SER A 73 8.91 -6.83 -0.85
CA SER A 73 9.23 -7.98 -1.66
C SER A 73 9.55 -7.54 -3.10
N CYS A 74 9.01 -6.38 -3.48
CA CYS A 74 9.23 -5.82 -4.81
C CYS A 74 10.46 -4.94 -4.84
N LEU A 75 10.65 -4.19 -3.76
CA LEU A 75 11.77 -3.27 -3.64
C LEU A 75 13.07 -3.98 -3.26
N ARG A 76 13.01 -4.93 -2.34
CA ARG A 76 14.19 -5.72 -1.99
C ARG A 76 14.64 -6.54 -3.19
N LYS A 77 13.67 -7.15 -3.84
CA LYS A 77 13.92 -7.93 -5.04
C LYS A 77 13.19 -7.31 -6.22
N LYS A 78 13.90 -6.43 -6.95
CA LYS A 78 13.33 -5.69 -8.06
C LYS A 78 12.73 -6.63 -9.10
N ARG A 79 13.30 -7.83 -9.21
CA ARG A 79 12.80 -8.86 -10.12
C ARG A 79 12.91 -8.40 -11.57
N LYS A 80 14.12 -8.52 -12.10
CA LYS A 80 14.38 -8.19 -13.50
C LYS A 80 13.72 -9.23 -14.41
N PRO A 81 13.19 -8.80 -15.55
CA PRO A 81 12.51 -9.70 -16.49
C PRO A 81 13.49 -10.58 -17.26
N GLN A 82 13.79 -11.73 -16.68
CA GLN A 82 14.70 -12.68 -17.32
C GLN A 82 13.92 -13.62 -18.23
N ALA A 83 13.81 -13.24 -19.48
CA ALA A 83 13.12 -14.05 -20.47
C ALA A 83 14.01 -15.20 -20.91
N LYS B 1 -1.01 13.79 4.19
CA LYS B 1 -0.22 12.61 4.58
C LYS B 1 0.12 11.77 3.35
N TRP B 2 -0.91 11.20 2.75
CA TRP B 2 -0.74 10.36 1.57
C TRP B 2 -2.01 10.43 0.74
N THR B 3 -2.26 11.59 0.17
CA THR B 3 -3.49 11.87 -0.52
C THR B 3 -3.34 11.68 -2.03
N LEU B 4 -4.32 12.14 -2.80
CA LEU B 4 -4.31 11.97 -4.25
C LEU B 4 -3.05 12.56 -4.87
N GLU B 5 -2.45 13.54 -4.22
CA GLU B 5 -1.28 14.19 -4.74
C GLU B 5 -0.16 13.18 -5.01
N ARG B 6 0.44 12.66 -3.96
CA ARG B 6 1.53 11.70 -4.10
C ARG B 6 1.05 10.42 -4.76
N LEU B 7 -0.02 9.85 -4.23
CA LEU B 7 -0.49 8.55 -4.71
C LEU B 7 -1.00 8.62 -6.13
N LYS B 8 -2.12 9.30 -6.34
CA LYS B 8 -2.79 9.30 -7.63
C LYS B 8 -1.88 9.79 -8.77
N ARG B 9 -1.13 10.86 -8.53
CA ARG B 9 -0.35 11.46 -9.62
C ARG B 9 0.91 10.63 -9.94
N LYS B 10 1.45 9.93 -8.95
CA LYS B 10 2.60 9.06 -9.20
C LYS B 10 2.13 7.69 -9.67
N TYR B 11 0.93 7.32 -9.27
CA TYR B 11 0.30 6.07 -9.68
C TYR B 11 -0.08 6.13 -11.16
N ARG B 12 -0.67 7.26 -11.54
CA ARG B 12 -1.17 7.46 -12.89
C ARG B 12 -0.03 7.41 -13.93
N ASN B 13 1.13 7.93 -13.54
CA ASN B 13 2.26 7.98 -14.45
C ASN B 13 3.06 6.69 -14.39
N SER A 1 -7.12 -18.22 11.79
CA SER A 1 -7.24 -16.99 10.97
C SER A 1 -7.05 -15.73 11.82
N GLU A 2 -6.43 -15.88 12.98
CA GLU A 2 -6.20 -14.75 13.86
C GLU A 2 -4.79 -14.18 13.69
N GLU A 3 -4.03 -14.72 12.76
CA GLU A 3 -2.62 -14.34 12.60
C GLU A 3 -2.51 -12.90 12.15
N GLU A 4 -3.30 -12.53 11.15
CA GLU A 4 -3.28 -11.18 10.60
C GLU A 4 -3.71 -10.14 11.64
N ASP A 5 -4.68 -10.49 12.48
CA ASP A 5 -5.18 -9.56 13.49
C ASP A 5 -4.32 -9.60 14.73
N LYS A 6 -3.25 -10.39 14.69
CA LYS A 6 -2.32 -10.50 15.80
C LYS A 6 -1.02 -9.80 15.45
N CYS A 7 -0.89 -9.43 14.17
CA CYS A 7 0.29 -8.73 13.70
C CYS A 7 0.37 -7.35 14.35
N LYS A 8 1.59 -6.92 14.61
CA LYS A 8 1.83 -5.67 15.31
C LYS A 8 1.45 -4.46 14.45
N PRO A 9 1.00 -3.38 15.10
CA PRO A 9 0.52 -2.18 14.40
C PRO A 9 1.64 -1.41 13.72
N MET A 10 1.31 -0.82 12.58
CA MET A 10 2.25 -0.03 11.82
C MET A 10 2.31 1.39 12.36
N SER A 11 3.47 1.78 12.90
CA SER A 11 3.64 3.10 13.52
C SER A 11 3.65 4.20 12.46
N TYR A 12 3.67 5.46 12.92
CA TYR A 12 3.64 6.60 12.00
C TYR A 12 4.78 6.55 10.98
N GLU A 13 6.01 6.53 11.47
CA GLU A 13 7.18 6.55 10.61
C GLU A 13 7.21 5.32 9.70
N GLU A 14 6.49 4.29 10.10
CA GLU A 14 6.39 3.10 9.30
C GLU A 14 5.33 3.31 8.23
N LYS A 15 4.18 3.84 8.64
CA LYS A 15 3.12 4.22 7.73
C LYS A 15 3.60 5.16 6.64
N ARG A 16 4.24 6.24 7.05
CA ARG A 16 4.75 7.21 6.09
C ARG A 16 5.77 6.57 5.18
N GLN A 17 6.66 5.76 5.73
CA GLN A 17 7.65 5.13 4.89
C GLN A 17 6.96 4.12 3.99
N LEU A 18 5.94 3.43 4.52
CA LEU A 18 5.16 2.46 3.75
C LEU A 18 4.52 3.11 2.55
N SER A 19 3.87 4.24 2.79
CA SER A 19 3.22 4.97 1.73
C SER A 19 4.25 5.38 0.67
N LEU A 20 5.50 5.53 1.13
CA LEU A 20 6.61 5.82 0.24
C LEU A 20 7.13 4.56 -0.48
N ASP A 21 7.40 3.48 0.27
CA ASP A 21 7.81 2.21 -0.32
C ASP A 21 6.80 1.76 -1.37
N ILE A 22 5.53 1.98 -1.06
CA ILE A 22 4.44 1.66 -1.96
C ILE A 22 4.44 2.55 -3.20
N ASN A 23 4.77 3.83 -3.02
CA ASN A 23 4.79 4.76 -4.13
C ASN A 23 6.07 4.60 -4.97
N LYS A 24 7.06 3.90 -4.43
CA LYS A 24 8.26 3.57 -5.18
C LYS A 24 7.95 2.57 -6.29
N LEU A 25 6.96 1.72 -6.02
CA LEU A 25 6.53 0.71 -6.97
C LEU A 25 6.11 1.35 -8.27
N PRO A 26 6.38 0.68 -9.40
CA PRO A 26 5.84 1.07 -10.69
C PRO A 26 4.31 1.04 -10.66
N GLY A 27 3.67 1.82 -11.53
CA GLY A 27 2.21 1.97 -11.50
C GLY A 27 1.47 0.65 -11.38
N GLU A 28 1.89 -0.34 -12.15
CA GLU A 28 1.30 -1.67 -12.14
C GLU A 28 1.29 -2.25 -10.73
N LYS A 29 2.36 -2.03 -9.99
CA LYS A 29 2.55 -2.66 -8.70
C LYS A 29 1.70 -1.99 -7.61
N LEU A 30 1.35 -0.71 -7.78
CA LEU A 30 0.43 -0.11 -6.83
C LEU A 30 -0.98 -0.68 -7.06
N GLY A 31 -1.15 -1.38 -8.18
CA GLY A 31 -2.40 -2.05 -8.44
C GLY A 31 -2.62 -3.21 -7.48
N ARG A 32 -1.54 -3.65 -6.86
CA ARG A 32 -1.60 -4.70 -5.85
C ARG A 32 -2.05 -4.13 -4.50
N VAL A 33 -1.40 -3.08 -4.03
CA VAL A 33 -1.76 -2.46 -2.75
C VAL A 33 -3.19 -1.97 -2.78
N VAL A 34 -3.64 -1.39 -3.89
CA VAL A 34 -5.02 -0.97 -3.99
C VAL A 34 -5.93 -2.19 -3.88
N HIS A 35 -5.53 -3.29 -4.52
CA HIS A 35 -6.27 -4.54 -4.45
C HIS A 35 -6.30 -5.06 -3.02
N ILE A 36 -5.16 -4.99 -2.33
CA ILE A 36 -5.10 -5.39 -0.94
C ILE A 36 -5.99 -4.49 -0.09
N ILE A 37 -5.63 -3.21 -0.02
CA ILE A 37 -6.37 -2.23 0.76
C ILE A 37 -7.87 -2.29 0.48
N GLN A 38 -8.27 -2.16 -0.79
CA GLN A 38 -9.70 -2.13 -1.16
C GLN A 38 -10.44 -3.38 -0.66
N SER A 39 -9.81 -4.55 -0.79
CA SER A 39 -10.43 -5.79 -0.38
C SER A 39 -10.52 -5.88 1.14
N ARG A 40 -9.46 -5.42 1.80
CA ARG A 40 -9.40 -5.45 3.25
C ARG A 40 -10.28 -4.35 3.86
N GLU A 41 -10.32 -3.21 3.18
CA GLU A 41 -11.04 -2.04 3.66
C GLU A 41 -12.22 -1.74 2.72
N PRO A 42 -13.38 -2.40 2.94
CA PRO A 42 -14.57 -2.25 2.07
C PRO A 42 -15.15 -0.83 2.05
N SER A 43 -14.52 0.09 2.77
CA SER A 43 -15.03 1.44 2.88
C SER A 43 -14.47 2.34 1.77
N LEU A 44 -13.44 1.86 1.08
CA LEU A 44 -12.78 2.70 0.08
C LEU A 44 -12.85 2.10 -1.32
N LYS A 45 -13.79 1.19 -1.54
CA LYS A 45 -13.96 0.59 -2.87
C LYS A 45 -14.67 1.56 -3.80
N ASN A 46 -14.91 2.78 -3.32
CA ASN A 46 -15.49 3.83 -4.13
C ASN A 46 -14.39 4.48 -4.97
N SER A 47 -13.15 4.28 -4.54
CA SER A 47 -11.99 4.77 -5.28
C SER A 47 -11.56 3.74 -6.31
N ASN A 48 -11.53 4.14 -7.57
CA ASN A 48 -11.11 3.24 -8.65
C ASN A 48 -9.61 3.04 -8.57
N PRO A 49 -9.08 1.85 -8.87
CA PRO A 49 -7.62 1.61 -8.83
C PRO A 49 -6.82 2.63 -9.67
N ASP A 50 -7.37 3.00 -10.82
CA ASP A 50 -6.66 3.85 -11.77
C ASP A 50 -6.63 5.30 -11.28
N GLU A 51 -7.49 5.58 -10.32
CA GLU A 51 -7.65 6.92 -9.76
C GLU A 51 -7.68 6.83 -8.25
N ILE A 52 -7.00 5.82 -7.74
CA ILE A 52 -7.07 5.45 -6.34
C ILE A 52 -6.54 6.53 -5.41
N GLU A 53 -7.14 6.63 -4.24
CA GLU A 53 -6.56 7.34 -3.14
C GLU A 53 -6.72 6.47 -1.89
N ILE A 54 -5.63 6.22 -1.18
CA ILE A 54 -5.65 5.31 -0.06
C ILE A 54 -5.31 6.03 1.23
N ASP A 55 -6.22 5.99 2.17
CA ASP A 55 -6.03 6.63 3.45
C ASP A 55 -5.33 5.66 4.40
N PHE A 56 -4.02 5.82 4.55
CA PHE A 56 -3.23 4.93 5.39
C PHE A 56 -3.70 4.99 6.83
N GLU A 57 -4.42 6.05 7.15
CA GLU A 57 -4.93 6.28 8.49
C GLU A 57 -6.22 5.49 8.74
N THR A 58 -6.83 5.00 7.67
CA THR A 58 -8.09 4.29 7.80
C THR A 58 -7.88 2.79 7.69
N LEU A 59 -6.70 2.41 7.23
CA LEU A 59 -6.37 1.00 7.07
C LEU A 59 -6.12 0.37 8.42
N LYS A 60 -6.64 -0.82 8.61
CA LYS A 60 -6.39 -1.57 9.83
C LYS A 60 -5.01 -2.22 9.76
N PRO A 61 -4.30 -2.36 10.92
CA PRO A 61 -2.95 -2.94 11.01
C PRO A 61 -2.66 -4.05 10.00
N SER A 62 -3.56 -5.02 9.90
CA SER A 62 -3.33 -6.19 9.02
C SER A 62 -3.07 -5.76 7.57
N THR A 63 -3.86 -4.82 7.08
CA THR A 63 -3.68 -4.34 5.71
C THR A 63 -2.34 -3.66 5.57
N LEU A 64 -2.05 -2.75 6.49
CA LEU A 64 -0.81 -1.99 6.45
C LEU A 64 0.40 -2.90 6.48
N ARG A 65 0.30 -3.99 7.22
CA ARG A 65 1.41 -4.94 7.32
C ARG A 65 1.47 -5.84 6.09
N GLU A 66 0.34 -6.01 5.40
CA GLU A 66 0.34 -6.78 4.16
C GLU A 66 0.96 -5.94 3.06
N LEU A 67 0.57 -4.67 3.03
CA LEU A 67 1.08 -3.71 2.06
C LEU A 67 2.61 -3.67 2.12
N GLU A 68 3.12 -3.70 3.35
CA GLU A 68 4.55 -3.59 3.63
C GLU A 68 5.33 -4.78 3.10
N ARG A 69 5.05 -5.96 3.65
CA ARG A 69 5.74 -7.20 3.25
C ARG A 69 5.65 -7.38 1.75
N TYR A 70 4.64 -6.78 1.18
CA TYR A 70 4.46 -6.84 -0.25
C TYR A 70 5.48 -5.96 -0.97
N VAL A 71 5.50 -4.67 -0.66
CA VAL A 71 6.37 -3.76 -1.38
C VAL A 71 7.81 -4.08 -1.15
N THR A 72 8.15 -4.51 0.06
CA THR A 72 9.50 -4.87 0.35
C THR A 72 9.88 -6.11 -0.46
N SER A 73 8.89 -6.91 -0.86
CA SER A 73 9.17 -8.07 -1.68
C SER A 73 9.50 -7.61 -3.11
N CYS A 74 8.89 -6.50 -3.51
CA CYS A 74 9.10 -5.92 -4.83
C CYS A 74 10.37 -5.09 -4.86
N LEU A 75 10.56 -4.30 -3.81
CA LEU A 75 11.70 -3.38 -3.70
C LEU A 75 13.00 -4.12 -3.35
N ARG A 76 12.94 -5.03 -2.38
CA ARG A 76 14.10 -5.85 -2.05
C ARG A 76 14.47 -6.74 -3.23
N LYS A 77 13.53 -6.90 -4.15
CA LYS A 77 13.72 -7.65 -5.39
C LYS A 77 14.40 -9.01 -5.19
N LYS A 78 13.60 -10.06 -5.10
CA LYS A 78 14.12 -11.39 -4.80
C LYS A 78 14.29 -12.19 -6.09
N ARG A 79 13.35 -12.01 -7.02
CA ARG A 79 13.30 -12.82 -8.24
C ARG A 79 13.31 -14.29 -7.86
N LYS A 80 12.18 -14.73 -7.33
CA LYS A 80 12.00 -16.07 -6.82
C LYS A 80 12.25 -17.11 -7.90
N PRO A 81 13.31 -17.92 -7.76
CA PRO A 81 13.62 -18.99 -8.73
C PRO A 81 12.47 -19.97 -8.87
N GLN A 82 11.85 -19.96 -10.05
CA GLN A 82 10.72 -20.83 -10.34
C GLN A 82 10.62 -21.07 -11.85
N ALA A 83 11.76 -21.08 -12.52
CA ALA A 83 11.80 -21.28 -13.96
C ALA A 83 12.73 -22.44 -14.30
N LYS B 1 -0.02 12.88 5.31
CA LYS B 1 0.30 11.44 5.44
C LYS B 1 0.33 10.79 4.05
N TRP B 2 -0.87 10.50 3.55
CA TRP B 2 -1.03 9.83 2.26
C TRP B 2 -2.42 10.15 1.74
N THR B 3 -2.53 11.17 0.91
CA THR B 3 -3.82 11.64 0.45
C THR B 3 -3.75 12.04 -1.04
N LEU B 4 -4.80 12.69 -1.55
CA LEU B 4 -4.96 13.04 -2.96
C LEU B 4 -3.65 13.37 -3.68
N GLU B 5 -2.94 14.38 -3.18
CA GLU B 5 -1.68 14.78 -3.81
C GLU B 5 -0.69 13.61 -3.85
N ARG B 6 -0.47 13.01 -2.69
CA ARG B 6 0.46 11.90 -2.54
C ARG B 6 0.21 10.77 -3.53
N LEU B 7 -0.89 10.05 -3.34
CA LEU B 7 -1.11 8.83 -4.10
C LEU B 7 -1.44 9.10 -5.56
N LYS B 8 -2.41 9.97 -5.80
CA LYS B 8 -2.88 10.22 -7.17
C LYS B 8 -1.73 10.62 -8.10
N ARG B 9 -0.83 11.45 -7.61
CA ARG B 9 0.23 11.98 -8.46
C ARG B 9 1.42 11.03 -8.53
N LYS B 10 1.58 10.16 -7.54
CA LYS B 10 2.70 9.20 -7.55
C LYS B 10 2.27 7.88 -8.18
N TYR B 11 0.97 7.71 -8.34
CA TYR B 11 0.41 6.49 -8.94
C TYR B 11 0.18 6.69 -10.43
N ARG B 12 -0.65 7.66 -10.77
CA ARG B 12 -1.07 7.85 -12.16
C ARG B 12 0.06 8.45 -12.99
N ASN B 13 0.86 9.30 -12.36
CA ASN B 13 1.93 9.99 -13.06
C ASN B 13 3.26 9.30 -12.78
N SER A 1 -5.37 -19.14 14.55
CA SER A 1 -5.56 -18.10 13.51
C SER A 1 -5.48 -16.71 14.11
N GLU A 2 -4.82 -16.59 15.25
CA GLU A 2 -4.73 -15.33 15.97
C GLU A 2 -3.44 -14.58 15.66
N GLU A 3 -2.61 -15.15 14.77
CA GLU A 3 -1.31 -14.58 14.46
C GLU A 3 -1.48 -13.25 13.72
N GLU A 4 -2.36 -13.28 12.72
CA GLU A 4 -2.60 -12.12 11.87
C GLU A 4 -3.16 -10.94 12.67
N ASP A 5 -4.04 -11.22 13.62
CA ASP A 5 -4.67 -10.18 14.40
C ASP A 5 -3.78 -9.73 15.56
N LYS A 6 -2.63 -10.36 15.72
CA LYS A 6 -1.70 -9.96 16.76
C LYS A 6 -0.55 -9.17 16.14
N CYS A 7 -0.62 -8.99 14.83
CA CYS A 7 0.40 -8.26 14.09
C CYS A 7 0.47 -6.83 14.61
N LYS A 8 1.68 -6.36 14.83
CA LYS A 8 1.93 -5.05 15.36
C LYS A 8 1.39 -3.97 14.44
N PRO A 9 0.75 -2.94 15.01
CA PRO A 9 0.21 -1.83 14.25
C PRO A 9 1.31 -1.00 13.64
N MET A 10 1.13 -0.63 12.38
CA MET A 10 2.12 0.14 11.66
C MET A 10 2.20 1.55 12.22
N SER A 11 3.36 1.88 12.79
CA SER A 11 3.57 3.17 13.44
C SER A 11 3.61 4.30 12.41
N TYR A 12 3.56 5.55 12.87
CA TYR A 12 3.56 6.70 11.96
C TYR A 12 4.75 6.67 11.02
N GLU A 13 5.95 6.60 11.59
CA GLU A 13 7.17 6.63 10.79
C GLU A 13 7.22 5.44 9.84
N GLU A 14 6.49 4.39 10.19
CA GLU A 14 6.42 3.21 9.36
C GLU A 14 5.39 3.44 8.25
N LYS A 15 4.21 3.90 8.63
CA LYS A 15 3.17 4.27 7.70
C LYS A 15 3.67 5.21 6.62
N ARG A 16 4.36 6.25 7.04
CA ARG A 16 4.89 7.23 6.11
C ARG A 16 5.89 6.60 5.17
N GLN A 17 6.79 5.77 5.71
CA GLN A 17 7.75 5.12 4.87
C GLN A 17 7.05 4.10 3.95
N LEU A 18 6.03 3.44 4.49
CA LEU A 18 5.23 2.47 3.75
C LEU A 18 4.62 3.12 2.54
N SER A 19 3.96 4.25 2.76
CA SER A 19 3.33 4.99 1.69
C SER A 19 4.36 5.33 0.62
N LEU A 20 5.60 5.52 1.08
CA LEU A 20 6.72 5.78 0.19
C LEU A 20 7.21 4.51 -0.52
N ASP A 21 7.48 3.44 0.23
CA ASP A 21 7.87 2.16 -0.36
C ASP A 21 6.85 1.72 -1.40
N ILE A 22 5.59 1.96 -1.08
CA ILE A 22 4.48 1.65 -1.96
C ILE A 22 4.47 2.53 -3.21
N ASN A 23 4.84 3.80 -3.04
CA ASN A 23 4.85 4.72 -4.17
C ASN A 23 6.08 4.52 -5.04
N LYS A 24 7.10 3.87 -4.50
CA LYS A 24 8.29 3.51 -5.27
C LYS A 24 7.92 2.52 -6.36
N LEU A 25 6.95 1.67 -6.06
CA LEU A 25 6.48 0.67 -6.99
C LEU A 25 6.04 1.32 -8.29
N PRO A 26 6.32 0.65 -9.41
CA PRO A 26 5.77 1.06 -10.70
C PRO A 26 4.24 1.04 -10.68
N GLY A 27 3.61 1.81 -11.56
CA GLY A 27 2.15 1.96 -11.53
C GLY A 27 1.41 0.65 -11.42
N GLU A 28 1.85 -0.34 -12.18
CA GLU A 28 1.28 -1.69 -12.17
C GLU A 28 1.24 -2.26 -10.75
N LYS A 29 2.30 -2.01 -10.00
CA LYS A 29 2.47 -2.64 -8.70
C LYS A 29 1.64 -1.98 -7.62
N LEU A 30 1.31 -0.70 -7.78
CA LEU A 30 0.39 -0.07 -6.82
C LEU A 30 -1.02 -0.61 -7.04
N GLY A 31 -1.21 -1.31 -8.15
CA GLY A 31 -2.47 -1.98 -8.39
C GLY A 31 -2.69 -3.12 -7.41
N ARG A 32 -1.60 -3.60 -6.85
CA ARG A 32 -1.65 -4.65 -5.84
C ARG A 32 -2.08 -4.09 -4.48
N VAL A 33 -1.41 -3.03 -4.02
CA VAL A 33 -1.74 -2.42 -2.73
C VAL A 33 -3.17 -1.91 -2.71
N VAL A 34 -3.62 -1.28 -3.80
CA VAL A 34 -4.99 -0.83 -3.86
C VAL A 34 -5.91 -2.05 -3.78
N HIS A 35 -5.53 -3.12 -4.46
CA HIS A 35 -6.30 -4.36 -4.42
C HIS A 35 -6.33 -4.92 -3.00
N ILE A 36 -5.19 -4.91 -2.33
CA ILE A 36 -5.12 -5.32 -0.94
C ILE A 36 -6.00 -4.42 -0.08
N ILE A 37 -5.62 -3.15 0.00
CA ILE A 37 -6.36 -2.17 0.80
C ILE A 37 -7.86 -2.22 0.53
N GLN A 38 -8.27 -2.09 -0.74
CA GLN A 38 -9.70 -2.04 -1.08
C GLN A 38 -10.43 -3.30 -0.62
N SER A 39 -9.81 -4.46 -0.77
CA SER A 39 -10.42 -5.70 -0.36
C SER A 39 -10.49 -5.80 1.16
N ARG A 40 -9.41 -5.38 1.81
CA ARG A 40 -9.32 -5.43 3.27
C ARG A 40 -10.12 -4.30 3.90
N GLU A 41 -10.35 -3.25 3.12
CA GLU A 41 -11.08 -2.08 3.58
C GLU A 41 -12.24 -1.79 2.63
N PRO A 42 -13.37 -2.51 2.79
CA PRO A 42 -14.54 -2.36 1.91
C PRO A 42 -15.18 -0.96 1.94
N SER A 43 -14.59 -0.05 2.69
CA SER A 43 -15.15 1.29 2.84
C SER A 43 -14.51 2.28 1.86
N LEU A 44 -13.53 1.84 1.09
CA LEU A 44 -12.83 2.75 0.19
C LEU A 44 -12.82 2.27 -1.26
N LYS A 45 -13.71 1.35 -1.60
CA LYS A 45 -13.79 0.88 -2.97
C LYS A 45 -14.64 1.83 -3.81
N ASN A 46 -15.04 2.95 -3.20
CA ASN A 46 -15.63 4.05 -3.95
C ASN A 46 -14.52 4.71 -4.78
N SER A 47 -13.29 4.54 -4.34
CA SER A 47 -12.12 4.97 -5.09
C SER A 47 -11.72 3.88 -6.07
N ASN A 48 -11.64 4.23 -7.35
CA ASN A 48 -11.23 3.28 -8.37
C ASN A 48 -9.73 3.03 -8.23
N PRO A 49 -9.23 1.81 -8.45
CA PRO A 49 -7.79 1.53 -8.31
C PRO A 49 -6.91 2.53 -9.09
N ASP A 50 -7.35 2.89 -10.29
CA ASP A 50 -6.55 3.71 -11.20
C ASP A 50 -6.54 5.16 -10.76
N GLU A 51 -7.52 5.51 -9.94
CA GLU A 51 -7.72 6.87 -9.47
C GLU A 51 -7.79 6.86 -7.95
N ILE A 52 -7.09 5.89 -7.38
CA ILE A 52 -7.16 5.59 -5.96
C ILE A 52 -6.63 6.74 -5.09
N GLU A 53 -7.22 6.86 -3.91
CA GLU A 53 -6.70 7.72 -2.86
C GLU A 53 -6.81 6.95 -1.53
N ILE A 54 -5.70 6.34 -1.11
CA ILE A 54 -5.71 5.44 0.05
C ILE A 54 -5.40 6.19 1.33
N ASP A 55 -6.30 6.09 2.28
CA ASP A 55 -6.10 6.68 3.58
C ASP A 55 -5.34 5.69 4.47
N PHE A 56 -4.03 5.88 4.57
CA PHE A 56 -3.19 4.98 5.35
C PHE A 56 -3.62 4.98 6.81
N GLU A 57 -4.40 5.98 7.17
CA GLU A 57 -4.83 6.17 8.54
C GLU A 57 -6.13 5.43 8.83
N THR A 58 -6.78 4.91 7.81
CA THR A 58 -8.03 4.21 8.01
C THR A 58 -7.86 2.71 7.81
N LEU A 59 -6.72 2.33 7.24
CA LEU A 59 -6.41 0.93 7.03
C LEU A 59 -6.20 0.22 8.36
N LYS A 60 -6.71 -0.99 8.46
CA LYS A 60 -6.51 -1.81 9.64
C LYS A 60 -5.09 -2.38 9.62
N PRO A 61 -4.43 -2.49 10.81
CA PRO A 61 -3.04 -2.98 10.94
C PRO A 61 -2.66 -4.08 9.95
N SER A 62 -3.51 -5.10 9.83
CA SER A 62 -3.21 -6.24 8.98
C SER A 62 -3.01 -5.83 7.52
N THR A 63 -3.81 -4.87 7.04
CA THR A 63 -3.67 -4.39 5.68
C THR A 63 -2.32 -3.70 5.53
N LEU A 64 -2.03 -2.78 6.43
CA LEU A 64 -0.79 -2.01 6.39
C LEU A 64 0.42 -2.94 6.43
N ARG A 65 0.31 -4.02 7.19
CA ARG A 65 1.41 -4.97 7.29
C ARG A 65 1.46 -5.91 6.09
N GLU A 66 0.34 -6.06 5.38
CA GLU A 66 0.32 -6.81 4.14
C GLU A 66 0.97 -5.97 3.05
N LEU A 67 0.58 -4.70 3.03
CA LEU A 67 1.10 -3.73 2.09
C LEU A 67 2.64 -3.70 2.17
N GLU A 68 3.13 -3.70 3.42
CA GLU A 68 4.56 -3.63 3.71
C GLU A 68 5.35 -4.83 3.16
N ARG A 69 5.01 -6.02 3.66
CA ARG A 69 5.68 -7.28 3.25
C ARG A 69 5.60 -7.44 1.75
N TYR A 70 4.63 -6.80 1.17
CA TYR A 70 4.44 -6.85 -0.25
C TYR A 70 5.47 -5.99 -0.96
N VAL A 71 5.48 -4.70 -0.67
CA VAL A 71 6.36 -3.78 -1.38
C VAL A 71 7.80 -4.10 -1.11
N THR A 72 8.10 -4.48 0.12
CA THR A 72 9.44 -4.83 0.47
C THR A 72 9.87 -6.06 -0.35
N SER A 73 8.90 -6.88 -0.75
CA SER A 73 9.20 -8.04 -1.56
C SER A 73 9.52 -7.61 -3.00
N CYS A 74 8.93 -6.50 -3.41
CA CYS A 74 9.11 -5.97 -4.75
C CYS A 74 10.38 -5.12 -4.84
N LEU A 75 10.64 -4.41 -3.76
CA LEU A 75 11.80 -3.51 -3.68
C LEU A 75 13.08 -4.26 -3.29
N ARG A 76 12.99 -5.27 -2.42
CA ARG A 76 14.13 -6.11 -2.07
C ARG A 76 14.55 -6.96 -3.25
N LYS A 77 13.57 -7.42 -4.02
CA LYS A 77 13.83 -8.19 -5.23
C LYS A 77 13.80 -7.27 -6.44
N LYS A 78 13.76 -7.83 -7.63
CA LYS A 78 13.59 -7.04 -8.82
C LYS A 78 12.12 -6.69 -8.99
N ARG A 79 11.32 -7.69 -9.35
CA ARG A 79 9.87 -7.56 -9.49
C ARG A 79 9.50 -6.31 -10.30
N LYS A 80 9.94 -6.28 -11.54
CA LYS A 80 9.71 -5.12 -12.40
C LYS A 80 9.18 -5.56 -13.75
N PRO A 81 7.85 -5.59 -13.92
CA PRO A 81 7.21 -5.95 -15.19
C PRO A 81 7.53 -4.94 -16.31
N GLN A 82 8.07 -3.79 -15.92
CA GLN A 82 8.51 -2.77 -16.86
C GLN A 82 9.55 -3.33 -17.82
N ALA A 83 10.37 -4.24 -17.31
CA ALA A 83 11.41 -4.85 -18.12
C ALA A 83 10.81 -5.97 -18.95
N LYS B 1 -1.99 13.21 4.34
CA LYS B 1 -0.63 12.62 4.44
C LYS B 1 -0.26 11.91 3.14
N TRP B 2 -1.05 10.91 2.78
CA TRP B 2 -0.81 10.12 1.58
C TRP B 2 -1.93 10.40 0.58
N THR B 3 -2.35 11.65 0.56
CA THR B 3 -3.50 12.09 -0.22
C THR B 3 -3.17 12.15 -1.73
N LEU B 4 -4.06 12.77 -2.51
CA LEU B 4 -3.97 12.81 -3.98
C LEU B 4 -2.54 13.04 -4.47
N GLU B 5 -1.88 14.09 -4.00
CA GLU B 5 -0.53 14.40 -4.44
C GLU B 5 0.38 13.18 -4.31
N ARG B 6 0.53 12.68 -3.09
CA ARG B 6 1.42 11.56 -2.85
C ARG B 6 1.03 10.34 -3.69
N LEU B 7 -0.12 9.77 -3.40
CA LEU B 7 -0.52 8.52 -4.03
C LEU B 7 -0.86 8.72 -5.50
N LYS B 8 -1.91 9.50 -5.77
CA LYS B 8 -2.43 9.64 -7.13
C LYS B 8 -1.34 10.07 -8.12
N ARG B 9 -0.53 11.05 -7.72
CA ARG B 9 0.44 11.62 -8.64
C ARG B 9 1.63 10.70 -8.83
N LYS B 10 1.89 9.83 -7.87
CA LYS B 10 2.95 8.84 -8.02
C LYS B 10 2.38 7.51 -8.53
N TYR B 11 1.06 7.42 -8.56
CA TYR B 11 0.38 6.22 -9.03
C TYR B 11 0.08 6.33 -10.52
N ARG B 12 -0.76 7.31 -10.87
CA ARG B 12 -1.22 7.46 -12.24
C ARG B 12 -0.13 8.08 -13.11
N ASN B 13 0.58 9.05 -12.55
CA ASN B 13 1.63 9.73 -13.29
C ASN B 13 2.93 8.95 -13.15
N SER A 1 -1.90 -20.55 12.56
CA SER A 1 -2.74 -19.48 11.97
C SER A 1 -2.95 -18.35 12.98
N GLU A 2 -2.00 -18.18 13.89
CA GLU A 2 -2.09 -17.13 14.90
C GLU A 2 -1.31 -15.88 14.52
N GLU A 3 -0.79 -15.85 13.29
CA GLU A 3 0.00 -14.72 12.82
C GLU A 3 -0.86 -13.46 12.85
N GLU A 4 -2.13 -13.62 12.47
CA GLU A 4 -3.07 -12.51 12.43
C GLU A 4 -3.31 -11.93 13.83
N ASP A 5 -3.08 -12.74 14.86
CA ASP A 5 -3.24 -12.27 16.25
C ASP A 5 -1.93 -11.68 16.75
N LYS A 6 -0.87 -11.94 16.00
CA LYS A 6 0.46 -11.61 16.44
C LYS A 6 1.01 -10.47 15.59
N CYS A 7 0.10 -9.79 14.91
CA CYS A 7 0.46 -8.67 14.06
C CYS A 7 0.59 -7.40 14.89
N LYS A 8 1.66 -6.65 14.65
CA LYS A 8 1.89 -5.41 15.35
C LYS A 8 1.40 -4.23 14.51
N PRO A 9 0.81 -3.23 15.17
CA PRO A 9 0.29 -2.02 14.52
C PRO A 9 1.41 -1.21 13.87
N MET A 10 1.13 -0.73 12.66
CA MET A 10 2.10 0.04 11.91
C MET A 10 2.16 1.47 12.44
N SER A 11 3.31 1.85 12.98
CA SER A 11 3.46 3.18 13.59
C SER A 11 3.56 4.27 12.52
N TYR A 12 3.58 5.53 12.94
CA TYR A 12 3.60 6.66 12.01
C TYR A 12 4.78 6.58 11.04
N GLU A 13 5.98 6.53 11.58
CA GLU A 13 7.18 6.56 10.74
C GLU A 13 7.23 5.33 9.83
N GLU A 14 6.50 4.29 10.21
CA GLU A 14 6.40 3.11 9.37
C GLU A 14 5.37 3.36 8.28
N LYS A 15 4.21 3.85 8.68
CA LYS A 15 3.16 4.23 7.75
C LYS A 15 3.65 5.16 6.66
N ARG A 16 4.33 6.23 7.06
CA ARG A 16 4.83 7.20 6.10
C ARG A 16 5.87 6.57 5.20
N GLN A 17 6.73 5.73 5.75
CA GLN A 17 7.71 5.08 4.91
C GLN A 17 7.00 4.07 4.00
N LEU A 18 5.98 3.41 4.53
CA LEU A 18 5.17 2.46 3.77
C LEU A 18 4.56 3.13 2.55
N SER A 19 3.90 4.27 2.78
CA SER A 19 3.29 5.00 1.68
C SER A 19 4.36 5.36 0.64
N LEU A 20 5.60 5.50 1.10
CA LEU A 20 6.74 5.76 0.23
C LEU A 20 7.21 4.48 -0.49
N ASP A 21 7.47 3.40 0.26
CA ASP A 21 7.86 2.13 -0.32
C ASP A 21 6.85 1.70 -1.37
N ILE A 22 5.59 1.94 -1.06
CA ILE A 22 4.48 1.61 -1.96
C ILE A 22 4.48 2.52 -3.19
N ASN A 23 4.84 3.77 -3.01
CA ASN A 23 4.82 4.72 -4.12
C ASN A 23 6.08 4.56 -4.99
N LYS A 24 7.10 3.90 -4.44
CA LYS A 24 8.30 3.56 -5.22
C LYS A 24 7.94 2.61 -6.34
N LEU A 25 7.00 1.72 -6.06
CA LEU A 25 6.54 0.74 -7.01
C LEU A 25 6.10 1.39 -8.32
N PRO A 26 6.37 0.73 -9.44
CA PRO A 26 5.80 1.12 -10.73
C PRO A 26 4.28 1.09 -10.68
N GLY A 27 3.63 1.85 -11.55
CA GLY A 27 2.18 2.03 -11.49
C GLY A 27 1.41 0.72 -11.37
N GLU A 28 1.79 -0.26 -12.16
CA GLU A 28 1.16 -1.59 -12.14
C GLU A 28 1.19 -2.19 -10.73
N LYS A 29 2.30 -1.98 -10.03
CA LYS A 29 2.50 -2.62 -8.74
C LYS A 29 1.68 -1.95 -7.65
N LEU A 30 1.35 -0.68 -7.79
CA LEU A 30 0.45 -0.06 -6.84
C LEU A 30 -0.97 -0.61 -7.05
N GLY A 31 -1.18 -1.28 -8.18
CA GLY A 31 -2.44 -1.94 -8.43
C GLY A 31 -2.67 -3.09 -7.46
N ARG A 32 -1.59 -3.55 -6.86
CA ARG A 32 -1.65 -4.59 -5.85
C ARG A 32 -2.08 -4.03 -4.49
N VAL A 33 -1.40 -2.99 -4.03
CA VAL A 33 -1.73 -2.38 -2.75
C VAL A 33 -3.15 -1.84 -2.74
N VAL A 34 -3.57 -1.22 -3.83
CA VAL A 34 -4.95 -0.77 -3.92
C VAL A 34 -5.88 -1.96 -3.82
N HIS A 35 -5.52 -3.05 -4.49
CA HIS A 35 -6.29 -4.29 -4.44
C HIS A 35 -6.32 -4.85 -3.02
N ILE A 36 -5.18 -4.82 -2.34
CA ILE A 36 -5.11 -5.24 -0.96
C ILE A 36 -5.99 -4.35 -0.09
N ILE A 37 -5.62 -3.07 -0.02
CA ILE A 37 -6.36 -2.11 0.78
C ILE A 37 -7.87 -2.17 0.50
N GLN A 38 -8.26 -2.07 -0.76
CA GLN A 38 -9.67 -2.04 -1.15
C GLN A 38 -10.43 -3.27 -0.65
N SER A 39 -9.79 -4.43 -0.73
CA SER A 39 -10.41 -5.67 -0.31
C SER A 39 -10.45 -5.80 1.20
N ARG A 40 -9.37 -5.37 1.86
CA ARG A 40 -9.26 -5.45 3.32
C ARG A 40 -10.10 -4.36 3.98
N GLU A 41 -10.21 -3.22 3.31
CA GLU A 41 -10.95 -2.08 3.83
C GLU A 41 -12.25 -1.88 3.04
N PRO A 42 -13.39 -2.46 3.48
CA PRO A 42 -14.64 -2.44 2.69
C PRO A 42 -15.27 -1.04 2.54
N SER A 43 -14.60 0.00 3.02
CA SER A 43 -15.20 1.33 3.04
C SER A 43 -14.63 2.19 1.92
N LEU A 44 -13.69 1.64 1.16
CA LEU A 44 -13.05 2.39 0.08
C LEU A 44 -13.04 1.61 -1.23
N LYS A 45 -13.92 0.63 -1.36
CA LYS A 45 -13.99 -0.16 -2.60
C LYS A 45 -14.78 0.58 -3.67
N ASN A 46 -15.13 1.83 -3.36
CA ASN A 46 -15.75 2.73 -4.34
C ASN A 46 -14.68 3.37 -5.22
N SER A 47 -13.42 3.23 -4.80
CA SER A 47 -12.30 3.84 -5.50
C SER A 47 -11.92 3.02 -6.73
N ASN A 48 -11.59 3.70 -7.81
CA ASN A 48 -11.06 3.04 -9.00
C ASN A 48 -9.54 3.04 -8.89
N PRO A 49 -8.87 1.91 -9.20
CA PRO A 49 -7.41 1.81 -9.12
C PRO A 49 -6.69 2.82 -10.01
N ASP A 50 -7.40 3.40 -10.95
CA ASP A 50 -6.82 4.36 -11.89
C ASP A 50 -6.88 5.77 -11.31
N GLU A 51 -7.67 5.92 -10.26
CA GLU A 51 -7.89 7.20 -9.61
C GLU A 51 -7.90 7.01 -8.10
N ILE A 52 -7.15 6.00 -7.66
CA ILE A 52 -7.20 5.55 -6.27
C ILE A 52 -6.78 6.65 -5.30
N GLU A 53 -7.38 6.61 -4.12
CA GLU A 53 -6.98 7.46 -3.02
C GLU A 53 -7.02 6.64 -1.72
N ILE A 54 -5.86 6.18 -1.28
CA ILE A 54 -5.78 5.32 -0.10
C ILE A 54 -5.50 6.14 1.14
N ASP A 55 -6.30 5.95 2.16
CA ASP A 55 -6.10 6.63 3.42
C ASP A 55 -5.34 5.71 4.38
N PHE A 56 -4.05 5.96 4.51
CA PHE A 56 -3.20 5.08 5.32
C PHE A 56 -3.60 5.12 6.79
N GLU A 57 -4.41 6.10 7.14
CA GLU A 57 -4.82 6.28 8.52
C GLU A 57 -6.13 5.54 8.82
N THR A 58 -6.75 4.98 7.79
CA THR A 58 -8.00 4.26 7.98
C THR A 58 -7.78 2.77 7.85
N LEU A 59 -6.68 2.39 7.20
CA LEU A 59 -6.37 0.99 6.99
C LEU A 59 -6.15 0.29 8.31
N LYS A 60 -6.69 -0.91 8.42
CA LYS A 60 -6.50 -1.71 9.61
C LYS A 60 -5.09 -2.31 9.60
N PRO A 61 -4.44 -2.42 10.78
CA PRO A 61 -3.07 -2.94 10.93
C PRO A 61 -2.71 -4.06 9.94
N SER A 62 -3.59 -5.05 9.80
CA SER A 62 -3.32 -6.20 8.94
C SER A 62 -3.04 -5.77 7.50
N THR A 63 -3.83 -4.83 6.99
CA THR A 63 -3.66 -4.33 5.64
C THR A 63 -2.32 -3.66 5.49
N LEU A 64 -2.04 -2.74 6.41
CA LEU A 64 -0.79 -1.99 6.39
C LEU A 64 0.41 -2.92 6.43
N ARG A 65 0.27 -4.03 7.14
CA ARG A 65 1.34 -4.99 7.24
C ARG A 65 1.39 -5.91 6.03
N GLU A 66 0.28 -6.05 5.31
CA GLU A 66 0.26 -6.80 4.07
C GLU A 66 0.92 -5.95 2.98
N LEU A 67 0.54 -4.68 2.98
CA LEU A 67 1.09 -3.70 2.05
C LEU A 67 2.63 -3.70 2.14
N GLU A 68 3.10 -3.73 3.39
CA GLU A 68 4.53 -3.68 3.71
C GLU A 68 5.31 -4.87 3.15
N ARG A 69 4.96 -6.09 3.61
CA ARG A 69 5.61 -7.33 3.16
C ARG A 69 5.58 -7.44 1.66
N TYR A 70 4.60 -6.81 1.09
CA TYR A 70 4.40 -6.86 -0.34
C TYR A 70 5.44 -6.01 -1.06
N VAL A 71 5.49 -4.72 -0.74
CA VAL A 71 6.37 -3.82 -1.47
C VAL A 71 7.82 -4.16 -1.26
N THR A 72 8.15 -4.58 -0.06
CA THR A 72 9.52 -4.97 0.21
C THR A 72 9.87 -6.21 -0.61
N SER A 73 8.87 -6.97 -1.03
CA SER A 73 9.13 -8.13 -1.89
C SER A 73 9.49 -7.66 -3.29
N CYS A 74 8.95 -6.49 -3.67
CA CYS A 74 9.18 -5.92 -4.98
C CYS A 74 10.44 -5.06 -4.97
N LEU A 75 10.61 -4.32 -3.91
CA LEU A 75 11.74 -3.38 -3.78
C LEU A 75 13.04 -4.12 -3.44
N ARG A 76 12.97 -5.15 -2.60
CA ARG A 76 14.15 -5.96 -2.33
C ARG A 76 14.59 -6.67 -3.60
N LYS A 77 13.64 -7.32 -4.27
CA LYS A 77 13.93 -8.02 -5.51
C LYS A 77 13.23 -7.34 -6.68
N LYS A 78 13.87 -6.34 -7.25
CA LYS A 78 13.28 -5.58 -8.35
C LYS A 78 13.72 -6.18 -9.68
N ARG A 79 13.03 -5.81 -10.74
CA ARG A 79 13.43 -6.21 -12.08
C ARG A 79 13.23 -5.03 -13.04
N LYS A 80 14.32 -4.31 -13.28
CA LYS A 80 14.29 -3.16 -14.19
C LYS A 80 14.24 -3.62 -15.64
N PRO A 81 13.08 -3.43 -16.31
CA PRO A 81 12.94 -3.78 -17.73
C PRO A 81 13.87 -2.96 -18.60
N GLN A 82 14.12 -1.72 -18.19
CA GLN A 82 15.03 -0.85 -18.91
C GLN A 82 16.42 -0.91 -18.29
N ALA A 83 17.12 -2.01 -18.54
CA ALA A 83 18.46 -2.20 -18.03
C ALA A 83 19.37 -2.75 -19.13
N LYS B 1 -4.29 12.10 4.69
CA LYS B 1 -2.92 11.52 4.76
C LYS B 1 -2.69 10.60 3.57
N TRP B 2 -1.68 10.91 2.76
CA TRP B 2 -1.35 10.12 1.57
C TRP B 2 -2.52 10.15 0.59
N THR B 3 -3.09 11.33 0.42
CA THR B 3 -4.25 11.53 -0.41
C THR B 3 -3.90 11.59 -1.88
N LEU B 4 -4.86 12.03 -2.70
CA LEU B 4 -4.72 12.08 -4.15
C LEU B 4 -3.40 12.70 -4.58
N GLU B 5 -2.96 13.75 -3.87
CA GLU B 5 -1.71 14.42 -4.20
C GLU B 5 -0.57 13.42 -4.27
N ARG B 6 -0.18 12.89 -3.13
CA ARG B 6 0.95 11.99 -3.04
C ARG B 6 0.70 10.70 -3.82
N LEU B 7 -0.37 10.00 -3.49
CA LEU B 7 -0.65 8.70 -4.08
C LEU B 7 -0.99 8.80 -5.55
N LYS B 8 -2.11 9.44 -5.87
CA LYS B 8 -2.64 9.41 -7.23
C LYS B 8 -1.66 10.03 -8.23
N ARG B 9 -0.96 11.10 -7.84
CA ARG B 9 -0.07 11.77 -8.77
C ARG B 9 1.21 10.96 -9.00
N LYS B 10 1.64 10.19 -8.00
CA LYS B 10 2.80 9.33 -8.15
C LYS B 10 2.38 7.95 -8.66
N TYR B 11 1.07 7.71 -8.68
CA TYR B 11 0.52 6.47 -9.17
C TYR B 11 0.24 6.58 -10.68
N ARG B 12 -0.54 7.59 -11.03
CA ARG B 12 -0.97 7.78 -12.41
C ARG B 12 0.10 8.49 -13.24
N ASN B 13 0.72 9.50 -12.64
CA ASN B 13 1.74 10.33 -13.30
C ASN B 13 1.12 11.12 -14.45
N SER A 1 -3.26 -19.47 14.69
CA SER A 1 -3.22 -18.54 13.55
C SER A 1 -3.57 -17.12 13.99
N GLU A 2 -3.17 -16.76 15.20
CA GLU A 2 -3.48 -15.44 15.74
C GLU A 2 -2.33 -14.45 15.57
N GLU A 3 -1.27 -14.86 14.88
CA GLU A 3 -0.09 -14.02 14.71
C GLU A 3 -0.37 -12.91 13.70
N GLU A 4 -1.17 -13.24 12.70
CA GLU A 4 -1.44 -12.33 11.60
C GLU A 4 -2.38 -11.20 12.01
N ASP A 5 -3.38 -11.52 12.83
CA ASP A 5 -4.34 -10.50 13.27
C ASP A 5 -3.80 -9.72 14.46
N LYS A 6 -2.89 -10.34 15.21
CA LYS A 6 -2.35 -9.69 16.39
C LYS A 6 -1.09 -8.91 16.03
N CYS A 7 -0.81 -8.83 14.74
CA CYS A 7 0.33 -8.08 14.22
C CYS A 7 0.30 -6.65 14.73
N LYS A 8 1.43 -6.18 15.24
CA LYS A 8 1.55 -4.85 15.83
C LYS A 8 1.20 -3.76 14.81
N PRO A 9 0.61 -2.65 15.30
CA PRO A 9 0.15 -1.55 14.46
C PRO A 9 1.30 -0.81 13.80
N MET A 10 1.09 -0.38 12.57
CA MET A 10 2.10 0.32 11.83
C MET A 10 2.21 1.77 12.31
N SER A 11 3.35 2.11 12.91
CA SER A 11 3.56 3.43 13.50
C SER A 11 3.60 4.52 12.43
N TYR A 12 3.55 5.79 12.84
CA TYR A 12 3.49 6.91 11.90
C TYR A 12 4.65 6.90 10.91
N GLU A 13 5.87 6.80 11.43
CA GLU A 13 7.05 6.97 10.61
C GLU A 13 7.19 5.78 9.68
N GLU A 14 6.49 4.73 10.04
CA GLU A 14 6.53 3.50 9.33
C GLU A 14 5.41 3.49 8.27
N LYS A 15 4.23 3.98 8.66
CA LYS A 15 3.17 4.27 7.72
C LYS A 15 3.63 5.20 6.61
N ARG A 16 4.25 6.30 7.01
CA ARG A 16 4.80 7.26 6.06
C ARG A 16 5.80 6.58 5.15
N GLN A 17 6.68 5.77 5.72
CA GLN A 17 7.66 5.08 4.92
C GLN A 17 6.96 4.08 4.01
N LEU A 18 5.94 3.42 4.54
CA LEU A 18 5.15 2.45 3.79
C LEU A 18 4.54 3.08 2.57
N SER A 19 3.87 4.21 2.78
CA SER A 19 3.25 4.96 1.70
C SER A 19 4.30 5.29 0.64
N LEU A 20 5.52 5.51 1.11
CA LEU A 20 6.66 5.80 0.25
C LEU A 20 7.17 4.54 -0.47
N ASP A 21 7.39 3.44 0.27
CA ASP A 21 7.81 2.18 -0.31
C ASP A 21 6.79 1.72 -1.36
N ILE A 22 5.53 1.96 -1.05
CA ILE A 22 4.43 1.62 -1.93
C ILE A 22 4.42 2.53 -3.17
N ASN A 23 4.74 3.81 -2.98
CA ASN A 23 4.74 4.75 -4.08
C ASN A 23 5.98 4.59 -4.95
N LYS A 24 7.02 3.97 -4.39
CA LYS A 24 8.22 3.63 -5.15
C LYS A 24 7.86 2.70 -6.29
N LEU A 25 6.92 1.81 -6.02
CA LEU A 25 6.48 0.83 -6.98
C LEU A 25 6.02 1.50 -8.26
N PRO A 26 6.31 0.88 -9.40
CA PRO A 26 5.73 1.27 -10.68
C PRO A 26 4.19 1.18 -10.62
N GLY A 27 3.51 1.93 -11.47
CA GLY A 27 2.05 2.03 -11.40
C GLY A 27 1.35 0.68 -11.29
N GLU A 28 1.79 -0.27 -12.10
CA GLU A 28 1.24 -1.62 -12.10
C GLU A 28 1.29 -2.25 -10.71
N LYS A 29 2.38 -2.01 -10.00
CA LYS A 29 2.60 -2.64 -8.72
C LYS A 29 1.74 -2.01 -7.62
N LEU A 30 1.37 -0.75 -7.80
CA LEU A 30 0.43 -0.14 -6.85
C LEU A 30 -0.96 -0.70 -7.08
N GLY A 31 -1.14 -1.40 -8.20
CA GLY A 31 -2.39 -2.09 -8.47
C GLY A 31 -2.62 -3.23 -7.50
N ARG A 32 -1.55 -3.65 -6.86
CA ARG A 32 -1.62 -4.69 -5.83
C ARG A 32 -2.06 -4.11 -4.49
N VAL A 33 -1.38 -3.05 -4.02
CA VAL A 33 -1.73 -2.42 -2.75
C VAL A 33 -3.14 -1.89 -2.76
N VAL A 34 -3.56 -1.29 -3.88
CA VAL A 34 -4.93 -0.84 -3.98
C VAL A 34 -5.87 -2.03 -3.87
N HIS A 35 -5.48 -3.14 -4.49
CA HIS A 35 -6.26 -4.37 -4.41
C HIS A 35 -6.30 -4.88 -2.97
N ILE A 36 -5.14 -4.92 -2.31
CA ILE A 36 -5.09 -5.32 -0.91
C ILE A 36 -5.95 -4.40 -0.07
N ILE A 37 -5.58 -3.12 -0.04
CA ILE A 37 -6.32 -2.14 0.75
C ILE A 37 -7.82 -2.20 0.48
N GLN A 38 -8.24 -2.11 -0.78
CA GLN A 38 -9.66 -2.11 -1.13
C GLN A 38 -10.37 -3.36 -0.60
N SER A 39 -9.75 -4.52 -0.77
CA SER A 39 -10.34 -5.77 -0.33
C SER A 39 -10.40 -5.86 1.20
N ARG A 40 -9.37 -5.33 1.84
CA ARG A 40 -9.27 -5.37 3.28
C ARG A 40 -10.09 -4.25 3.91
N GLU A 41 -10.25 -3.17 3.17
CA GLU A 41 -10.97 -1.99 3.64
C GLU A 41 -12.19 -1.74 2.76
N PRO A 42 -13.31 -2.45 3.02
CA PRO A 42 -14.54 -2.34 2.20
C PRO A 42 -15.12 -0.92 2.09
N SER A 43 -14.59 0.02 2.85
CA SER A 43 -15.13 1.38 2.87
C SER A 43 -14.59 2.20 1.71
N LEU A 44 -13.47 1.79 1.12
CA LEU A 44 -12.83 2.60 0.10
C LEU A 44 -12.88 1.95 -1.27
N LYS A 45 -13.82 1.02 -1.46
CA LYS A 45 -13.99 0.40 -2.77
C LYS A 45 -14.71 1.35 -3.73
N ASN A 46 -15.02 2.55 -3.23
CA ASN A 46 -15.58 3.60 -4.08
C ASN A 46 -14.48 4.13 -5.00
N SER A 47 -13.25 4.08 -4.51
CA SER A 47 -12.10 4.51 -5.28
C SER A 47 -11.72 3.46 -6.32
N ASN A 48 -11.66 3.89 -7.57
CA ASN A 48 -11.21 3.01 -8.65
C ASN A 48 -9.69 2.89 -8.57
N PRO A 49 -9.13 1.71 -8.88
CA PRO A 49 -7.66 1.50 -8.81
C PRO A 49 -6.86 2.47 -9.69
N ASP A 50 -7.48 3.02 -10.72
CA ASP A 50 -6.80 3.94 -11.64
C ASP A 50 -6.88 5.38 -11.15
N GLU A 51 -7.76 5.60 -10.19
CA GLU A 51 -8.03 6.92 -9.65
C GLU A 51 -8.07 6.82 -8.13
N ILE A 52 -7.29 5.88 -7.63
CA ILE A 52 -7.31 5.48 -6.24
C ILE A 52 -6.91 6.61 -5.29
N GLU A 53 -7.49 6.58 -4.11
CA GLU A 53 -7.09 7.45 -3.03
C GLU A 53 -7.10 6.64 -1.73
N ILE A 54 -5.92 6.16 -1.32
CA ILE A 54 -5.81 5.32 -0.14
C ILE A 54 -5.49 6.16 1.08
N ASP A 55 -6.24 5.95 2.14
CA ASP A 55 -5.97 6.65 3.39
C ASP A 55 -5.28 5.71 4.35
N PHE A 56 -3.98 5.93 4.53
CA PHE A 56 -3.18 5.03 5.35
C PHE A 56 -3.62 5.04 6.80
N GLU A 57 -4.44 6.02 7.15
CA GLU A 57 -4.90 6.18 8.51
C GLU A 57 -6.22 5.47 8.75
N THR A 58 -6.83 4.99 7.68
CA THR A 58 -8.09 4.29 7.80
C THR A 58 -7.88 2.79 7.69
N LEU A 59 -6.75 2.41 7.12
CA LEU A 59 -6.42 1.02 6.94
C LEU A 59 -6.22 0.33 8.28
N LYS A 60 -6.75 -0.87 8.40
CA LYS A 60 -6.55 -1.66 9.59
C LYS A 60 -5.13 -2.24 9.59
N PRO A 61 -4.47 -2.32 10.78
CA PRO A 61 -3.11 -2.85 10.94
C PRO A 61 -2.74 -3.96 9.96
N SER A 62 -3.59 -4.97 9.86
CA SER A 62 -3.33 -6.13 9.01
C SER A 62 -3.08 -5.73 7.55
N THR A 63 -3.88 -4.81 7.04
CA THR A 63 -3.70 -4.32 5.67
C THR A 63 -2.34 -3.66 5.53
N LEU A 64 -2.06 -2.73 6.44
CA LEU A 64 -0.81 -1.98 6.41
C LEU A 64 0.39 -2.91 6.45
N ARG A 65 0.25 -4.01 7.18
CA ARG A 65 1.33 -4.97 7.30
C ARG A 65 1.40 -5.89 6.08
N GLU A 66 0.28 -6.04 5.38
CA GLU A 66 0.28 -6.78 4.12
C GLU A 66 0.95 -5.95 3.05
N LEU A 67 0.57 -4.66 3.04
CA LEU A 67 1.11 -3.70 2.10
C LEU A 67 2.65 -3.68 2.20
N GLU A 68 3.14 -3.71 3.44
CA GLU A 68 4.56 -3.64 3.76
C GLU A 68 5.35 -4.82 3.19
N ARG A 69 5.01 -6.03 3.68
CA ARG A 69 5.67 -7.27 3.25
C ARG A 69 5.61 -7.42 1.76
N TYR A 70 4.63 -6.78 1.18
CA TYR A 70 4.44 -6.86 -0.25
C TYR A 70 5.46 -5.99 -0.98
N VAL A 71 5.48 -4.70 -0.68
CA VAL A 71 6.37 -3.80 -1.41
C VAL A 71 7.82 -4.10 -1.13
N THR A 72 8.11 -4.50 0.09
CA THR A 72 9.46 -4.86 0.43
C THR A 72 9.88 -6.08 -0.39
N SER A 73 8.90 -6.90 -0.81
CA SER A 73 9.19 -8.06 -1.62
C SER A 73 9.55 -7.61 -3.04
N CYS A 74 8.98 -6.48 -3.45
CA CYS A 74 9.20 -5.93 -4.79
C CYS A 74 10.46 -5.07 -4.81
N LEU A 75 10.63 -4.28 -3.76
CA LEU A 75 11.76 -3.36 -3.64
C LEU A 75 13.05 -4.09 -3.27
N ARG A 76 12.97 -5.09 -2.39
CA ARG A 76 14.14 -5.87 -2.05
C ARG A 76 14.55 -6.77 -3.21
N LYS A 77 13.56 -7.44 -3.81
CA LYS A 77 13.81 -8.34 -4.91
C LYS A 77 13.08 -7.90 -6.16
N LYS A 78 13.78 -7.19 -7.03
CA LYS A 78 13.19 -6.69 -8.26
C LYS A 78 12.96 -7.84 -9.23
N ARG A 79 12.03 -7.66 -10.14
CA ARG A 79 11.76 -8.65 -11.17
C ARG A 79 11.74 -7.98 -12.54
N LYS A 80 12.86 -8.08 -13.23
CA LYS A 80 13.02 -7.45 -14.55
C LYS A 80 11.95 -7.97 -15.51
N PRO A 81 11.26 -7.06 -16.20
CA PRO A 81 10.24 -7.42 -17.18
C PRO A 81 10.86 -7.91 -18.48
N GLN A 82 11.62 -8.99 -18.39
CA GLN A 82 12.28 -9.57 -19.55
C GLN A 82 11.36 -10.56 -20.26
N ALA A 83 10.25 -10.06 -20.75
CA ALA A 83 9.27 -10.89 -21.45
C ALA A 83 8.75 -10.20 -22.70
N LYS B 1 -2.56 12.80 4.56
CA LYS B 1 -2.58 11.38 4.96
C LYS B 1 -2.44 10.47 3.74
N TRP B 2 -1.46 10.77 2.88
CA TRP B 2 -1.19 9.97 1.69
C TRP B 2 -2.41 9.95 0.77
N THR B 3 -3.09 11.08 0.74
CA THR B 3 -4.33 11.22 -0.02
C THR B 3 -4.06 11.45 -1.51
N LEU B 4 -5.11 11.86 -2.23
CA LEU B 4 -5.06 12.02 -3.69
C LEU B 4 -3.78 12.69 -4.17
N GLU B 5 -3.30 13.65 -3.40
CA GLU B 5 -2.07 14.37 -3.74
C GLU B 5 -0.92 13.39 -3.87
N ARG B 6 -0.49 12.83 -2.75
CA ARG B 6 0.68 11.97 -2.73
C ARG B 6 0.48 10.73 -3.59
N LEU B 7 -0.55 9.96 -3.28
CA LEU B 7 -0.77 8.68 -3.94
C LEU B 7 -1.15 8.85 -5.41
N LYS B 8 -2.29 9.49 -5.67
CA LYS B 8 -2.86 9.45 -7.01
C LYS B 8 -1.99 10.18 -8.01
N ARG B 9 -1.25 11.19 -7.55
CA ARG B 9 -0.36 11.93 -8.43
C ARG B 9 0.85 11.08 -8.82
N LYS B 10 1.46 10.41 -7.83
CA LYS B 10 2.63 9.59 -8.09
C LYS B 10 2.24 8.24 -8.68
N TYR B 11 0.96 7.90 -8.55
CA TYR B 11 0.43 6.67 -9.11
C TYR B 11 0.14 6.85 -10.59
N ARG B 12 -0.65 7.87 -10.90
CA ARG B 12 -1.15 8.07 -12.25
C ARG B 12 -0.10 8.72 -13.16
N ASN B 13 0.67 9.65 -12.60
CA ASN B 13 1.69 10.35 -13.37
C ASN B 13 3.06 10.16 -12.74
N SER A 1 -2.17 -17.58 9.96
CA SER A 1 -3.00 -16.37 9.98
C SER A 1 -3.19 -15.85 11.41
N GLU A 2 -2.63 -16.54 12.39
CA GLU A 2 -2.75 -16.14 13.79
C GLU A 2 -1.82 -14.97 14.12
N GLU A 3 -0.72 -14.87 13.38
CA GLU A 3 0.25 -13.79 13.59
C GLU A 3 -0.22 -12.53 12.88
N GLU A 4 -1.18 -12.69 11.99
CA GLU A 4 -1.68 -11.58 11.19
C GLU A 4 -2.64 -10.72 11.99
N ASP A 5 -3.50 -11.34 12.79
CA ASP A 5 -4.44 -10.58 13.61
C ASP A 5 -3.73 -10.03 14.83
N LYS A 6 -2.65 -10.70 15.21
CA LYS A 6 -1.86 -10.29 16.35
C LYS A 6 -0.64 -9.51 15.88
N CYS A 7 -0.71 -9.05 14.64
CA CYS A 7 0.40 -8.30 14.04
C CYS A 7 0.48 -6.91 14.64
N LYS A 8 1.70 -6.51 14.98
CA LYS A 8 1.98 -5.22 15.57
C LYS A 8 1.49 -4.08 14.66
N PRO A 9 0.79 -3.10 15.25
CA PRO A 9 0.24 -1.96 14.52
C PRO A 9 1.32 -1.07 13.94
N MET A 10 1.11 -0.66 12.70
CA MET A 10 2.08 0.13 11.96
C MET A 10 2.08 1.58 12.47
N SER A 11 3.22 2.02 13.00
CA SER A 11 3.34 3.38 13.54
C SER A 11 3.54 4.41 12.43
N TYR A 12 3.62 5.69 12.81
CA TYR A 12 3.65 6.79 11.84
C TYR A 12 4.81 6.67 10.87
N GLU A 13 6.02 6.64 11.39
CA GLU A 13 7.22 6.65 10.56
C GLU A 13 7.30 5.40 9.69
N GLU A 14 6.55 4.38 10.07
CA GLU A 14 6.47 3.17 9.29
C GLU A 14 5.40 3.32 8.23
N LYS A 15 4.24 3.81 8.63
CA LYS A 15 3.17 4.17 7.72
C LYS A 15 3.65 5.12 6.64
N ARG A 16 4.30 6.19 7.05
CA ARG A 16 4.84 7.17 6.12
C ARG A 16 5.83 6.53 5.19
N GLN A 17 6.73 5.71 5.73
CA GLN A 17 7.69 5.06 4.88
C GLN A 17 6.96 4.10 3.95
N LEU A 18 5.93 3.45 4.46
CA LEU A 18 5.13 2.51 3.69
C LEU A 18 4.51 3.17 2.50
N SER A 19 3.85 4.31 2.73
CA SER A 19 3.23 5.04 1.64
C SER A 19 4.28 5.41 0.60
N LEU A 20 5.51 5.55 1.07
CA LEU A 20 6.65 5.83 0.20
C LEU A 20 7.17 4.56 -0.52
N ASP A 21 7.46 3.49 0.23
CA ASP A 21 7.87 2.23 -0.36
C ASP A 21 6.86 1.77 -1.40
N ILE A 22 5.59 1.99 -1.08
CA ILE A 22 4.49 1.66 -1.97
C ILE A 22 4.50 2.55 -3.21
N ASN A 23 4.81 3.83 -3.04
CA ASN A 23 4.84 4.76 -4.17
C ASN A 23 6.09 4.56 -5.03
N LYS A 24 7.08 3.84 -4.50
CA LYS A 24 8.27 3.51 -5.27
C LYS A 24 7.93 2.51 -6.36
N LEU A 25 6.94 1.66 -6.09
CA LEU A 25 6.51 0.66 -7.04
C LEU A 25 6.07 1.30 -8.35
N PRO A 26 6.33 0.61 -9.47
CA PRO A 26 5.75 0.98 -10.75
C PRO A 26 4.23 0.93 -10.70
N GLY A 27 3.56 1.67 -11.58
CA GLY A 27 2.11 1.83 -11.53
C GLY A 27 1.37 0.51 -11.37
N GLU A 28 1.79 -0.50 -12.14
CA GLU A 28 1.20 -1.83 -12.10
C GLU A 28 1.22 -2.40 -10.68
N LYS A 29 2.30 -2.14 -9.96
CA LYS A 29 2.50 -2.75 -8.65
C LYS A 29 1.68 -2.04 -7.56
N LEU A 30 1.36 -0.77 -7.75
CA LEU A 30 0.45 -0.12 -6.82
C LEU A 30 -0.96 -0.66 -7.03
N GLY A 31 -1.17 -1.31 -8.18
CA GLY A 31 -2.43 -1.98 -8.44
C GLY A 31 -2.64 -3.14 -7.49
N ARG A 32 -1.57 -3.56 -6.85
CA ARG A 32 -1.64 -4.62 -5.85
C ARG A 32 -2.07 -4.05 -4.49
N VAL A 33 -1.39 -3.01 -4.02
CA VAL A 33 -1.73 -2.39 -2.74
C VAL A 33 -3.15 -1.84 -2.77
N VAL A 34 -3.56 -1.23 -3.87
CA VAL A 34 -4.93 -0.77 -3.98
C VAL A 34 -5.88 -1.96 -3.88
N HIS A 35 -5.51 -3.06 -4.52
CA HIS A 35 -6.29 -4.28 -4.45
C HIS A 35 -6.34 -4.81 -3.01
N ILE A 36 -5.17 -4.85 -2.35
CA ILE A 36 -5.11 -5.27 -0.96
C ILE A 36 -5.98 -4.37 -0.10
N ILE A 37 -5.63 -3.08 -0.03
CA ILE A 37 -6.38 -2.13 0.77
C ILE A 37 -7.88 -2.20 0.47
N GLN A 38 -8.24 -2.12 -0.82
CA GLN A 38 -9.65 -2.11 -1.21
C GLN A 38 -10.39 -3.36 -0.75
N SER A 39 -9.75 -4.53 -0.86
CA SER A 39 -10.35 -5.77 -0.44
C SER A 39 -10.43 -5.85 1.09
N ARG A 40 -9.38 -5.39 1.75
CA ARG A 40 -9.27 -5.47 3.20
C ARG A 40 -10.13 -4.41 3.87
N GLU A 41 -10.25 -3.27 3.21
CA GLU A 41 -11.01 -2.13 3.72
C GLU A 41 -12.29 -1.93 2.91
N PRO A 42 -13.44 -2.49 3.36
CA PRO A 42 -14.68 -2.45 2.54
C PRO A 42 -15.27 -1.04 2.36
N SER A 43 -14.61 0.00 2.84
CA SER A 43 -15.19 1.33 2.83
C SER A 43 -14.59 2.19 1.72
N LEU A 44 -13.70 1.61 0.91
CA LEU A 44 -13.04 2.38 -0.13
C LEU A 44 -12.97 1.62 -1.45
N LYS A 45 -13.89 0.71 -1.66
CA LYS A 45 -13.89 -0.11 -2.87
C LYS A 45 -14.51 0.65 -4.04
N ASN A 46 -15.04 1.82 -3.74
CA ASN A 46 -15.61 2.70 -4.75
C ASN A 46 -14.51 3.46 -5.50
N SER A 47 -13.28 3.36 -5.00
CA SER A 47 -12.16 4.04 -5.61
C SER A 47 -11.65 3.25 -6.82
N ASN A 48 -11.38 3.96 -7.90
CA ASN A 48 -10.86 3.34 -9.11
C ASN A 48 -9.33 3.34 -9.06
N PRO A 49 -8.64 2.27 -9.45
CA PRO A 49 -7.16 2.18 -9.28
C PRO A 49 -6.41 3.39 -9.84
N ASP A 50 -6.85 3.88 -11.00
CA ASP A 50 -6.15 4.96 -11.69
C ASP A 50 -6.38 6.29 -10.99
N GLU A 51 -7.42 6.33 -10.17
CA GLU A 51 -7.77 7.53 -9.42
C GLU A 51 -7.85 7.19 -7.95
N ILE A 52 -7.10 6.18 -7.55
CA ILE A 52 -7.16 5.66 -6.18
C ILE A 52 -6.71 6.72 -5.18
N GLU A 53 -7.34 6.71 -4.02
CA GLU A 53 -6.92 7.56 -2.93
C GLU A 53 -7.00 6.76 -1.64
N ILE A 54 -5.86 6.23 -1.21
CA ILE A 54 -5.82 5.36 -0.04
C ILE A 54 -5.50 6.17 1.20
N ASP A 55 -6.25 5.93 2.25
CA ASP A 55 -6.02 6.63 3.50
C ASP A 55 -5.30 5.70 4.47
N PHE A 56 -4.01 5.90 4.62
CA PHE A 56 -3.17 5.01 5.43
C PHE A 56 -3.58 5.05 6.89
N GLU A 57 -4.37 6.03 7.26
CA GLU A 57 -4.79 6.21 8.62
C GLU A 57 -6.11 5.51 8.90
N THR A 58 -6.74 5.01 7.85
CA THR A 58 -8.01 4.33 7.99
C THR A 58 -7.85 2.84 7.84
N LEU A 59 -6.72 2.43 7.27
CA LEU A 59 -6.43 1.01 7.05
C LEU A 59 -6.24 0.29 8.39
N LYS A 60 -6.74 -0.93 8.47
CA LYS A 60 -6.53 -1.75 9.63
C LYS A 60 -5.11 -2.34 9.59
N PRO A 61 -4.43 -2.45 10.77
CA PRO A 61 -3.06 -2.95 10.89
C PRO A 61 -2.69 -4.06 9.88
N SER A 62 -3.55 -5.07 9.77
CA SER A 62 -3.28 -6.21 8.89
C SER A 62 -3.04 -5.77 7.45
N THR A 63 -3.85 -4.83 6.97
CA THR A 63 -3.68 -4.32 5.63
C THR A 63 -2.34 -3.63 5.49
N LEU A 64 -2.07 -2.70 6.42
CA LEU A 64 -0.83 -1.93 6.40
C LEU A 64 0.38 -2.84 6.42
N ARG A 65 0.29 -3.93 7.16
CA ARG A 65 1.39 -4.87 7.26
C ARG A 65 1.48 -5.76 6.03
N GLU A 66 0.36 -5.93 5.33
CA GLU A 66 0.36 -6.68 4.08
C GLU A 66 0.94 -5.84 2.97
N LEU A 67 0.55 -4.57 2.96
CA LEU A 67 1.07 -3.60 2.01
C LEU A 67 2.61 -3.57 2.09
N GLU A 68 3.10 -3.61 3.33
CA GLU A 68 4.52 -3.52 3.63
C GLU A 68 5.30 -4.73 3.14
N ARG A 69 4.99 -5.89 3.73
CA ARG A 69 5.62 -7.17 3.36
C ARG A 69 5.57 -7.36 1.86
N TYR A 70 4.58 -6.74 1.26
CA TYR A 70 4.41 -6.82 -0.17
C TYR A 70 5.45 -5.97 -0.90
N VAL A 71 5.48 -4.68 -0.64
CA VAL A 71 6.36 -3.79 -1.37
C VAL A 71 7.80 -4.09 -1.09
N THR A 72 8.10 -4.43 0.15
CA THR A 72 9.45 -4.78 0.51
C THR A 72 9.87 -6.04 -0.26
N SER A 73 8.89 -6.85 -0.67
CA SER A 73 9.19 -8.03 -1.46
C SER A 73 9.54 -7.63 -2.88
N CYS A 74 8.97 -6.52 -3.33
CA CYS A 74 9.18 -6.03 -4.68
C CYS A 74 10.43 -5.15 -4.76
N LEU A 75 10.62 -4.35 -3.72
CA LEU A 75 11.75 -3.42 -3.65
C LEU A 75 13.05 -4.11 -3.27
N ARG A 76 13.00 -5.02 -2.29
CA ARG A 76 14.20 -5.76 -1.90
C ARG A 76 14.68 -6.64 -3.05
N LYS A 77 13.75 -7.37 -3.66
CA LYS A 77 14.08 -8.21 -4.80
C LYS A 77 13.53 -7.59 -6.08
N LYS A 78 14.24 -6.59 -6.59
CA LYS A 78 13.77 -5.83 -7.74
C LYS A 78 14.22 -6.47 -9.05
N ARG A 79 15.45 -6.16 -9.44
CA ARG A 79 16.00 -6.60 -10.72
C ARG A 79 17.41 -6.07 -10.87
N LYS A 80 18.37 -6.92 -10.59
CA LYS A 80 19.77 -6.56 -10.73
C LYS A 80 20.39 -7.23 -11.95
N PRO A 81 20.49 -6.51 -13.07
CA PRO A 81 21.15 -7.00 -14.28
C PRO A 81 22.65 -7.18 -14.07
N GLN A 82 23.05 -8.40 -13.78
CA GLN A 82 24.45 -8.69 -13.49
C GLN A 82 25.25 -8.84 -14.77
N ALA A 83 25.31 -7.74 -15.53
CA ALA A 83 26.05 -7.71 -16.77
C ALA A 83 27.01 -6.52 -16.76
N LYS B 1 -3.68 12.56 4.46
CA LYS B 1 -2.85 11.42 4.89
C LYS B 1 -2.65 10.44 3.74
N TRP B 2 -1.61 10.71 2.94
CA TRP B 2 -1.31 9.91 1.75
C TRP B 2 -2.48 9.98 0.76
N THR B 3 -3.11 11.14 0.72
CA THR B 3 -4.26 11.37 -0.12
C THR B 3 -3.85 11.56 -1.59
N LEU B 4 -4.80 12.05 -2.39
CA LEU B 4 -4.63 12.20 -3.83
C LEU B 4 -3.27 12.78 -4.21
N GLU B 5 -2.77 13.71 -3.41
CA GLU B 5 -1.51 14.38 -3.68
C GLU B 5 -0.39 13.35 -3.91
N ARG B 6 0.05 12.71 -2.83
CA ARG B 6 1.18 11.79 -2.90
C ARG B 6 0.83 10.57 -3.75
N LEU B 7 -0.23 9.86 -3.37
CA LEU B 7 -0.58 8.61 -4.02
C LEU B 7 -1.03 8.83 -5.46
N LYS B 8 -2.15 9.52 -5.62
CA LYS B 8 -2.84 9.58 -6.91
C LYS B 8 -1.98 10.30 -7.96
N ARG B 9 -1.22 11.31 -7.54
CA ARG B 9 -0.41 12.07 -8.47
C ARG B 9 0.85 11.29 -8.87
N LYS B 10 1.35 10.44 -7.97
CA LYS B 10 2.55 9.65 -8.27
C LYS B 10 2.19 8.33 -8.92
N TYR B 11 0.99 7.85 -8.61
CA TYR B 11 0.49 6.58 -9.14
C TYR B 11 0.24 6.67 -10.64
N ARG B 12 -0.56 7.64 -11.04
CA ARG B 12 -1.00 7.74 -12.43
C ARG B 12 -0.04 8.57 -13.27
N ASN B 13 0.55 9.60 -12.68
CA ASN B 13 1.40 10.51 -13.44
C ASN B 13 2.85 10.10 -13.35
N SER A 1 -0.55 -20.25 11.86
CA SER A 1 -1.71 -19.35 11.64
C SER A 1 -1.81 -18.31 12.77
N GLU A 2 -0.76 -18.18 13.57
CA GLU A 2 -0.78 -17.27 14.70
C GLU A 2 -0.30 -15.87 14.33
N GLU A 3 0.25 -15.71 13.13
CA GLU A 3 0.84 -14.44 12.72
C GLU A 3 -0.21 -13.35 12.55
N GLU A 4 -1.35 -13.72 11.98
CA GLU A 4 -2.42 -12.76 11.73
C GLU A 4 -3.01 -12.24 13.04
N ASP A 5 -2.89 -13.03 14.09
CA ASP A 5 -3.38 -12.62 15.40
C ASP A 5 -2.23 -12.11 16.27
N LYS A 6 -1.04 -12.05 15.70
CA LYS A 6 0.14 -11.57 16.41
C LYS A 6 0.57 -10.23 15.84
N CYS A 7 -0.26 -9.67 14.98
CA CYS A 7 0.09 -8.48 14.21
C CYS A 7 0.34 -7.28 15.09
N LYS A 8 1.41 -6.55 14.79
CA LYS A 8 1.73 -5.33 15.49
C LYS A 8 1.31 -4.11 14.67
N PRO A 9 0.76 -3.10 15.35
CA PRO A 9 0.28 -1.86 14.71
C PRO A 9 1.40 -1.07 14.04
N MET A 10 1.11 -0.59 12.85
CA MET A 10 2.10 0.14 12.08
C MET A 10 2.23 1.57 12.59
N SER A 11 3.44 1.94 12.99
CA SER A 11 3.69 3.26 13.58
C SER A 11 3.72 4.33 12.51
N TYR A 12 3.72 5.60 12.92
CA TYR A 12 3.70 6.71 11.97
C TYR A 12 4.86 6.63 10.98
N GLU A 13 6.07 6.61 11.50
CA GLU A 13 7.26 6.61 10.66
C GLU A 13 7.32 5.36 9.77
N GLU A 14 6.59 4.33 10.17
CA GLU A 14 6.51 3.12 9.39
C GLU A 14 5.45 3.28 8.31
N LYS A 15 4.29 3.81 8.70
CA LYS A 15 3.24 4.16 7.78
C LYS A 15 3.73 5.09 6.69
N ARG A 16 4.38 6.19 7.10
CA ARG A 16 4.90 7.17 6.16
C ARG A 16 5.91 6.52 5.23
N GLN A 17 6.76 5.66 5.76
CA GLN A 17 7.72 5.00 4.91
C GLN A 17 6.98 4.03 3.99
N LEU A 18 5.93 3.39 4.51
CA LEU A 18 5.13 2.44 3.75
C LEU A 18 4.52 3.10 2.53
N SER A 19 3.90 4.26 2.74
CA SER A 19 3.31 5.00 1.64
C SER A 19 4.39 5.35 0.62
N LEU A 20 5.61 5.52 1.11
CA LEU A 20 6.77 5.77 0.25
C LEU A 20 7.24 4.51 -0.47
N ASP A 21 7.46 3.41 0.27
CA ASP A 21 7.85 2.15 -0.33
C ASP A 21 6.84 1.73 -1.39
N ILE A 22 5.57 1.97 -1.08
CA ILE A 22 4.48 1.67 -2.00
C ILE A 22 4.52 2.58 -3.22
N ASN A 23 4.89 3.84 -3.03
CA ASN A 23 4.93 4.79 -4.14
C ASN A 23 6.19 4.61 -4.99
N LYS A 24 7.16 3.88 -4.45
CA LYS A 24 8.35 3.51 -5.22
C LYS A 24 7.98 2.54 -6.33
N LEU A 25 6.98 1.72 -6.08
CA LEU A 25 6.51 0.75 -7.04
C LEU A 25 6.09 1.43 -8.33
N PRO A 26 6.34 0.77 -9.46
CA PRO A 26 5.78 1.18 -10.74
C PRO A 26 4.26 1.17 -10.71
N GLY A 27 3.63 1.92 -11.61
CA GLY A 27 2.18 2.12 -11.56
C GLY A 27 1.39 0.83 -11.41
N GLU A 28 1.78 -0.19 -12.16
CA GLU A 28 1.14 -1.50 -12.12
C GLU A 28 1.13 -2.06 -10.70
N LYS A 29 2.23 -1.89 -10.00
CA LYS A 29 2.43 -2.52 -8.72
C LYS A 29 1.63 -1.85 -7.61
N LEU A 30 1.32 -0.57 -7.75
CA LEU A 30 0.41 0.06 -6.79
C LEU A 30 -1.01 -0.46 -7.02
N GLY A 31 -1.22 -1.14 -8.14
CA GLY A 31 -2.51 -1.76 -8.40
C GLY A 31 -2.76 -2.93 -7.48
N ARG A 32 -1.70 -3.40 -6.84
CA ARG A 32 -1.81 -4.45 -5.85
C ARG A 32 -2.16 -3.91 -4.46
N VAL A 33 -1.49 -2.85 -4.02
CA VAL A 33 -1.82 -2.25 -2.73
C VAL A 33 -3.24 -1.73 -2.72
N VAL A 34 -3.70 -1.16 -3.83
CA VAL A 34 -5.09 -0.77 -3.92
C VAL A 34 -5.97 -2.01 -3.81
N HIS A 35 -5.52 -3.11 -4.42
CA HIS A 35 -6.20 -4.40 -4.31
C HIS A 35 -6.28 -4.83 -2.86
N ILE A 36 -5.12 -4.88 -2.21
CA ILE A 36 -5.05 -5.28 -0.81
C ILE A 36 -5.91 -4.36 0.04
N ILE A 37 -5.58 -3.08 0.04
CA ILE A 37 -6.33 -2.10 0.83
C ILE A 37 -7.83 -2.20 0.56
N GLN A 38 -8.24 -2.12 -0.70
CA GLN A 38 -9.67 -2.09 -1.05
C GLN A 38 -10.39 -3.37 -0.61
N SER A 39 -9.72 -4.51 -0.70
CA SER A 39 -10.30 -5.76 -0.27
C SER A 39 -10.36 -5.85 1.26
N ARG A 40 -9.30 -5.41 1.91
CA ARG A 40 -9.20 -5.45 3.36
C ARG A 40 -10.05 -4.35 3.98
N GLU A 41 -10.17 -3.25 3.26
CA GLU A 41 -10.95 -2.10 3.69
C GLU A 41 -12.11 -1.89 2.72
N PRO A 42 -13.21 -2.63 2.90
CA PRO A 42 -14.38 -2.54 2.01
C PRO A 42 -15.03 -1.15 1.99
N SER A 43 -14.44 -0.21 2.72
CA SER A 43 -14.99 1.12 2.84
C SER A 43 -14.39 2.07 1.78
N LEU A 44 -13.44 1.58 0.99
CA LEU A 44 -12.84 2.44 -0.03
C LEU A 44 -12.77 1.76 -1.39
N LYS A 45 -13.71 0.86 -1.66
CA LYS A 45 -13.78 0.21 -2.97
C LYS A 45 -14.61 1.02 -3.94
N ASN A 46 -15.03 2.20 -3.51
CA ASN A 46 -15.70 3.14 -4.41
C ASN A 46 -14.67 3.80 -5.32
N SER A 47 -13.42 3.79 -4.89
CA SER A 47 -12.33 4.38 -5.66
C SER A 47 -11.93 3.47 -6.81
N ASN A 48 -11.67 4.07 -7.96
CA ASN A 48 -11.21 3.33 -9.12
C ASN A 48 -9.70 3.21 -9.06
N PRO A 49 -9.12 2.02 -9.28
CA PRO A 49 -7.67 1.79 -9.03
C PRO A 49 -6.76 2.84 -9.65
N ASP A 50 -7.07 3.29 -10.86
CA ASP A 50 -6.21 4.22 -11.58
C ASP A 50 -6.37 5.64 -11.07
N GLU A 51 -7.46 5.87 -10.35
CA GLU A 51 -7.73 7.16 -9.73
C GLU A 51 -7.90 6.97 -8.24
N ILE A 52 -7.22 5.96 -7.73
CA ILE A 52 -7.33 5.56 -6.33
C ILE A 52 -6.86 6.66 -5.39
N GLU A 53 -7.43 6.66 -4.19
CA GLU A 53 -6.88 7.38 -3.08
C GLU A 53 -7.01 6.51 -1.83
N ILE A 54 -5.89 6.22 -1.19
CA ILE A 54 -5.86 5.30 -0.05
C ILE A 54 -5.54 6.07 1.21
N ASP A 55 -6.33 5.87 2.25
CA ASP A 55 -6.11 6.55 3.50
C ASP A 55 -5.41 5.62 4.48
N PHE A 56 -4.11 5.86 4.67
CA PHE A 56 -3.29 5.01 5.53
C PHE A 56 -3.75 5.07 6.99
N GLU A 57 -4.57 6.05 7.28
CA GLU A 57 -5.05 6.26 8.64
C GLU A 57 -6.36 5.52 8.90
N THR A 58 -6.91 4.94 7.86
CA THR A 58 -8.16 4.20 8.00
C THR A 58 -7.90 2.72 7.86
N LEU A 59 -6.76 2.37 7.29
CA LEU A 59 -6.40 0.98 7.10
C LEU A 59 -6.17 0.29 8.43
N LYS A 60 -6.71 -0.90 8.56
CA LYS A 60 -6.50 -1.69 9.75
C LYS A 60 -5.10 -2.30 9.71
N PRO A 61 -4.43 -2.47 10.88
CA PRO A 61 -3.07 -3.00 10.99
C PRO A 61 -2.72 -4.06 9.95
N SER A 62 -3.56 -5.10 9.84
CA SER A 62 -3.30 -6.21 8.93
C SER A 62 -3.03 -5.74 7.51
N THR A 63 -3.82 -4.78 7.04
CA THR A 63 -3.66 -4.25 5.69
C THR A 63 -2.32 -3.57 5.56
N LEU A 64 -2.04 -2.66 6.49
CA LEU A 64 -0.78 -1.91 6.49
C LEU A 64 0.41 -2.84 6.52
N ARG A 65 0.26 -3.95 7.21
CA ARG A 65 1.34 -4.91 7.34
C ARG A 65 1.45 -5.79 6.09
N GLU A 66 0.33 -5.94 5.38
CA GLU A 66 0.33 -6.68 4.12
C GLU A 66 0.93 -5.83 3.03
N LEU A 67 0.54 -4.56 3.02
CA LEU A 67 1.07 -3.60 2.07
C LEU A 67 2.60 -3.60 2.16
N GLU A 68 3.09 -3.67 3.40
CA GLU A 68 4.51 -3.67 3.69
C GLU A 68 5.23 -4.89 3.10
N ARG A 69 4.85 -6.08 3.60
CA ARG A 69 5.43 -7.37 3.15
C ARG A 69 5.37 -7.48 1.64
N TYR A 70 4.43 -6.78 1.08
CA TYR A 70 4.23 -6.83 -0.34
C TYR A 70 5.27 -5.99 -1.08
N VAL A 71 5.33 -4.70 -0.80
CA VAL A 71 6.24 -3.83 -1.53
C VAL A 71 7.67 -4.18 -1.22
N THR A 72 7.93 -4.58 0.01
CA THR A 72 9.26 -4.98 0.40
C THR A 72 9.68 -6.20 -0.43
N SER A 73 8.69 -6.97 -0.91
CA SER A 73 8.99 -8.12 -1.75
C SER A 73 9.42 -7.65 -3.14
N CYS A 74 8.85 -6.53 -3.58
CA CYS A 74 9.13 -5.97 -4.90
C CYS A 74 10.41 -5.14 -4.86
N LEU A 75 10.56 -4.39 -3.79
CA LEU A 75 11.68 -3.47 -3.63
C LEU A 75 12.98 -4.18 -3.24
N ARG A 76 12.92 -5.05 -2.22
CA ARG A 76 14.11 -5.76 -1.77
C ARG A 76 14.70 -6.61 -2.89
N LYS A 77 13.84 -7.38 -3.54
CA LYS A 77 14.25 -8.24 -4.64
C LYS A 77 13.50 -7.86 -5.90
N LYS A 78 14.12 -7.04 -6.74
CA LYS A 78 13.50 -6.56 -7.95
C LYS A 78 13.63 -7.60 -9.06
N ARG A 79 12.89 -7.39 -10.14
CA ARG A 79 13.02 -8.22 -11.33
C ARG A 79 13.04 -7.34 -12.56
N LYS A 80 14.25 -7.02 -13.02
CA LYS A 80 14.42 -6.24 -14.23
C LYS A 80 14.41 -7.16 -15.45
N PRO A 81 13.27 -7.20 -16.19
CA PRO A 81 13.11 -8.07 -17.35
C PRO A 81 14.16 -7.84 -18.42
N GLN A 82 15.04 -8.81 -18.60
CA GLN A 82 16.07 -8.72 -19.62
C GLN A 82 15.75 -9.62 -20.79
N ALA A 83 15.04 -9.07 -21.76
CA ALA A 83 14.67 -9.80 -22.96
C ALA A 83 14.43 -8.82 -24.11
N LYS B 1 -0.62 12.78 5.60
CA LYS B 1 0.29 11.62 5.46
C LYS B 1 0.27 11.06 4.05
N TRP B 2 -0.91 10.66 3.59
CA TRP B 2 -1.05 10.00 2.31
C TRP B 2 -2.47 10.18 1.79
N THR B 3 -2.82 11.42 1.48
CA THR B 3 -4.15 11.72 0.97
C THR B 3 -4.08 12.10 -0.52
N LEU B 4 -5.19 12.63 -1.04
CA LEU B 4 -5.37 12.92 -2.48
C LEU B 4 -4.09 13.26 -3.23
N GLU B 5 -3.43 14.34 -2.82
CA GLU B 5 -2.24 14.81 -3.52
C GLU B 5 -1.16 13.74 -3.59
N ARG B 6 -0.96 13.02 -2.49
CA ARG B 6 0.17 12.11 -2.37
C ARG B 6 0.00 10.91 -3.28
N LEU B 7 -1.08 10.16 -3.10
CA LEU B 7 -1.27 8.94 -3.86
C LEU B 7 -1.53 9.24 -5.33
N LYS B 8 -2.49 10.11 -5.59
CA LYS B 8 -2.91 10.36 -6.97
C LYS B 8 -1.75 10.85 -7.82
N ARG B 9 -0.90 11.71 -7.26
CA ARG B 9 0.20 12.30 -8.00
C ARG B 9 1.35 11.31 -8.20
N LYS B 10 1.52 10.38 -7.27
CA LYS B 10 2.60 9.39 -7.37
C LYS B 10 2.14 8.14 -8.11
N TYR B 11 0.83 7.95 -8.18
CA TYR B 11 0.26 6.75 -8.78
C TYR B 11 -0.12 6.98 -10.23
N ARG B 12 -0.91 8.02 -10.48
CA ARG B 12 -1.48 8.25 -11.80
C ARG B 12 -0.45 8.83 -12.76
N ASN B 13 0.60 9.43 -12.21
CA ASN B 13 1.67 9.97 -13.02
C ASN B 13 2.70 8.89 -13.29
#